data_3T9N
#
_entry.id   3T9N
#
_cell.length_a   95.029
_cell.length_b   138.627
_cell.length_c   214.580
_cell.angle_alpha   90.00
_cell.angle_beta   90.00
_cell.angle_gamma   90.00
#
_symmetry.space_group_name_H-M   'P 21 21 21'
#
loop_
_entity.id
_entity.type
_entity.pdbx_description
1 polymer 'Small-conductance mechanosensitive channel'
2 non-polymer DODECYL-BETA-D-MALTOSIDE
#
_entity_poly.entity_id   1
_entity_poly.type   'polypeptide(L)'
_entity_poly.pdbx_seq_one_letter_code
;MWADIYHKLVEIYDIKAVKFLLDVLKILIIAFIGIKFADFLIYRFYKLYSKSKIQLPQRKIDTLTSLTKNAVRYIIYFLA
GASILKLFNIDMTSLLAVAGIGSLAIGFGAQNLVKDMISGFFIIFEDQFSVGDYVTINGISGTVEEIGLRVTKIRGFSDG
LHIIPNGEIKMVTNLTKDSMMAVVNIAFPIDEDVDKIIEGLQEICEEVKKSRDDLIEGPTVLGITDMQDSKLVIMVYAKT
QPMQKWAVERDIRYRVKKMFDQKNISFPYPRTTVILSEKKTN
;
_entity_poly.pdbx_strand_id   A,B,C,D,E,F,G
#
loop_
_chem_comp.id
_chem_comp.type
_chem_comp.name
_chem_comp.formula
LMT D-saccharide DODECYL-BETA-D-MALTOSIDE 'C24 H46 O11'
#
# COMPACT_ATOMS: atom_id res chain seq x y z
N TYR A 13 -47.68 23.96 -40.97
CA TYR A 13 -47.52 24.56 -39.65
C TYR A 13 -47.83 23.59 -38.51
N ASP A 14 -48.48 22.47 -38.86
CA ASP A 14 -48.71 21.35 -37.92
C ASP A 14 -49.62 21.65 -36.72
N ILE A 15 -49.74 20.67 -35.84
CA ILE A 15 -50.64 20.74 -34.68
C ILE A 15 -49.90 20.66 -33.34
N LYS A 16 -48.71 20.08 -33.35
CA LYS A 16 -47.93 19.90 -32.14
C LYS A 16 -47.35 21.21 -31.58
N ALA A 17 -46.95 22.10 -32.49
CA ALA A 17 -46.27 23.35 -32.13
C ALA A 17 -46.85 24.05 -30.90
N VAL A 18 -48.05 23.67 -30.51
CA VAL A 18 -48.64 24.21 -29.30
C VAL A 18 -48.27 23.30 -28.13
N LYS A 19 -48.36 21.99 -28.34
CA LYS A 19 -47.98 21.01 -27.34
C LYS A 19 -46.51 21.17 -26.94
N PHE A 20 -45.65 21.23 -27.94
CA PHE A 20 -44.25 21.52 -27.73
C PHE A 20 -44.12 22.69 -26.74
N LEU A 21 -44.77 23.80 -27.09
CA LEU A 21 -44.76 24.96 -26.22
C LEU A 21 -45.21 24.59 -24.81
N LEU A 22 -46.22 23.75 -24.70
CA LEU A 22 -46.69 23.31 -23.39
C LEU A 22 -45.60 22.57 -22.65
N ASP A 23 -44.68 21.96 -23.41
CA ASP A 23 -43.64 21.16 -22.81
C ASP A 23 -42.47 21.99 -22.30
N VAL A 24 -41.91 22.81 -23.17
CA VAL A 24 -40.90 23.75 -22.70
C VAL A 24 -41.47 24.61 -21.56
N LEU A 25 -42.77 24.89 -21.65
CA LEU A 25 -43.47 25.63 -20.62
C LEU A 25 -43.43 24.84 -19.30
N LYS A 26 -43.94 23.61 -19.34
CA LYS A 26 -43.93 22.73 -18.17
C LYS A 26 -42.58 22.70 -17.48
N ILE A 27 -41.52 22.54 -18.26
CA ILE A 27 -40.20 22.57 -17.66
C ILE A 27 -39.97 23.90 -16.99
N LEU A 28 -40.12 25.00 -17.71
CA LEU A 28 -39.85 26.29 -17.09
C LEU A 28 -40.63 26.52 -15.79
N ILE A 29 -41.92 26.24 -15.80
CA ILE A 29 -42.71 26.51 -14.61
C ILE A 29 -42.30 25.59 -13.45
N ILE A 30 -42.04 24.32 -13.76
CA ILE A 30 -41.61 23.42 -12.68
C ILE A 30 -40.26 23.88 -12.11
N ALA A 31 -39.36 24.37 -12.97
CA ALA A 31 -38.03 24.79 -12.53
C ALA A 31 -38.14 26.05 -11.72
N PHE A 32 -39.11 26.87 -12.06
CA PHE A 32 -39.30 28.11 -11.35
C PHE A 32 -39.86 27.80 -9.96
N ILE A 33 -40.96 27.05 -9.91
CA ILE A 33 -41.50 26.56 -8.64
C ILE A 33 -40.41 25.92 -7.79
N GLY A 34 -39.59 25.09 -8.43
CA GLY A 34 -38.47 24.45 -7.76
C GLY A 34 -37.51 25.45 -7.15
N ILE A 35 -37.04 26.42 -7.93
CA ILE A 35 -36.16 27.42 -7.39
C ILE A 35 -36.80 28.10 -6.19
N LYS A 36 -37.96 28.69 -6.38
CA LYS A 36 -38.57 29.42 -5.28
C LYS A 36 -38.76 28.54 -4.02
N PHE A 37 -39.21 27.31 -4.20
CA PHE A 37 -39.40 26.35 -3.11
C PHE A 37 -38.09 26.01 -2.37
N ALA A 38 -37.00 25.89 -3.13
CA ALA A 38 -35.71 25.60 -2.55
C ALA A 38 -35.21 26.80 -1.76
N ASP A 39 -35.42 27.99 -2.31
CA ASP A 39 -34.99 29.21 -1.65
C ASP A 39 -35.71 29.32 -0.33
N PHE A 40 -36.99 28.93 -0.35
CA PHE A 40 -37.79 28.90 0.87
C PHE A 40 -37.20 27.92 1.88
N LEU A 41 -37.18 26.64 1.55
CA LEU A 41 -36.69 25.63 2.46
C LEU A 41 -35.30 25.98 3.01
N ILE A 42 -34.51 26.68 2.19
CA ILE A 42 -33.13 27.00 2.55
C ILE A 42 -33.11 28.15 3.51
N TYR A 43 -33.99 29.11 3.24
CA TYR A 43 -34.24 30.22 4.16
C TYR A 43 -34.91 29.77 5.50
N ARG A 44 -35.46 28.56 5.53
CA ARG A 44 -36.03 28.03 6.77
C ARG A 44 -34.97 27.22 7.56
N PHE A 45 -34.37 26.22 6.91
CA PHE A 45 -33.22 25.51 7.48
C PHE A 45 -32.17 26.56 7.88
N TYR A 46 -32.37 27.79 7.40
CA TYR A 46 -31.55 28.94 7.77
C TYR A 46 -32.11 29.57 9.01
N LYS A 47 -33.36 30.03 8.93
CA LYS A 47 -34.09 30.62 10.07
C LYS A 47 -33.78 29.88 11.39
N LEU A 48 -33.94 28.56 11.39
CA LEU A 48 -33.69 27.75 12.59
C LEU A 48 -32.25 27.86 13.10
N TYR A 49 -31.33 27.15 12.44
CA TYR A 49 -29.93 27.10 12.89
C TYR A 49 -29.33 28.51 13.07
N SER A 50 -30.04 29.53 12.61
CA SER A 50 -29.52 30.91 12.67
C SER A 50 -30.03 31.72 13.86
N LYS A 51 -31.35 31.70 14.10
CA LYS A 51 -31.95 32.52 15.16
C LYS A 51 -31.70 32.02 16.58
N SER A 52 -31.38 30.74 16.73
CA SER A 52 -31.10 30.18 18.05
C SER A 52 -29.63 30.38 18.48
N LYS A 53 -28.76 30.54 17.49
CA LYS A 53 -27.33 30.73 17.74
C LYS A 53 -26.78 29.68 18.67
N ILE A 54 -27.04 28.43 18.33
CA ILE A 54 -26.63 27.31 19.13
C ILE A 54 -25.13 27.03 18.98
N GLN A 55 -24.66 27.05 17.75
CA GLN A 55 -23.26 26.81 17.48
C GLN A 55 -22.92 27.54 16.18
N LEU A 56 -21.64 27.53 15.83
CA LEU A 56 -21.19 28.03 14.53
C LEU A 56 -21.30 29.56 14.37
N PRO A 57 -20.16 30.26 14.39
CA PRO A 57 -20.16 31.70 14.14
C PRO A 57 -20.93 31.99 12.85
N GLN A 58 -21.49 33.18 12.71
CA GLN A 58 -22.24 33.51 11.50
C GLN A 58 -21.37 33.47 10.24
N ARG A 59 -20.24 34.16 10.27
CA ARG A 59 -19.33 34.21 9.12
C ARG A 59 -19.24 32.88 8.36
N LYS A 60 -19.31 31.77 9.10
CA LYS A 60 -19.23 30.43 8.50
C LYS A 60 -20.56 29.94 7.94
N ILE A 61 -21.58 29.85 8.78
CA ILE A 61 -22.92 29.44 8.36
C ILE A 61 -23.53 30.28 7.21
N ASP A 62 -23.05 31.51 7.02
CA ASP A 62 -23.39 32.30 5.82
C ASP A 62 -22.76 31.69 4.57
N THR A 63 -21.45 31.40 4.65
CA THR A 63 -20.72 30.74 3.58
C THR A 63 -21.35 29.39 3.25
N LEU A 64 -21.79 28.68 4.28
CA LEU A 64 -22.43 27.40 4.13
C LEU A 64 -23.83 27.52 3.50
N THR A 65 -24.57 28.56 3.90
CA THR A 65 -25.87 28.83 3.30
C THR A 65 -25.74 29.13 1.81
N SER A 66 -24.83 30.02 1.43
CA SER A 66 -24.66 30.31 0.01
C SER A 66 -24.11 29.08 -0.75
N LEU A 67 -23.39 28.23 -0.02
CA LEU A 67 -22.99 26.94 -0.57
C LEU A 67 -24.21 26.13 -1.02
N THR A 68 -25.14 25.86 -0.10
CA THR A 68 -26.38 25.14 -0.46
C THR A 68 -27.25 25.83 -1.53
N LYS A 69 -27.34 27.16 -1.45
CA LYS A 69 -28.04 27.93 -2.47
C LYS A 69 -27.46 27.62 -3.82
N ASN A 70 -26.17 27.95 -3.99
CA ASN A 70 -25.44 27.68 -5.24
C ASN A 70 -25.53 26.24 -5.78
N ALA A 71 -25.31 25.26 -4.90
CA ALA A 71 -25.52 23.85 -5.27
C ALA A 71 -26.88 23.63 -5.95
N VAL A 72 -27.95 24.03 -5.24
CA VAL A 72 -29.32 23.81 -5.71
C VAL A 72 -29.66 24.58 -7.00
N ARG A 73 -29.20 25.83 -7.12
CA ARG A 73 -29.30 26.56 -8.39
C ARG A 73 -28.63 25.76 -9.51
N TYR A 74 -27.36 25.34 -9.35
CA TYR A 74 -26.66 24.60 -10.40
C TYR A 74 -27.41 23.31 -10.74
N ILE A 75 -27.90 22.60 -9.75
CA ILE A 75 -28.62 21.39 -10.05
C ILE A 75 -29.88 21.68 -10.84
N ILE A 76 -30.58 22.74 -10.46
CA ILE A 76 -31.84 23.04 -11.14
C ILE A 76 -31.59 23.52 -12.57
N TYR A 77 -30.64 24.44 -12.75
CA TYR A 77 -30.23 24.89 -14.09
C TYR A 77 -29.84 23.68 -14.94
N PHE A 78 -29.04 22.77 -14.40
CA PHE A 78 -28.69 21.60 -15.19
C PHE A 78 -29.89 20.72 -15.53
N LEU A 79 -30.74 20.41 -14.57
CA LEU A 79 -31.90 19.60 -14.91
C LEU A 79 -32.83 20.26 -15.97
N ALA A 80 -33.12 21.54 -15.81
CA ALA A 80 -34.01 22.23 -16.75
C ALA A 80 -33.42 22.31 -18.14
N GLY A 81 -32.15 22.71 -18.17
CA GLY A 81 -31.44 22.80 -19.42
C GLY A 81 -31.41 21.45 -20.12
N ALA A 82 -31.01 20.41 -19.38
CA ALA A 82 -30.90 19.08 -19.97
C ALA A 82 -32.24 18.67 -20.56
N SER A 83 -33.33 19.02 -19.87
CA SER A 83 -34.70 18.61 -20.27
C SER A 83 -35.21 19.32 -21.53
N ILE A 84 -34.92 20.62 -21.62
CA ILE A 84 -35.13 21.40 -22.85
C ILE A 84 -34.29 20.87 -24.05
N LEU A 85 -33.01 20.64 -23.81
CA LEU A 85 -32.19 19.97 -24.78
C LEU A 85 -32.84 18.69 -25.26
N LYS A 86 -33.32 17.87 -24.34
CA LYS A 86 -33.99 16.64 -24.73
C LYS A 86 -35.10 17.01 -25.69
N LEU A 87 -35.84 18.07 -25.38
CA LEU A 87 -36.93 18.58 -26.23
C LEU A 87 -36.51 18.96 -27.65
N PHE A 88 -35.27 19.39 -27.82
CA PHE A 88 -34.74 19.66 -29.17
C PHE A 88 -33.96 18.51 -29.79
N ASN A 89 -34.31 17.28 -29.41
CA ASN A 89 -33.81 16.09 -30.07
C ASN A 89 -32.39 15.71 -29.69
N ILE A 90 -31.92 16.26 -28.56
CA ILE A 90 -30.59 15.95 -28.04
C ILE A 90 -30.62 14.62 -27.29
N ASP A 91 -29.68 13.74 -27.58
CA ASP A 91 -29.72 12.41 -26.98
C ASP A 91 -29.22 12.43 -25.54
N MET A 92 -30.06 11.95 -24.63
CA MET A 92 -29.76 11.94 -23.20
C MET A 92 -28.70 10.92 -22.71
N THR A 93 -28.47 9.84 -23.46
CA THR A 93 -27.37 8.95 -23.11
C THR A 93 -26.03 9.61 -23.37
N SER A 94 -25.92 10.35 -24.47
CA SER A 94 -24.68 11.07 -24.79
C SER A 94 -24.44 12.17 -23.76
N LEU A 95 -25.52 12.86 -23.41
CA LEU A 95 -25.53 13.84 -22.33
C LEU A 95 -25.01 13.20 -21.04
N LEU A 96 -25.59 12.05 -20.69
CA LEU A 96 -25.12 11.27 -19.55
C LEU A 96 -23.62 11.00 -19.62
N ALA A 97 -23.10 10.64 -20.80
CA ALA A 97 -21.66 10.39 -20.97
C ALA A 97 -20.82 11.64 -20.75
N VAL A 98 -21.40 12.82 -21.00
CA VAL A 98 -20.76 14.08 -20.55
C VAL A 98 -20.91 14.36 -19.03
N ALA A 99 -22.14 14.53 -18.56
CA ALA A 99 -22.45 14.88 -17.18
C ALA A 99 -21.94 13.90 -16.12
N GLY A 100 -21.86 12.64 -16.48
CA GLY A 100 -21.33 11.63 -15.58
C GLY A 100 -19.83 11.77 -15.33
N ILE A 101 -19.13 12.56 -16.12
CA ILE A 101 -17.76 12.82 -15.76
C ILE A 101 -17.80 13.41 -14.36
N GLY A 102 -18.76 14.32 -14.16
CA GLY A 102 -18.96 14.97 -12.88
C GLY A 102 -19.66 14.08 -11.87
N SER A 103 -20.61 13.26 -12.33
CA SER A 103 -21.22 12.29 -11.41
C SER A 103 -20.16 11.47 -10.73
N LEU A 104 -19.25 10.92 -11.54
CA LEU A 104 -18.13 10.09 -11.10
C LEU A 104 -17.08 10.80 -10.27
N ALA A 105 -16.61 11.94 -10.76
CA ALA A 105 -15.67 12.77 -9.99
C ALA A 105 -16.18 13.20 -8.61
N ILE A 106 -17.34 13.85 -8.55
CA ILE A 106 -17.94 14.21 -7.26
C ILE A 106 -18.27 12.98 -6.44
N GLY A 107 -18.96 12.02 -7.02
CA GLY A 107 -19.40 10.84 -6.29
C GLY A 107 -18.28 10.09 -5.61
N PHE A 108 -17.25 9.74 -6.37
CA PHE A 108 -16.11 9.11 -5.76
C PHE A 108 -15.27 10.02 -4.86
N GLY A 109 -15.22 11.33 -5.12
CA GLY A 109 -14.52 12.23 -4.20
C GLY A 109 -15.17 12.27 -2.82
N ALA A 110 -16.50 12.41 -2.83
CA ALA A 110 -17.33 12.50 -1.63
C ALA A 110 -17.39 11.20 -0.86
N GLN A 111 -17.08 10.10 -1.53
CA GLN A 111 -17.10 8.83 -0.82
C GLN A 111 -16.37 8.88 0.53
N ASN A 112 -15.17 9.46 0.52
CA ASN A 112 -14.42 9.59 1.77
C ASN A 112 -15.11 10.34 2.94
N LEU A 113 -15.62 11.53 2.67
CA LEU A 113 -16.54 12.19 3.58
C LEU A 113 -17.63 11.26 4.17
N VAL A 114 -18.42 10.58 3.33
CA VAL A 114 -19.40 9.59 3.84
C VAL A 114 -18.76 8.54 4.76
N LYS A 115 -17.55 8.10 4.40
CA LYS A 115 -16.80 7.15 5.23
C LYS A 115 -16.53 7.68 6.64
N ASP A 116 -15.90 8.87 6.68
CA ASP A 116 -15.60 9.55 7.93
C ASP A 116 -16.84 9.56 8.76
N MET A 117 -17.93 10.03 8.18
CA MET A 117 -19.17 10.14 8.95
C MET A 117 -19.73 8.82 9.51
N ILE A 118 -19.82 7.77 8.70
CA ILE A 118 -20.30 6.49 9.24
C ILE A 118 -19.36 6.04 10.37
N SER A 119 -18.07 6.15 10.14
CA SER A 119 -17.08 5.88 11.17
C SER A 119 -17.34 6.60 12.50
N GLY A 120 -17.47 7.93 12.44
CA GLY A 120 -17.75 8.75 13.60
C GLY A 120 -19.03 8.29 14.25
N PHE A 121 -20.08 8.13 13.46
CA PHE A 121 -21.33 7.60 13.95
C PHE A 121 -21.16 6.37 14.83
N PHE A 122 -20.36 5.40 14.40
CA PHE A 122 -20.15 4.25 15.30
C PHE A 122 -19.30 4.59 16.51
N ILE A 123 -18.22 5.34 16.31
CA ILE A 123 -17.36 5.70 17.44
C ILE A 123 -18.22 6.23 18.57
N ILE A 124 -19.14 7.11 18.23
CA ILE A 124 -20.03 7.73 19.20
C ILE A 124 -21.08 6.75 19.69
N PHE A 125 -21.84 6.20 18.76
CA PHE A 125 -22.96 5.34 19.09
C PHE A 125 -22.53 4.13 19.93
N GLU A 126 -21.27 3.72 19.81
CA GLU A 126 -20.75 2.57 20.57
C GLU A 126 -19.90 2.97 21.77
N ASP A 127 -19.96 4.24 22.15
CA ASP A 127 -19.07 4.80 23.17
C ASP A 127 -17.67 4.18 23.21
N GLN A 128 -17.00 4.17 22.06
CA GLN A 128 -15.67 3.60 21.95
C GLN A 128 -14.71 4.34 22.87
N PHE A 129 -14.89 5.65 22.96
CA PHE A 129 -14.15 6.48 23.93
C PHE A 129 -14.89 7.78 24.25
N SER A 130 -14.96 8.09 25.53
CA SER A 130 -15.67 9.28 25.99
C SER A 130 -14.82 10.55 25.86
N VAL A 131 -15.48 11.69 25.76
CA VAL A 131 -14.81 12.99 25.54
C VAL A 131 -13.72 13.35 26.57
N GLY A 132 -13.02 12.36 27.12
CA GLY A 132 -12.05 12.66 28.15
C GLY A 132 -10.95 11.64 28.41
N ASP A 133 -11.10 10.39 27.97
CA ASP A 133 -10.07 9.38 28.26
C ASP A 133 -8.81 9.44 27.37
N TYR A 134 -7.79 8.68 27.76
CA TYR A 134 -6.52 8.68 27.04
C TYR A 134 -6.42 7.45 26.15
N VAL A 135 -6.42 7.68 24.84
CA VAL A 135 -6.48 6.59 23.90
C VAL A 135 -5.25 6.57 23.02
N THR A 136 -5.15 5.52 22.20
CA THR A 136 -4.19 5.53 21.12
C THR A 136 -4.83 5.00 19.84
N ILE A 137 -4.69 5.81 18.80
CA ILE A 137 -5.38 5.65 17.54
C ILE A 137 -4.34 5.75 16.43
N ASN A 138 -4.10 4.65 15.72
CA ASN A 138 -3.14 4.68 14.64
C ASN A 138 -1.74 5.11 15.09
N GLY A 139 -1.17 4.39 16.07
CA GLY A 139 0.18 4.64 16.54
C GLY A 139 0.39 6.03 17.14
N ILE A 140 -0.71 6.74 17.35
CA ILE A 140 -0.70 8.10 17.91
C ILE A 140 -1.55 8.15 19.18
N SER A 141 -0.92 8.40 20.31
CA SER A 141 -1.61 8.36 21.60
C SER A 141 -1.80 9.75 22.14
N GLY A 142 -2.88 9.96 22.89
CA GLY A 142 -3.17 11.27 23.46
C GLY A 142 -4.51 11.29 24.18
N THR A 143 -4.88 12.44 24.72
CA THR A 143 -6.14 12.57 25.45
C THR A 143 -7.21 13.09 24.54
N VAL A 144 -8.37 12.46 24.49
CA VAL A 144 -9.39 12.94 23.54
C VAL A 144 -10.02 14.22 24.07
N GLU A 145 -10.05 15.24 23.22
CA GLU A 145 -10.54 16.54 23.59
C GLU A 145 -11.87 16.81 22.95
N GLU A 146 -11.99 16.46 21.67
CA GLU A 146 -13.25 16.67 20.96
C GLU A 146 -13.64 15.42 20.19
N ILE A 147 -14.93 15.10 20.16
CA ILE A 147 -15.39 14.02 19.27
C ILE A 147 -16.53 14.48 18.38
N GLY A 148 -16.22 15.04 17.20
CA GLY A 148 -17.22 15.31 16.18
C GLY A 148 -17.57 14.01 15.48
N LEU A 149 -18.48 14.02 14.52
CA LEU A 149 -18.66 12.80 13.76
C LEU A 149 -17.84 12.76 12.48
N ARG A 150 -17.18 13.86 12.12
CA ARG A 150 -16.26 13.74 11.01
C ARG A 150 -14.83 13.60 11.45
N VAL A 151 -14.51 14.06 12.66
CA VAL A 151 -13.11 14.15 13.10
C VAL A 151 -13.00 13.93 14.59
N THR A 152 -12.00 13.14 15.01
CA THR A 152 -11.66 13.06 16.43
C THR A 152 -10.42 13.92 16.72
N LYS A 153 -10.44 14.71 17.79
CA LYS A 153 -9.27 15.50 18.16
C LYS A 153 -8.64 14.97 19.43
N ILE A 154 -7.34 14.73 19.42
CA ILE A 154 -6.66 14.06 20.50
C ILE A 154 -5.39 14.82 20.74
N ARG A 155 -5.16 15.28 21.97
CA ARG A 155 -3.88 15.95 22.27
C ARG A 155 -2.99 15.11 23.18
N GLY A 156 -1.86 14.65 22.66
CA GLY A 156 -0.90 13.96 23.48
C GLY A 156 -0.17 15.04 24.25
N PHE A 157 0.45 14.73 25.38
CA PHE A 157 1.28 15.75 26.01
C PHE A 157 2.65 15.79 25.33
N SER A 158 3.17 16.99 25.14
CA SER A 158 4.46 17.19 24.47
C SER A 158 4.42 16.97 22.95
N ASP A 159 3.21 16.82 22.43
CA ASP A 159 3.04 16.20 21.12
C ASP A 159 2.13 17.02 20.18
N GLY A 160 1.32 17.90 20.76
CA GLY A 160 0.42 18.71 19.97
C GLY A 160 -0.97 18.11 19.80
N LEU A 161 -1.87 18.91 19.26
CA LEU A 161 -3.25 18.50 19.03
C LEU A 161 -3.37 17.85 17.66
N HIS A 162 -3.81 16.60 17.66
CA HIS A 162 -3.95 15.83 16.44
C HIS A 162 -5.39 15.84 16.03
N ILE A 163 -5.63 16.20 14.78
CA ILE A 163 -6.97 16.15 14.24
C ILE A 163 -7.02 15.01 13.26
N ILE A 164 -7.82 13.99 13.55
CA ILE A 164 -7.83 12.77 12.78
C ILE A 164 -9.20 12.52 12.19
N PRO A 165 -9.30 12.47 10.84
CA PRO A 165 -10.55 12.17 10.16
C PRO A 165 -11.04 10.80 10.59
N ASN A 166 -12.30 10.68 11.00
CA ASN A 166 -12.78 9.45 11.56
C ASN A 166 -12.61 8.25 10.66
N GLY A 167 -12.69 8.46 9.35
CA GLY A 167 -12.54 7.36 8.41
C GLY A 167 -11.18 6.65 8.50
N GLU A 168 -10.13 7.42 8.78
CA GLU A 168 -8.77 6.91 8.84
C GLU A 168 -8.55 5.99 10.03
N ILE A 169 -9.44 6.02 11.02
CA ILE A 169 -9.26 5.16 12.20
C ILE A 169 -9.42 3.70 11.82
N LYS A 170 -8.33 2.94 11.79
CA LYS A 170 -8.38 1.54 11.39
C LYS A 170 -8.55 0.69 12.63
N MET A 171 -8.11 1.23 13.75
CA MET A 171 -8.26 0.58 15.05
C MET A 171 -8.07 1.62 16.13
N VAL A 172 -8.83 1.50 17.21
CA VAL A 172 -8.72 2.45 18.31
C VAL A 172 -8.51 1.65 19.56
N THR A 173 -7.30 1.70 20.10
CA THR A 173 -7.07 1.05 21.37
C THR A 173 -7.29 2.05 22.50
N ASN A 174 -8.13 1.69 23.45
CA ASN A 174 -8.40 2.58 24.58
C ASN A 174 -7.49 2.16 25.73
N LEU A 175 -6.85 3.12 26.38
CA LEU A 175 -5.89 2.77 27.44
C LEU A 175 -6.49 2.85 28.84
N THR A 176 -7.66 3.47 28.95
CA THR A 176 -8.21 3.79 30.26
C THR A 176 -9.62 3.26 30.51
N LYS A 177 -9.93 2.08 29.95
CA LYS A 177 -11.23 1.44 30.11
C LYS A 177 -11.41 0.83 31.52
N ASP A 178 -11.85 -0.41 31.58
CA ASP A 178 -11.93 -1.12 32.84
C ASP A 178 -10.53 -1.14 33.48
N SER A 179 -10.00 0.05 33.74
CA SER A 179 -8.74 0.22 34.44
C SER A 179 -7.50 0.20 33.56
N MET A 180 -6.36 -0.04 34.20
CA MET A 180 -5.07 0.07 33.53
C MET A 180 -4.04 -0.89 34.12
N MET A 181 -2.95 -1.11 33.41
CA MET A 181 -1.91 -2.03 33.88
C MET A 181 -0.51 -1.46 33.77
N ALA A 182 0.25 -1.56 34.85
CA ALA A 182 1.59 -1.00 34.90
C ALA A 182 2.63 -2.10 34.88
N VAL A 183 3.68 -1.91 34.09
CA VAL A 183 4.75 -2.89 33.94
C VAL A 183 6.10 -2.23 34.12
N VAL A 184 7.06 -2.96 34.69
CA VAL A 184 8.46 -2.52 34.76
C VAL A 184 9.30 -3.75 34.50
N ASN A 185 10.10 -3.73 33.45
CA ASN A 185 11.00 -4.84 33.20
C ASN A 185 12.37 -4.50 33.77
N ILE A 186 12.70 -5.12 34.88
CA ILE A 186 13.98 -4.90 35.50
C ILE A 186 15.04 -5.81 34.87
N ALA A 187 16.19 -5.25 34.55
CA ALA A 187 17.28 -6.00 33.94
C ALA A 187 18.46 -6.15 34.89
N PHE A 188 18.91 -7.40 35.06
CA PHE A 188 20.10 -7.73 35.84
C PHE A 188 21.14 -8.37 34.95
N PRO A 189 22.37 -8.50 35.46
CA PRO A 189 23.38 -9.33 34.80
C PRO A 189 23.08 -10.79 35.09
N ILE A 190 23.30 -11.72 34.15
CA ILE A 190 23.20 -13.14 34.50
C ILE A 190 24.32 -13.49 35.49
N ASP A 191 25.48 -12.87 35.28
CA ASP A 191 26.50 -12.91 36.29
C ASP A 191 25.88 -12.24 37.52
N GLU A 192 24.90 -12.89 38.14
CA GLU A 192 24.24 -12.35 39.34
C GLU A 192 23.38 -13.37 40.12
N ASP A 193 23.20 -13.07 41.40
CA ASP A 193 22.40 -13.88 42.30
C ASP A 193 20.91 -13.62 42.06
N VAL A 194 20.22 -14.58 41.49
CA VAL A 194 18.81 -14.41 41.13
C VAL A 194 17.89 -14.20 42.34
N ASP A 195 18.08 -15.01 43.37
CA ASP A 195 17.09 -15.09 44.43
C ASP A 195 17.13 -13.85 45.32
N LYS A 196 18.30 -13.24 45.40
CA LYS A 196 18.47 -12.05 46.20
C LYS A 196 17.70 -10.91 45.58
N ILE A 197 17.82 -10.78 44.26
CA ILE A 197 17.10 -9.71 43.54
C ILE A 197 15.60 -9.98 43.50
N ILE A 198 15.21 -11.23 43.25
CA ILE A 198 13.81 -11.57 43.23
C ILE A 198 13.22 -11.31 44.62
N GLU A 199 14.04 -11.50 45.65
CA GLU A 199 13.65 -11.25 47.03
C GLU A 199 13.44 -9.75 47.27
N GLY A 200 14.37 -8.96 46.76
CA GLY A 200 14.31 -7.51 46.91
C GLY A 200 13.08 -6.94 46.22
N LEU A 201 12.84 -7.40 45.00
CA LEU A 201 11.69 -6.97 44.24
C LEU A 201 10.42 -7.39 44.97
N GLN A 202 10.46 -8.55 45.61
CA GLN A 202 9.33 -8.99 46.43
C GLN A 202 9.05 -7.93 47.49
N GLU A 203 10.12 -7.51 48.18
CA GLU A 203 10.02 -6.49 49.22
C GLU A 203 9.50 -5.14 48.71
N ILE A 204 9.87 -4.81 47.47
CA ILE A 204 9.36 -3.59 46.82
C ILE A 204 7.86 -3.66 46.47
N CYS A 205 7.39 -4.80 45.98
CA CYS A 205 5.97 -4.96 45.73
C CYS A 205 5.27 -4.80 47.07
N GLU A 206 5.80 -5.49 48.06
CA GLU A 206 5.24 -5.41 49.41
C GLU A 206 5.03 -3.96 49.79
N GLU A 207 6.13 -3.19 49.78
CA GLU A 207 6.08 -1.78 50.17
C GLU A 207 5.17 -0.87 49.31
N VAL A 208 5.14 -1.10 48.00
CA VAL A 208 4.31 -0.30 47.11
C VAL A 208 2.82 -0.56 47.34
N LYS A 209 2.48 -1.81 47.65
CA LYS A 209 1.10 -2.17 47.95
C LYS A 209 0.56 -1.27 49.05
N LYS A 210 1.47 -0.78 49.88
CA LYS A 210 1.16 0.04 51.06
C LYS A 210 0.82 1.51 50.81
N SER A 211 0.79 1.93 49.54
CA SER A 211 0.52 3.35 49.20
C SER A 211 -0.39 3.52 47.96
N ARG A 212 -1.50 4.23 48.18
CA ARG A 212 -2.80 3.90 47.61
C ARG A 212 -3.31 4.05 46.22
N ASP A 213 -3.48 2.78 45.72
CA ASP A 213 -3.66 2.24 44.34
C ASP A 213 -3.48 0.69 44.26
N GLU A 217 -4.79 -3.55 42.18
CA GLU A 217 -4.51 -5.00 42.12
C GLU A 217 -3.14 -5.44 42.63
N GLY A 218 -2.14 -5.38 41.76
CA GLY A 218 -0.77 -5.72 42.12
C GLY A 218 -0.13 -5.01 43.33
N PRO A 219 1.19 -4.71 43.30
CA PRO A 219 2.20 -5.11 42.31
C PRO A 219 2.87 -6.44 42.68
N THR A 220 3.23 -7.21 41.66
CA THR A 220 3.69 -8.59 41.83
C THR A 220 4.93 -8.88 40.98
N VAL A 221 5.69 -9.88 41.39
CA VAL A 221 6.90 -10.29 40.68
C VAL A 221 6.66 -11.52 39.79
N LEU A 222 6.37 -11.29 38.53
CA LEU A 222 6.24 -12.37 37.58
C LEU A 222 7.64 -12.87 37.34
N GLY A 223 7.81 -14.14 36.98
CA GLY A 223 9.15 -14.70 36.84
C GLY A 223 10.15 -13.97 35.95
N ILE A 224 11.28 -14.62 35.64
CA ILE A 224 12.23 -14.09 34.63
C ILE A 224 11.68 -14.23 33.22
N THR A 225 11.25 -13.10 32.67
CA THR A 225 10.50 -13.07 31.41
C THR A 225 11.41 -13.13 30.20
N ASP A 226 12.68 -12.80 30.35
CA ASP A 226 13.56 -12.95 29.18
C ASP A 226 15.02 -13.21 29.56
N MET A 227 15.70 -14.02 28.75
CA MET A 227 17.11 -14.30 29.00
C MET A 227 18.03 -13.94 27.82
N GLN A 228 18.96 -13.02 28.07
CA GLN A 228 19.81 -12.49 26.99
C GLN A 228 21.28 -12.70 27.23
N ASP A 229 22.10 -12.10 26.37
CA ASP A 229 23.54 -12.37 26.40
C ASP A 229 24.17 -12.24 27.78
N SER A 230 24.16 -11.04 28.33
CA SER A 230 24.75 -10.81 29.65
C SER A 230 23.69 -10.36 30.64
N LYS A 231 22.45 -10.28 30.16
CA LYS A 231 21.34 -9.82 30.99
C LYS A 231 20.32 -10.90 31.30
N LEU A 232 19.37 -10.53 32.14
CA LEU A 232 18.32 -11.41 32.62
C LEU A 232 17.20 -10.46 33.05
N VAL A 233 15.98 -10.71 32.59
CA VAL A 233 14.92 -9.73 32.73
C VAL A 233 13.68 -10.24 33.42
N ILE A 234 13.40 -9.64 34.59
CA ILE A 234 12.28 -9.99 35.47
C ILE A 234 11.31 -8.85 35.49
N MET A 235 10.04 -9.13 35.24
CA MET A 235 9.06 -8.06 35.19
C MET A 235 8.19 -8.02 36.44
N VAL A 236 7.93 -6.81 36.93
CA VAL A 236 6.92 -6.63 37.96
C VAL A 236 5.75 -5.88 37.32
N TYR A 237 4.53 -6.26 37.71
CA TYR A 237 3.36 -5.67 37.10
C TYR A 237 2.25 -5.46 38.14
N ALA A 238 1.40 -4.48 37.92
CA ALA A 238 0.37 -4.13 38.89
C ALA A 238 -0.85 -3.57 38.15
N LYS A 239 -2.05 -3.95 38.60
CA LYS A 239 -3.27 -3.40 38.03
C LYS A 239 -3.59 -2.07 38.75
N THR A 240 -3.71 -0.99 37.99
CA THR A 240 -3.89 0.34 38.58
C THR A 240 -5.15 1.00 38.00
N GLN A 241 -5.79 1.80 38.86
CA GLN A 241 -6.99 2.55 38.47
C GLN A 241 -6.66 3.48 37.31
N PRO A 242 -7.67 3.85 36.49
CA PRO A 242 -7.34 4.62 35.27
C PRO A 242 -6.43 5.85 35.40
N MET A 243 -5.24 5.76 34.79
CA MET A 243 -4.25 6.85 34.71
C MET A 243 -3.21 6.69 35.86
N GLN A 244 -3.58 6.01 36.93
CA GLN A 244 -2.62 5.76 38.00
C GLN A 244 -1.29 5.08 37.49
N LYS A 245 -1.38 4.57 36.27
CA LYS A 245 -0.30 3.77 35.66
C LYS A 245 1.18 4.20 35.49
N TRP A 246 1.43 5.14 34.58
CA TRP A 246 2.81 5.48 34.29
C TRP A 246 3.45 5.98 35.59
N ALA A 247 2.59 6.51 36.46
CA ALA A 247 3.01 6.99 37.76
C ALA A 247 3.51 5.84 38.63
N VAL A 248 2.69 4.80 38.75
CA VAL A 248 3.10 3.62 39.51
C VAL A 248 4.44 3.14 38.99
N GLU A 249 4.53 2.98 37.68
CA GLU A 249 5.76 2.53 37.07
C GLU A 249 6.98 3.35 37.58
N ARG A 250 6.84 4.69 37.62
CA ARG A 250 7.96 5.55 38.03
C ARG A 250 8.32 5.36 39.50
N ASP A 251 7.28 5.18 40.30
CA ASP A 251 7.48 4.85 41.72
C ASP A 251 8.37 3.61 41.77
N ILE A 252 7.91 2.54 41.11
CA ILE A 252 8.60 1.25 41.10
C ILE A 252 10.04 1.36 40.62
N ARG A 253 10.30 2.18 39.59
CA ARG A 253 11.66 2.37 39.07
C ARG A 253 12.55 3.00 40.15
N TYR A 254 12.08 4.09 40.74
CA TYR A 254 12.84 4.71 41.82
C TYR A 254 13.17 3.66 42.89
N ARG A 255 12.15 2.91 43.29
CA ARG A 255 12.33 1.88 44.30
C ARG A 255 13.41 0.89 43.87
N VAL A 256 13.40 0.50 42.60
CA VAL A 256 14.36 -0.51 42.12
C VAL A 256 15.80 0.03 42.08
N LYS A 257 15.95 1.29 41.72
CA LYS A 257 17.25 1.93 41.76
C LYS A 257 17.78 1.92 43.21
N LYS A 258 17.00 2.47 44.14
CA LYS A 258 17.48 2.52 45.52
C LYS A 258 17.75 1.11 46.05
N MET A 259 16.89 0.16 45.70
CA MET A 259 17.08 -1.23 46.12
C MET A 259 18.40 -1.79 45.59
N PHE A 260 18.74 -1.38 44.38
CA PHE A 260 20.01 -1.77 43.78
C PHE A 260 21.17 -1.19 44.55
N ASP A 261 20.99 0.01 45.07
CA ASP A 261 22.07 0.67 45.81
C ASP A 261 22.27 0.08 47.20
N GLN A 262 21.18 -0.26 47.87
CA GLN A 262 21.24 -0.82 49.24
C GLN A 262 21.70 -2.27 49.23
N LYS A 263 21.01 -3.12 48.47
CA LYS A 263 21.38 -4.52 48.30
C LYS A 263 22.71 -4.66 47.53
N ASN A 264 23.25 -3.53 47.11
CA ASN A 264 24.54 -3.47 46.44
C ASN A 264 24.70 -4.35 45.19
N ILE A 265 23.55 -4.77 44.63
CA ILE A 265 23.54 -5.61 43.42
C ILE A 265 24.17 -4.88 42.25
N SER A 266 25.00 -5.57 41.49
CA SER A 266 25.74 -4.96 40.38
C SER A 266 24.85 -4.70 39.16
N PHE A 267 25.15 -3.65 38.39
CA PHE A 267 24.27 -3.19 37.31
C PHE A 267 24.45 -3.95 36.02
N PRO A 268 23.39 -3.99 35.20
CA PRO A 268 23.31 -4.78 33.97
C PRO A 268 24.18 -4.26 32.85
N TYR A 269 25.34 -3.70 33.16
CA TYR A 269 26.28 -3.23 32.14
C TYR A 269 26.55 -4.36 31.16
N PRO A 270 26.61 -4.03 29.86
CA PRO A 270 26.97 -5.07 28.88
C PRO A 270 28.34 -5.58 29.25
N ARG A 271 28.55 -6.89 29.23
CA ARG A 271 29.91 -7.38 29.39
C ARG A 271 30.40 -8.33 28.34
N THR A 272 31.68 -8.20 28.01
CA THR A 272 32.30 -8.63 26.77
C THR A 272 33.54 -9.21 27.42
N THR A 273 33.83 -10.48 27.13
CA THR A 273 35.12 -11.09 27.37
C THR A 273 35.97 -10.87 26.12
N VAL A 274 37.24 -10.51 26.31
CA VAL A 274 38.14 -10.33 25.19
C VAL A 274 39.32 -11.29 25.30
N ILE A 275 39.81 -11.70 24.14
CA ILE A 275 40.99 -12.53 24.07
C ILE A 275 42.07 -11.72 23.35
N LEU A 276 43.29 -11.75 23.87
CA LEU A 276 44.37 -10.94 23.31
C LEU A 276 45.27 -11.72 22.36
N SER A 277 45.71 -11.03 21.31
CA SER A 277 46.47 -11.67 20.23
C SER A 277 47.81 -10.99 20.01
N GLU A 278 48.84 -11.82 19.81
CA GLU A 278 50.20 -11.31 19.63
C GLU A 278 50.57 -11.04 18.18
N LYS A 279 50.41 -9.80 17.74
CA LYS A 279 50.75 -9.40 16.37
C LYS A 279 51.37 -8.00 16.31
N LYS A 280 51.27 -7.34 15.16
CA LYS A 280 52.01 -6.11 14.88
C LYS A 280 51.42 -5.40 13.65
N THR A 281 52.29 -4.83 12.82
CA THR A 281 51.89 -4.27 11.52
C THR A 281 53.10 -4.01 10.62
N TYR B 13 -58.09 23.62 -24.46
CA TYR B 13 -58.04 23.17 -23.07
C TYR B 13 -57.75 21.68 -22.95
N ASP B 14 -57.90 20.95 -24.05
CA ASP B 14 -57.51 19.54 -24.16
C ASP B 14 -58.30 18.56 -23.29
N ILE B 15 -57.86 17.30 -23.30
CA ILE B 15 -58.54 16.21 -22.61
C ILE B 15 -57.68 15.54 -21.54
N LYS B 16 -56.38 15.66 -21.67
CA LYS B 16 -55.45 15.04 -20.73
C LYS B 16 -55.42 15.72 -19.35
N ALA B 17 -55.56 17.05 -19.34
CA ALA B 17 -55.47 17.86 -18.13
C ALA B 17 -56.14 17.24 -16.91
N VAL B 18 -56.98 16.23 -17.13
CA VAL B 18 -57.57 15.54 -16.00
C VAL B 18 -56.72 14.33 -15.66
N LYS B 19 -56.25 13.63 -16.69
CA LYS B 19 -55.35 12.49 -16.51
C LYS B 19 -54.07 12.91 -15.80
N PHE B 20 -53.46 13.98 -16.30
CA PHE B 20 -52.30 14.55 -15.67
C PHE B 20 -52.55 14.68 -14.17
N LEU B 21 -53.66 15.32 -13.84
CA LEU B 21 -54.04 15.47 -12.44
C LEU B 21 -54.10 14.11 -11.76
N LEU B 22 -54.65 13.11 -12.43
CA LEU B 22 -54.69 11.77 -11.86
C LEU B 22 -53.29 11.24 -11.57
N ASP B 23 -52.32 11.74 -12.33
CA ASP B 23 -50.97 11.23 -12.20
C ASP B 23 -50.24 11.86 -11.03
N VAL B 24 -50.21 13.20 -11.00
CA VAL B 24 -49.62 13.86 -9.85
C VAL B 24 -50.38 13.42 -8.57
N LEU B 25 -51.66 13.15 -8.73
CA LEU B 25 -52.45 12.64 -7.62
C LEU B 25 -51.92 11.28 -7.18
N LYS B 26 -51.88 10.33 -8.12
CA LYS B 26 -51.32 8.99 -7.87
C LYS B 26 -50.02 9.05 -7.08
N ILE B 27 -49.09 9.89 -7.53
CA ILE B 27 -47.83 10.05 -6.80
C ILE B 27 -48.06 10.52 -5.36
N LEU B 28 -48.79 11.63 -5.20
CA LEU B 28 -49.03 12.14 -3.85
C LEU B 28 -49.68 11.11 -2.91
N ILE B 29 -50.71 10.42 -3.37
CA ILE B 29 -51.38 9.45 -2.52
C ILE B 29 -50.50 8.24 -2.21
N ILE B 30 -49.74 7.77 -3.20
CA ILE B 30 -48.84 6.64 -2.92
C ILE B 30 -47.72 7.05 -1.96
N ALA B 31 -47.26 8.29 -2.08
CA ALA B 31 -46.22 8.78 -1.20
C ALA B 31 -46.74 8.98 0.21
N PHE B 32 -47.99 9.40 0.30
CA PHE B 32 -48.62 9.60 1.60
C PHE B 32 -48.80 8.25 2.28
N ILE B 33 -49.53 7.34 1.64
CA ILE B 33 -49.59 5.94 2.10
C ILE B 33 -48.19 5.40 2.49
N GLY B 34 -47.19 5.71 1.67
CA GLY B 34 -45.83 5.29 1.92
C GLY B 34 -45.35 5.80 3.24
N ILE B 35 -45.44 7.12 3.46
CA ILE B 35 -44.98 7.73 4.70
C ILE B 35 -45.68 7.11 5.90
N LYS B 36 -47.01 7.11 5.88
CA LYS B 36 -47.74 6.61 7.03
C LYS B 36 -47.34 5.15 7.33
N PHE B 37 -47.27 4.33 6.27
CA PHE B 37 -46.90 2.93 6.41
C PHE B 37 -45.49 2.75 7.01
N ALA B 38 -44.55 3.60 6.62
CA ALA B 38 -43.19 3.52 7.14
C ALA B 38 -43.16 3.94 8.60
N ASP B 39 -43.89 5.01 8.92
CA ASP B 39 -43.97 5.48 10.30
C ASP B 39 -44.50 4.35 11.17
N PHE B 40 -45.46 3.62 10.62
CA PHE B 40 -46.03 2.46 11.31
C PHE B 40 -44.98 1.40 11.56
N LEU B 41 -44.40 0.87 10.48
CA LEU B 41 -43.41 -0.20 10.59
C LEU B 41 -42.24 0.18 11.48
N ILE B 42 -41.92 1.47 11.49
CA ILE B 42 -40.81 1.98 12.30
C ILE B 42 -41.21 2.04 13.76
N TYR B 43 -42.46 2.45 13.99
CA TYR B 43 -43.00 2.48 15.33
C TYR B 43 -43.23 1.06 15.87
N ARG B 44 -43.20 0.07 14.98
CA ARG B 44 -43.32 -1.32 15.40
C ARG B 44 -41.94 -1.94 15.67
N PHE B 45 -41.05 -1.91 14.68
CA PHE B 45 -39.66 -2.28 14.90
C PHE B 45 -39.11 -1.48 16.09
N TYR B 46 -39.87 -0.46 16.49
CA TYR B 46 -39.59 0.33 17.69
C TYR B 46 -40.23 -0.36 18.89
N LYS B 47 -41.54 -0.54 18.83
CA LYS B 47 -42.31 -1.21 19.87
C LYS B 47 -41.55 -2.41 20.43
N LEU B 48 -41.09 -3.29 19.54
CA LEU B 48 -40.39 -4.51 19.97
C LEU B 48 -39.08 -4.21 20.71
N TYR B 49 -38.04 -3.85 19.98
CA TYR B 49 -36.73 -3.62 20.58
C TYR B 49 -36.79 -2.62 21.75
N SER B 50 -37.91 -1.94 21.90
CA SER B 50 -38.04 -0.93 22.96
C SER B 50 -38.69 -1.44 24.25
N LYS B 51 -39.82 -2.14 24.12
CA LYS B 51 -40.58 -2.57 25.30
C LYS B 51 -39.96 -3.73 26.08
N SER B 52 -39.09 -4.51 25.43
CA SER B 52 -38.45 -5.63 26.10
C SER B 52 -37.17 -5.21 26.83
N LYS B 53 -36.58 -4.10 26.41
CA LYS B 53 -35.35 -3.59 27.02
C LYS B 53 -34.29 -4.68 27.14
N ILE B 54 -34.03 -5.35 26.03
CA ILE B 54 -33.05 -6.42 25.97
C ILE B 54 -31.63 -5.89 26.00
N GLN B 55 -31.38 -4.85 25.20
CA GLN B 55 -30.07 -4.23 25.10
C GLN B 55 -30.23 -2.76 24.72
N LEU B 56 -29.12 -2.03 24.70
CA LEU B 56 -29.10 -0.65 24.22
C LEU B 56 -29.92 0.34 25.08
N PRO B 57 -29.21 1.24 25.81
CA PRO B 57 -29.87 2.30 26.58
C PRO B 57 -30.82 3.05 25.68
N GLN B 58 -31.84 3.69 26.24
CA GLN B 58 -32.80 4.41 25.40
C GLN B 58 -32.18 5.56 24.62
N ARG B 59 -31.48 6.43 25.33
CA ARG B 59 -30.84 7.61 24.70
C ARG B 59 -30.28 7.31 23.30
N LYS B 60 -29.76 6.10 23.09
CA LYS B 60 -29.19 5.68 21.81
C LYS B 60 -30.24 5.23 20.80
N ILE B 61 -31.00 4.21 21.15
CA ILE B 61 -32.07 3.70 20.29
C ILE B 61 -33.09 4.77 19.85
N ASP B 62 -33.19 5.86 20.61
CA ASP B 62 -34.00 7.01 20.19
C ASP B 62 -33.34 7.75 19.04
N THR B 63 -32.06 8.04 19.19
CA THR B 63 -31.27 8.62 18.11
C THR B 63 -31.31 7.73 16.85
N LEU B 64 -31.27 6.42 17.05
CA LEU B 64 -31.29 5.47 15.95
C LEU B 64 -32.67 5.40 15.27
N THR B 65 -33.72 5.49 16.08
CA THR B 65 -35.09 5.54 15.55
C THR B 65 -35.29 6.80 14.70
N SER B 66 -34.90 7.98 15.20
CA SER B 66 -35.06 9.18 14.38
C SER B 66 -34.15 9.15 13.15
N LEU B 67 -33.02 8.44 13.25
CA LEU B 67 -32.18 8.14 12.08
C LEU B 67 -33.01 7.44 10.99
N THR B 68 -33.56 6.29 11.31
CA THR B 68 -34.44 5.59 10.37
C THR B 68 -35.61 6.42 9.86
N LYS B 69 -36.31 7.12 10.75
CA LYS B 69 -37.38 8.01 10.33
C LYS B 69 -36.87 8.97 9.26
N ASN B 70 -35.90 9.80 9.63
CA ASN B 70 -35.32 10.75 8.69
C ASN B 70 -34.87 10.13 7.35
N ALA B 71 -34.20 8.98 7.40
CA ALA B 71 -33.76 8.31 6.18
C ALA B 71 -34.93 8.08 5.27
N VAL B 72 -35.97 7.46 5.83
CA VAL B 72 -37.12 7.09 5.04
C VAL B 72 -37.85 8.32 4.50
N ARG B 73 -37.96 9.38 5.32
CA ARG B 73 -38.55 10.64 4.86
C ARG B 73 -37.79 11.22 3.66
N TYR B 74 -36.48 11.34 3.79
CA TYR B 74 -35.67 11.84 2.66
C TYR B 74 -35.78 10.96 1.38
N ILE B 75 -35.80 9.64 1.54
CA ILE B 75 -35.97 8.80 0.37
C ILE B 75 -37.34 9.04 -0.26
N ILE B 76 -38.38 9.16 0.57
CA ILE B 76 -39.73 9.31 0.03
C ILE B 76 -39.90 10.68 -0.64
N TYR B 77 -39.52 11.73 0.07
CA TYR B 77 -39.48 13.04 -0.54
C TYR B 77 -38.77 12.98 -1.89
N PHE B 78 -37.55 12.43 -1.94
CA PHE B 78 -36.84 12.37 -3.21
C PHE B 78 -37.55 11.59 -4.30
N LEU B 79 -38.03 10.38 -4.02
CA LEU B 79 -38.78 9.64 -5.05
C LEU B 79 -40.02 10.39 -5.58
N ALA B 80 -40.83 10.96 -4.69
CA ALA B 80 -42.05 11.67 -5.07
C ALA B 80 -41.73 12.92 -5.87
N GLY B 81 -40.82 13.73 -5.35
CA GLY B 81 -40.33 14.86 -6.11
C GLY B 81 -39.77 14.52 -7.51
N ALA B 82 -38.90 13.52 -7.56
CA ALA B 82 -38.32 13.10 -8.83
C ALA B 82 -39.42 12.71 -9.80
N SER B 83 -40.43 12.01 -9.30
CA SER B 83 -41.51 11.53 -10.15
C SER B 83 -42.40 12.66 -10.69
N ILE B 84 -42.73 13.62 -9.85
CA ILE B 84 -43.47 14.81 -10.28
C ILE B 84 -42.67 15.59 -11.31
N LEU B 85 -41.38 15.73 -11.03
CA LEU B 85 -40.47 16.38 -11.96
C LEU B 85 -40.57 15.68 -13.29
N LYS B 86 -40.58 14.35 -13.28
CA LYS B 86 -40.67 13.57 -14.52
C LYS B 86 -41.93 13.97 -15.26
N LEU B 87 -43.00 14.15 -14.49
CA LEU B 87 -44.30 14.59 -15.00
C LEU B 87 -44.26 15.94 -15.68
N PHE B 88 -43.37 16.84 -15.24
CA PHE B 88 -43.19 18.11 -15.93
C PHE B 88 -42.09 18.14 -16.98
N ASN B 89 -41.82 16.98 -17.58
CA ASN B 89 -40.92 16.89 -18.73
C ASN B 89 -39.43 17.03 -18.38
N ILE B 90 -39.09 16.79 -17.11
CA ILE B 90 -37.70 16.77 -16.66
C ILE B 90 -37.11 15.42 -16.99
N ASP B 91 -35.95 15.40 -17.63
CA ASP B 91 -35.31 14.14 -18.01
C ASP B 91 -34.68 13.38 -16.82
N MET B 92 -35.05 12.10 -16.70
CA MET B 92 -34.62 11.27 -15.59
C MET B 92 -33.17 10.74 -15.65
N THR B 93 -32.57 10.67 -16.82
CA THR B 93 -31.16 10.32 -16.91
C THR B 93 -30.29 11.45 -16.43
N SER B 94 -30.66 12.68 -16.77
CA SER B 94 -29.95 13.84 -16.23
C SER B 94 -30.07 13.90 -14.70
N LEU B 95 -31.29 13.66 -14.21
CA LEU B 95 -31.58 13.57 -12.79
C LEU B 95 -30.70 12.51 -12.16
N LEU B 96 -30.64 11.33 -12.79
CA LEU B 96 -29.73 10.27 -12.33
C LEU B 96 -28.28 10.74 -12.24
N ALA B 97 -27.79 11.48 -13.26
CA ALA B 97 -26.43 12.02 -13.22
C ALA B 97 -26.24 12.95 -12.03
N VAL B 98 -27.31 13.63 -11.60
CA VAL B 98 -27.24 14.38 -10.35
C VAL B 98 -27.30 13.49 -9.11
N ALA B 99 -28.43 12.85 -8.89
CA ALA B 99 -28.68 11.96 -7.74
C ALA B 99 -27.65 10.86 -7.47
N GLY B 100 -27.05 10.34 -8.53
CA GLY B 100 -26.02 9.35 -8.42
C GLY B 100 -24.72 9.87 -7.83
N ILE B 101 -24.53 11.18 -7.76
CA ILE B 101 -23.36 11.62 -7.06
C ILE B 101 -23.46 11.04 -5.64
N GLY B 102 -24.67 11.07 -5.07
CA GLY B 102 -24.92 10.55 -3.75
C GLY B 102 -25.05 9.06 -3.77
N SER B 103 -25.64 8.50 -4.83
CA SER B 103 -25.69 7.03 -4.91
C SER B 103 -24.27 6.50 -4.72
N LEU B 104 -23.33 7.03 -5.49
CA LEU B 104 -21.93 6.62 -5.48
C LEU B 104 -21.22 6.93 -4.17
N ALA B 105 -21.31 8.17 -3.69
CA ALA B 105 -20.69 8.51 -2.42
C ALA B 105 -21.19 7.65 -1.25
N ILE B 106 -22.50 7.53 -1.09
CA ILE B 106 -23.04 6.70 0.00
C ILE B 106 -22.68 5.24 -0.24
N GLY B 107 -22.92 4.77 -1.45
CA GLY B 107 -22.73 3.37 -1.80
C GLY B 107 -21.33 2.84 -1.54
N PHE B 108 -20.34 3.56 -2.06
CA PHE B 108 -18.94 3.27 -1.78
C PHE B 108 -18.49 3.58 -0.36
N GLY B 109 -19.05 4.59 0.30
CA GLY B 109 -18.74 4.84 1.70
C GLY B 109 -19.14 3.67 2.58
N ALA B 110 -20.37 3.20 2.36
CA ALA B 110 -20.97 2.14 3.16
C ALA B 110 -20.39 0.76 2.85
N GLN B 111 -19.76 0.63 1.69
CA GLN B 111 -19.16 -0.66 1.38
C GLN B 111 -18.34 -1.24 2.55
N ASN B 112 -17.51 -0.41 3.16
CA ASN B 112 -16.73 -0.85 4.34
C ASN B 112 -17.50 -1.41 5.55
N LEU B 113 -18.50 -0.70 6.00
CA LEU B 113 -19.49 -1.26 6.91
C LEU B 113 -19.96 -2.69 6.48
N VAL B 114 -20.43 -2.84 5.21
CA VAL B 114 -20.88 -4.17 4.75
C VAL B 114 -19.76 -5.23 4.90
N LYS B 115 -18.53 -4.78 4.63
CA LYS B 115 -17.35 -5.63 4.76
C LYS B 115 -17.13 -6.11 6.19
N ASP B 116 -17.07 -5.16 7.13
CA ASP B 116 -16.98 -5.45 8.57
C ASP B 116 -17.99 -6.49 8.93
N MET B 117 -19.25 -6.25 8.60
CA MET B 117 -20.27 -7.20 8.95
C MET B 117 -20.10 -8.60 8.37
N ILE B 118 -19.83 -8.73 7.06
CA ILE B 118 -19.65 -10.09 6.52
C ILE B 118 -18.51 -10.79 7.26
N SER B 119 -17.43 -10.04 7.45
CA SER B 119 -16.29 -10.48 8.21
C SER B 119 -16.67 -11.05 9.58
N GLY B 120 -17.34 -10.22 10.39
CA GLY B 120 -17.81 -10.64 11.69
C GLY B 120 -18.68 -11.88 11.60
N PHE B 121 -19.64 -11.85 10.67
CA PHE B 121 -20.46 -13.01 10.43
C PHE B 121 -19.64 -14.28 10.31
N PHE B 122 -18.55 -14.26 9.56
CA PHE B 122 -17.78 -15.49 9.48
C PHE B 122 -17.01 -15.81 10.76
N ILE B 123 -16.36 -14.80 11.33
CA ILE B 123 -15.64 -15.00 12.60
C ILE B 123 -16.51 -15.80 13.60
N ILE B 124 -17.75 -15.34 13.75
CA ILE B 124 -18.69 -15.98 14.64
C ILE B 124 -19.14 -17.34 14.11
N PHE B 125 -19.72 -17.35 12.92
CA PHE B 125 -20.31 -18.56 12.35
C PHE B 125 -19.27 -19.68 12.24
N GLU B 126 -17.99 -19.33 12.18
CA GLU B 126 -16.92 -20.35 12.10
C GLU B 126 -16.16 -20.50 13.40
N ASP B 127 -16.71 -20.00 14.50
CA ASP B 127 -16.06 -20.06 15.82
C ASP B 127 -14.54 -19.95 15.72
N GLN B 128 -14.09 -18.92 15.00
CA GLN B 128 -12.67 -18.69 14.83
C GLN B 128 -12.01 -18.45 16.19
N PHE B 129 -12.73 -17.75 17.08
CA PHE B 129 -12.30 -17.59 18.47
C PHE B 129 -13.48 -17.28 19.40
N SER B 130 -13.52 -17.97 20.54
CA SER B 130 -14.60 -17.84 21.51
C SER B 130 -14.41 -16.62 22.43
N VAL B 131 -15.52 -16.15 23.00
CA VAL B 131 -15.54 -14.92 23.79
C VAL B 131 -14.60 -14.95 25.00
N GLY B 132 -13.44 -15.61 24.87
CA GLY B 132 -12.56 -15.76 26.01
C GLY B 132 -11.12 -16.14 25.80
N ASP B 133 -10.75 -16.63 24.61
CA ASP B 133 -9.36 -17.05 24.37
C ASP B 133 -8.39 -15.93 24.02
N TYR B 134 -7.11 -16.27 24.02
CA TYR B 134 -6.05 -15.28 23.77
C TYR B 134 -5.53 -15.40 22.34
N VAL B 135 -5.78 -14.37 21.54
CA VAL B 135 -5.49 -14.42 20.13
C VAL B 135 -4.57 -13.32 19.73
N THR B 136 -4.08 -13.41 18.51
CA THR B 136 -3.37 -12.29 17.95
C THR B 136 -3.84 -11.99 16.53
N ILE B 137 -4.20 -10.73 16.34
CA ILE B 137 -4.94 -10.28 15.19
C ILE B 137 -4.22 -9.07 14.67
N ASN B 138 -3.63 -9.16 13.47
CA ASN B 138 -2.90 -8.03 12.91
C ASN B 138 -1.79 -7.50 13.83
N GLY B 139 -0.80 -8.36 14.14
CA GLY B 139 0.34 -7.98 14.95
C GLY B 139 -0.02 -7.43 16.32
N ILE B 140 -1.28 -7.55 16.71
CA ILE B 140 -1.75 -7.11 18.03
C ILE B 140 -2.33 -8.31 18.75
N SER B 141 -1.78 -8.60 19.92
CA SER B 141 -2.19 -9.79 20.68
C SER B 141 -2.90 -9.38 21.94
N GLY B 142 -3.89 -10.19 22.36
CA GLY B 142 -4.66 -9.93 23.56
C GLY B 142 -5.76 -10.94 23.85
N THR B 143 -6.49 -10.73 24.93
CA THR B 143 -7.58 -11.61 25.27
C THR B 143 -8.88 -11.08 24.68
N VAL B 144 -9.63 -11.90 23.95
CA VAL B 144 -10.90 -11.38 23.42
C VAL B 144 -11.93 -11.22 24.53
N GLU B 145 -12.53 -10.04 24.59
CA GLU B 145 -13.50 -9.71 25.62
C GLU B 145 -14.90 -9.62 25.02
N GLU B 146 -15.01 -9.06 23.83
CA GLU B 146 -16.31 -8.93 23.18
C GLU B 146 -16.18 -9.31 21.71
N ILE B 147 -17.21 -9.94 21.17
CA ILE B 147 -17.24 -10.21 19.74
C ILE B 147 -18.57 -9.79 19.16
N GLY B 148 -18.68 -8.53 18.72
CA GLY B 148 -19.84 -8.10 17.96
C GLY B 148 -19.67 -8.56 16.53
N LEU B 149 -20.62 -8.28 15.65
CA LEU B 149 -20.36 -8.58 14.25
C LEU B 149 -19.84 -7.39 13.45
N ARG B 150 -19.74 -6.22 14.08
CA ARG B 150 -19.00 -5.17 13.41
C ARG B 150 -17.61 -4.95 13.98
N VAL B 151 -17.37 -5.42 15.19
CA VAL B 151 -16.10 -5.13 15.85
C VAL B 151 -15.73 -6.22 16.84
N THR B 152 -14.45 -6.58 16.86
CA THR B 152 -13.91 -7.43 17.89
C THR B 152 -13.11 -6.61 18.90
N LYS B 153 -13.35 -6.86 20.18
CA LYS B 153 -12.61 -6.17 21.24
C LYS B 153 -11.66 -7.11 21.98
N ILE B 154 -10.40 -6.73 22.06
CA ILE B 154 -9.35 -7.60 22.55
C ILE B 154 -8.54 -6.79 23.51
N ARG B 155 -8.35 -7.25 24.74
CA ARG B 155 -7.48 -6.50 25.65
C ARG B 155 -6.20 -7.27 25.96
N GLY B 156 -5.05 -6.73 25.55
CA GLY B 156 -3.77 -7.34 25.87
C GLY B 156 -3.48 -6.87 27.26
N PHE B 157 -2.66 -7.58 28.02
CA PHE B 157 -2.29 -7.05 29.33
C PHE B 157 -1.19 -6.03 29.15
N SER B 158 -1.27 -4.94 29.91
CA SER B 158 -0.28 -3.85 29.84
C SER B 158 -0.40 -2.99 28.58
N ASP B 159 -1.48 -3.19 27.83
CA ASP B 159 -1.52 -2.77 26.43
C ASP B 159 -2.80 -1.99 26.13
N GLY B 160 -3.84 -2.21 26.93
CA GLY B 160 -5.10 -1.56 26.70
C GLY B 160 -6.10 -2.40 25.92
N LEU B 161 -7.33 -1.88 25.85
CA LEU B 161 -8.41 -2.49 25.09
C LEU B 161 -8.41 -2.02 23.64
N HIS B 162 -8.28 -2.98 22.74
CA HIS B 162 -8.23 -2.70 21.32
C HIS B 162 -9.58 -2.98 20.70
N ILE B 163 -10.12 -2.00 19.98
CA ILE B 163 -11.37 -2.20 19.28
C ILE B 163 -11.03 -2.26 17.82
N ILE B 164 -11.29 -3.40 17.20
CA ILE B 164 -10.85 -3.62 15.84
C ILE B 164 -12.07 -3.92 14.98
N PRO B 165 -12.31 -3.09 13.97
CA PRO B 165 -13.36 -3.35 12.98
C PRO B 165 -13.16 -4.70 12.27
N ASN B 166 -14.17 -5.54 12.25
CA ASN B 166 -13.94 -6.87 11.75
C ASN B 166 -13.36 -6.94 10.34
N GLY B 167 -13.70 -5.97 9.50
CA GLY B 167 -13.22 -5.95 8.11
C GLY B 167 -11.72 -5.84 7.99
N GLU B 168 -11.09 -5.19 8.98
CA GLU B 168 -9.65 -5.02 8.99
C GLU B 168 -8.90 -6.30 9.31
N ILE B 169 -9.58 -7.29 9.89
CA ILE B 169 -8.93 -8.57 10.14
C ILE B 169 -8.48 -9.28 8.84
N LYS B 170 -7.17 -9.28 8.58
CA LYS B 170 -6.64 -9.93 7.37
C LYS B 170 -6.28 -11.37 7.71
N MET B 171 -5.94 -11.60 8.97
CA MET B 171 -5.64 -12.93 9.46
C MET B 171 -5.80 -12.89 10.97
N VAL B 172 -6.28 -13.99 11.55
CA VAL B 172 -6.45 -14.08 12.98
C VAL B 172 -5.75 -15.35 13.34
N THR B 173 -4.61 -15.22 14.03
CA THR B 173 -3.95 -16.38 14.58
C THR B 173 -4.44 -16.64 16.03
N ASN B 174 -4.94 -17.84 16.30
CA ASN B 174 -5.40 -18.18 17.63
C ASN B 174 -4.25 -18.85 18.38
N LEU B 175 -3.99 -18.43 19.61
CA LEU B 175 -2.87 -18.97 20.36
C LEU B 175 -3.26 -20.12 21.30
N THR B 176 -4.55 -20.28 21.54
CA THR B 176 -5.02 -21.17 22.59
C THR B 176 -6.02 -22.23 22.12
N LYS B 177 -5.83 -22.71 20.90
CA LYS B 177 -6.70 -23.74 20.34
C LYS B 177 -6.45 -25.14 20.93
N ASP B 178 -6.30 -26.13 20.06
CA ASP B 178 -5.92 -27.45 20.52
C ASP B 178 -4.60 -27.32 21.28
N SER B 179 -4.63 -26.58 22.38
CA SER B 179 -3.46 -26.42 23.24
C SER B 179 -2.44 -25.35 22.80
N MET B 180 -1.22 -25.46 23.33
CA MET B 180 -0.23 -24.41 23.18
C MET B 180 1.17 -25.00 23.18
N MET B 181 2.15 -24.20 22.74
CA MET B 181 3.55 -24.67 22.72
C MET B 181 4.54 -23.67 23.31
N ALA B 182 5.39 -24.17 24.22
CA ALA B 182 6.35 -23.34 24.93
C ALA B 182 7.77 -23.61 24.43
N VAL B 183 8.53 -22.53 24.22
CA VAL B 183 9.89 -22.61 23.68
C VAL B 183 10.86 -21.79 24.55
N VAL B 184 12.08 -22.30 24.72
CA VAL B 184 13.14 -21.51 25.33
C VAL B 184 14.40 -21.74 24.51
N ASN B 185 14.97 -20.68 23.94
CA ASN B 185 16.20 -20.83 23.20
C ASN B 185 17.36 -20.47 24.09
N ILE B 186 18.03 -21.48 24.60
CA ILE B 186 19.18 -21.24 25.46
C ILE B 186 20.43 -20.95 24.60
N ALA B 187 21.18 -19.93 25.01
CA ALA B 187 22.41 -19.58 24.33
C ALA B 187 23.64 -19.87 25.19
N PHE B 188 24.60 -20.57 24.59
CA PHE B 188 25.92 -20.81 25.17
C PHE B 188 27.03 -20.23 24.32
N PRO B 189 28.23 -20.13 24.87
CA PRO B 189 29.41 -19.82 24.07
C PRO B 189 29.79 -21.04 23.26
N ILE B 190 30.29 -20.91 22.04
CA ILE B 190 30.84 -22.08 21.35
C ILE B 190 32.12 -22.51 22.06
N ASP B 191 32.87 -21.53 22.56
CA ASP B 191 33.95 -21.82 23.49
C ASP B 191 33.29 -22.48 24.69
N GLU B 192 32.79 -23.70 24.50
CA GLU B 192 32.09 -24.41 25.59
C GLU B 192 31.84 -25.89 25.31
N ASP B 193 31.70 -26.65 26.41
CA ASP B 193 31.46 -28.08 26.37
C ASP B 193 29.99 -28.33 26.05
N VAL B 194 29.70 -28.81 24.85
CA VAL B 194 28.32 -29.05 24.40
C VAL B 194 27.55 -30.10 25.18
N ASP B 195 28.19 -31.24 25.42
CA ASP B 195 27.51 -32.39 25.98
C ASP B 195 27.14 -32.20 27.45
N LYS B 196 27.95 -31.43 28.16
CA LYS B 196 27.68 -31.13 29.56
C LYS B 196 26.40 -30.29 29.68
N ILE B 197 26.29 -29.26 28.85
CA ILE B 197 25.09 -28.42 28.84
C ILE B 197 23.85 -29.14 28.31
N ILE B 198 24.00 -29.89 27.21
CA ILE B 198 22.89 -30.68 26.69
C ILE B 198 22.42 -31.73 27.75
N GLU B 199 23.38 -32.18 28.57
CA GLU B 199 23.10 -33.11 29.67
C GLU B 199 22.31 -32.43 30.77
N GLY B 200 22.74 -31.22 31.13
CA GLY B 200 22.05 -30.44 32.15
C GLY B 200 20.62 -30.07 31.77
N LEU B 201 20.46 -29.60 30.54
CA LEU B 201 19.13 -29.33 29.99
C LEU B 201 18.27 -30.59 29.97
N GLN B 202 18.89 -31.73 29.68
CA GLN B 202 18.18 -33.00 29.75
C GLN B 202 17.62 -33.19 31.15
N GLU B 203 18.47 -32.96 32.16
CA GLU B 203 18.08 -33.06 33.57
C GLU B 203 16.97 -32.07 33.95
N ILE B 204 17.00 -30.89 33.34
CA ILE B 204 15.96 -29.89 33.57
C ILE B 204 14.62 -30.29 32.97
N CYS B 205 14.62 -30.84 31.77
CA CYS B 205 13.39 -31.36 31.20
C CYS B 205 12.85 -32.44 32.11
N GLU B 206 13.75 -33.32 32.53
CA GLU B 206 13.41 -34.42 33.41
C GLU B 206 12.62 -33.86 34.59
N GLU B 207 13.24 -32.91 35.30
CA GLU B 207 12.64 -32.33 36.51
C GLU B 207 11.32 -31.56 36.28
N VAL B 208 11.24 -30.81 35.18
CA VAL B 208 10.03 -30.05 34.86
C VAL B 208 8.85 -30.95 34.53
N LYS B 209 9.11 -32.05 33.83
CA LYS B 209 8.07 -33.03 33.56
C LYS B 209 7.38 -33.42 34.85
N LYS B 210 8.08 -33.29 35.97
CA LYS B 210 7.61 -33.74 37.29
C LYS B 210 6.63 -32.80 38.00
N SER B 211 6.27 -31.69 37.35
CA SER B 211 5.35 -30.73 37.96
C SER B 211 4.31 -30.14 36.96
N ARG B 212 3.05 -30.39 37.29
CA ARG B 212 1.95 -30.52 36.33
C ARG B 212 1.38 -29.25 35.73
N GLY B 218 5.74 -32.32 26.39
CA GLY B 218 7.14 -32.02 26.63
C GLY B 218 7.58 -32.17 28.08
N PRO B 219 8.64 -31.43 28.52
CA PRO B 219 9.61 -30.63 27.75
C PRO B 219 10.84 -31.44 27.32
N THR B 220 11.36 -31.08 26.15
CA THR B 220 12.38 -31.88 25.47
C THR B 220 13.52 -31.02 24.94
N VAL B 221 14.71 -31.61 24.78
CA VAL B 221 15.86 -30.90 24.23
C VAL B 221 16.07 -31.22 22.75
N LEU B 222 15.52 -30.35 21.90
CA LEU B 222 15.77 -30.42 20.47
C LEU B 222 17.22 -29.99 20.26
N GLY B 223 17.87 -30.46 19.21
CA GLY B 223 19.30 -30.17 19.00
C GLY B 223 19.78 -28.72 19.07
N ILE B 224 21.04 -28.48 18.69
CA ILE B 224 21.51 -27.10 18.50
C ILE B 224 20.87 -26.44 17.26
N THR B 225 19.90 -25.56 17.52
CA THR B 225 19.08 -24.98 16.48
C THR B 225 19.75 -23.84 15.73
N ASP B 226 20.78 -23.22 16.31
CA ASP B 226 21.51 -22.18 15.55
C ASP B 226 22.98 -22.02 15.93
N MET B 227 23.83 -21.71 14.96
CA MET B 227 25.24 -21.51 15.27
C MET B 227 25.74 -20.13 14.86
N GLN B 228 26.20 -19.35 15.83
CA GLN B 228 26.60 -17.96 15.58
C GLN B 228 28.08 -17.66 15.88
N ASP B 229 28.44 -16.37 15.83
CA ASP B 229 29.84 -15.96 15.97
C ASP B 229 30.54 -16.54 17.18
N SER B 230 30.06 -16.18 18.37
CA SER B 230 30.62 -16.69 19.62
C SER B 230 29.60 -17.53 20.40
N LYS B 231 28.40 -17.66 19.85
CA LYS B 231 27.32 -18.37 20.53
C LYS B 231 26.92 -19.67 19.84
N LEU B 232 25.99 -20.37 20.47
CA LEU B 232 25.51 -21.66 20.02
C LEU B 232 24.16 -21.81 20.73
N VAL B 233 23.13 -22.14 19.98
CA VAL B 233 21.77 -22.03 20.51
C VAL B 233 20.97 -23.34 20.43
N ILE B 234 20.63 -23.85 21.61
CA ILE B 234 19.87 -25.09 21.78
C ILE B 234 18.51 -24.74 22.31
N MET B 235 17.45 -25.25 21.69
CA MET B 235 16.10 -24.92 22.16
C MET B 235 15.48 -26.09 22.87
N VAL B 236 14.78 -25.78 23.96
CA VAL B 236 13.93 -26.75 24.64
C VAL B 236 12.47 -26.34 24.42
N TYR B 237 11.61 -27.32 24.21
CA TYR B 237 10.22 -27.03 23.87
C TYR B 237 9.30 -28.05 24.51
N ALA B 238 8.09 -27.61 24.84
CA ALA B 238 7.13 -28.47 25.53
C ALA B 238 5.70 -28.12 25.11
N LYS B 239 4.86 -29.13 24.94
CA LYS B 239 3.46 -28.90 24.61
C LYS B 239 2.68 -28.71 25.91
N THR B 240 2.00 -27.57 26.02
CA THR B 240 1.35 -27.17 27.25
C THR B 240 -0.15 -26.88 27.08
N GLN B 241 -0.91 -27.17 28.14
CA GLN B 241 -2.34 -26.87 28.22
C GLN B 241 -2.59 -25.39 27.97
N PRO B 242 -3.78 -25.04 27.42
CA PRO B 242 -4.00 -23.65 27.01
C PRO B 242 -3.70 -22.62 28.10
N MET B 243 -2.71 -21.77 27.85
CA MET B 243 -2.30 -20.65 28.72
C MET B 243 -1.14 -20.96 29.70
N GLN B 244 -0.96 -22.23 30.07
CA GLN B 244 0.17 -22.61 30.95
C GLN B 244 1.54 -22.29 30.27
N LYS B 245 1.50 -21.77 29.04
CA LYS B 245 2.70 -21.63 28.22
C LYS B 245 3.81 -20.67 28.69
N TRP B 246 3.51 -19.37 28.76
CA TRP B 246 4.57 -18.41 29.02
C TRP B 246 5.10 -18.73 30.42
N ALA B 247 4.20 -19.29 31.23
CA ALA B 247 4.53 -19.73 32.58
C ALA B 247 5.59 -20.85 32.56
N VAL B 248 5.32 -21.91 31.81
CA VAL B 248 6.29 -22.98 31.63
C VAL B 248 7.61 -22.39 31.24
N GLU B 249 7.62 -21.56 30.19
CA GLU B 249 8.84 -20.91 29.72
C GLU B 249 9.64 -20.22 30.87
N ARG B 250 8.94 -19.50 31.75
CA ARG B 250 9.61 -18.84 32.88
C ARG B 250 10.20 -19.82 33.89
N ASP B 251 9.44 -20.88 34.15
CA ASP B 251 9.94 -21.96 34.98
C ASP B 251 11.27 -22.40 34.38
N ILE B 252 11.23 -22.79 33.11
CA ILE B 252 12.40 -23.28 32.38
C ILE B 252 13.60 -22.31 32.43
N ARG B 253 13.32 -21.01 32.30
CA ARG B 253 14.41 -20.05 32.33
C ARG B 253 15.08 -20.05 33.68
N TYR B 254 14.28 -19.92 34.74
CA TYR B 254 14.84 -19.97 36.10
C TYR B 254 15.72 -21.23 36.28
N ARG B 255 15.18 -22.38 35.86
CA ARG B 255 15.91 -23.63 35.92
C ARG B 255 17.24 -23.54 35.20
N VAL B 256 17.25 -22.96 34.01
CA VAL B 256 18.50 -22.85 33.23
C VAL B 256 19.52 -21.94 33.88
N LYS B 257 19.07 -20.81 34.44
CA LYS B 257 19.98 -19.92 35.17
C LYS B 257 20.62 -20.67 36.35
N LYS B 258 19.79 -21.29 37.18
CA LYS B 258 20.37 -21.99 38.32
C LYS B 258 21.30 -23.12 37.86
N MET B 259 20.93 -23.79 36.77
CA MET B 259 21.73 -24.89 36.24
C MET B 259 23.08 -24.36 35.78
N PHE B 260 23.07 -23.15 35.25
CA PHE B 260 24.30 -22.50 34.80
C PHE B 260 25.17 -22.17 35.98
N ASP B 261 24.54 -21.85 37.11
CA ASP B 261 25.30 -21.51 38.31
C ASP B 261 25.91 -22.74 38.97
N GLN B 262 25.16 -23.84 39.02
CA GLN B 262 25.64 -25.07 39.64
C GLN B 262 26.68 -25.78 38.80
N LYS B 263 26.33 -26.07 37.55
CA LYS B 263 27.25 -26.69 36.59
C LYS B 263 28.40 -25.74 36.21
N ASN B 264 28.35 -24.52 36.77
CA ASN B 264 29.40 -23.53 36.58
C ASN B 264 29.76 -23.17 35.14
N ILE B 265 28.86 -23.51 34.22
CA ILE B 265 29.05 -23.23 32.81
C ILE B 265 29.13 -21.72 32.57
N SER B 266 30.08 -21.30 31.75
CA SER B 266 30.31 -19.89 31.50
C SER B 266 29.24 -19.29 30.58
N PHE B 267 28.97 -18.00 30.76
CA PHE B 267 27.87 -17.32 30.07
C PHE B 267 28.19 -16.85 28.67
N PRO B 268 27.16 -16.79 27.82
CA PRO B 268 27.27 -16.45 26.40
C PRO B 268 27.68 -15.01 26.13
N TYR B 269 28.51 -14.41 26.98
CA TYR B 269 29.01 -13.06 26.72
C TYR B 269 29.60 -13.00 25.30
N PRO B 270 29.36 -11.89 24.60
CA PRO B 270 30.01 -11.73 23.30
C PRO B 270 31.47 -11.92 23.64
N ARG B 271 32.26 -12.48 22.73
CA ARG B 271 33.70 -12.34 22.80
C ARG B 271 34.48 -12.09 21.52
N THR B 272 35.47 -11.21 21.62
CA THR B 272 36.04 -10.41 20.56
C THR B 272 37.43 -10.86 20.95
N THR B 273 38.24 -11.23 19.96
CA THR B 273 39.69 -11.22 19.98
C THR B 273 40.37 -10.04 19.29
N VAL B 274 41.20 -9.31 20.03
CA VAL B 274 41.78 -8.07 19.53
C VAL B 274 43.25 -8.28 19.22
N ILE B 275 43.72 -7.54 18.24
CA ILE B 275 45.13 -7.54 17.89
C ILE B 275 45.65 -6.12 18.12
N LEU B 276 46.82 -6.02 18.75
CA LEU B 276 47.37 -4.72 19.10
C LEU B 276 48.39 -4.18 18.09
N SER B 277 48.35 -2.88 17.86
CA SER B 277 49.16 -2.25 16.82
C SER B 277 50.04 -1.13 17.37
N GLU B 278 51.30 -1.11 16.92
CA GLU B 278 52.28 -0.14 17.40
C GLU B 278 52.31 1.17 16.61
N LYS B 279 51.56 2.16 17.08
CA LYS B 279 51.51 3.46 16.41
C LYS B 279 51.44 4.63 17.42
N LYS B 280 50.92 5.77 16.98
CA LYS B 280 51.01 7.03 17.73
C LYS B 280 50.01 8.06 17.18
N THR B 281 50.44 9.33 17.12
CA THR B 281 49.68 10.39 16.45
C THR B 281 50.54 11.64 16.21
N TYR C 13 -63.37 -11.00 -19.49
CA TYR C 13 -62.39 -12.08 -19.63
C TYR C 13 -61.27 -11.73 -20.61
N ASP C 14 -61.49 -10.71 -21.42
CA ASP C 14 -60.46 -10.14 -22.32
C ASP C 14 -59.99 -11.04 -23.46
N ILE C 15 -59.00 -10.55 -24.21
CA ILE C 15 -58.47 -11.24 -25.38
C ILE C 15 -57.00 -11.62 -25.27
N LYS C 16 -56.27 -10.91 -24.40
CA LYS C 16 -54.85 -11.18 -24.20
C LYS C 16 -54.56 -12.50 -23.47
N ALA C 17 -55.39 -12.83 -22.50
CA ALA C 17 -55.18 -14.01 -21.66
C ALA C 17 -54.64 -15.23 -22.39
N VAL C 18 -54.75 -15.23 -23.71
CA VAL C 18 -54.21 -16.33 -24.48
C VAL C 18 -52.77 -15.95 -24.87
N LYS C 19 -52.59 -14.71 -25.30
CA LYS C 19 -51.25 -14.21 -25.63
C LYS C 19 -50.29 -14.30 -24.44
N PHE C 20 -50.74 -13.81 -23.29
CA PHE C 20 -50.00 -13.95 -22.05
C PHE C 20 -49.53 -15.40 -21.92
N LEU C 21 -50.46 -16.33 -22.04
CA LEU C 21 -50.09 -17.72 -21.95
C LEU C 21 -49.00 -18.07 -22.96
N LEU C 22 -49.10 -17.53 -24.17
CA LEU C 22 -48.08 -17.76 -25.19
C LEU C 22 -46.73 -17.25 -24.74
N ASP C 23 -46.75 -16.25 -23.88
CA ASP C 23 -45.51 -15.63 -23.44
C ASP C 23 -44.82 -16.43 -22.34
N VAL C 24 -45.56 -16.74 -21.28
CA VAL C 24 -44.99 -17.58 -20.23
C VAL C 24 -44.60 -18.92 -20.85
N LEU C 25 -45.36 -19.34 -21.87
CA LEU C 25 -45.03 -20.53 -22.63
C LEU C 25 -43.65 -20.38 -23.34
N LYS C 26 -43.53 -19.34 -24.16
CA LYS C 26 -42.30 -19.05 -24.88
C LYS C 26 -41.11 -19.11 -23.96
N ILE C 27 -41.22 -18.48 -22.80
CA ILE C 27 -40.12 -18.55 -21.84
C ILE C 27 -39.86 -19.99 -21.43
N LEU C 28 -40.91 -20.72 -21.03
CA LEU C 28 -40.66 -22.07 -20.54
C LEU C 28 -39.98 -22.92 -21.61
N ILE C 29 -40.51 -22.88 -22.84
CA ILE C 29 -40.00 -23.77 -23.87
C ILE C 29 -38.57 -23.36 -24.24
N ILE C 30 -38.30 -22.06 -24.29
CA ILE C 30 -36.92 -21.65 -24.59
C ILE C 30 -35.95 -22.09 -23.48
N ALA C 31 -36.37 -21.98 -22.23
CA ALA C 31 -35.52 -22.35 -21.09
C ALA C 31 -35.30 -23.84 -21.07
N PHE C 32 -36.31 -24.59 -21.51
CA PHE C 32 -36.21 -26.03 -21.56
C PHE C 32 -35.21 -26.43 -22.63
N ILE C 33 -35.43 -25.90 -23.84
CA ILE C 33 -34.51 -26.09 -24.95
C ILE C 33 -33.11 -25.73 -24.51
N GLY C 34 -32.99 -24.61 -23.81
CA GLY C 34 -31.71 -24.18 -23.32
C GLY C 34 -31.06 -25.21 -22.40
N ILE C 35 -31.79 -25.66 -21.39
CA ILE C 35 -31.23 -26.64 -20.46
C ILE C 35 -30.75 -27.85 -21.23
N LYS C 36 -31.65 -28.45 -22.01
CA LYS C 36 -31.27 -29.68 -22.73
C LYS C 36 -30.01 -29.47 -23.60
N PHE C 37 -29.99 -28.35 -24.31
CA PHE C 37 -28.87 -27.99 -25.19
C PHE C 37 -27.55 -27.84 -24.42
N ALA C 38 -27.63 -27.22 -23.26
CA ALA C 38 -26.45 -27.04 -22.44
C ALA C 38 -25.95 -28.38 -21.92
N ASP C 39 -26.89 -29.23 -21.52
CA ASP C 39 -26.57 -30.52 -20.95
C ASP C 39 -25.85 -31.30 -22.02
N PHE C 40 -26.28 -31.06 -23.26
CA PHE C 40 -25.65 -31.70 -24.41
C PHE C 40 -24.24 -31.19 -24.59
N LEU C 41 -24.09 -29.90 -24.83
CA LEU C 41 -22.77 -29.32 -25.07
C LEU C 41 -21.81 -29.67 -23.95
N ILE C 42 -22.33 -29.82 -22.73
CA ILE C 42 -21.52 -30.06 -21.53
C ILE C 42 -21.10 -31.48 -21.51
N TYR C 43 -22.02 -32.34 -21.91
CA TYR C 43 -21.71 -33.75 -22.06
C TYR C 43 -20.77 -34.03 -23.26
N ARG C 44 -20.62 -33.05 -24.15
CA ARG C 44 -19.68 -33.18 -25.26
C ARG C 44 -18.29 -32.64 -24.88
N PHE C 45 -18.22 -31.37 -24.48
CA PHE C 45 -16.99 -30.82 -23.89
C PHE C 45 -16.51 -31.77 -22.76
N TYR C 46 -17.38 -32.71 -22.40
CA TYR C 46 -17.08 -33.77 -21.43
C TYR C 46 -16.52 -34.94 -22.18
N LYS C 47 -17.31 -35.46 -23.12
CA LYS C 47 -16.89 -36.57 -23.98
C LYS C 47 -15.43 -36.46 -24.43
N LEU C 48 -15.06 -35.30 -24.97
CA LEU C 48 -13.68 -35.06 -25.45
C LEU C 48 -12.64 -35.16 -24.33
N TYR C 49 -12.52 -34.11 -23.52
CA TYR C 49 -11.51 -34.07 -22.46
C TYR C 49 -11.54 -35.30 -21.54
N SER C 50 -12.59 -36.12 -21.65
CA SER C 50 -12.73 -37.30 -20.80
C SER C 50 -12.24 -38.60 -21.43
N LYS C 51 -12.63 -38.86 -22.67
CA LYS C 51 -12.30 -40.14 -23.31
C LYS C 51 -10.84 -40.28 -23.76
N SER C 52 -10.16 -39.16 -23.94
CA SER C 52 -8.75 -39.18 -24.37
C SER C 52 -7.80 -39.31 -23.18
N LYS C 53 -8.26 -38.91 -21.99
CA LYS C 53 -7.47 -38.97 -20.78
C LYS C 53 -6.09 -38.35 -20.99
N ILE C 54 -6.09 -37.12 -21.51
CA ILE C 54 -4.86 -36.39 -21.79
C ILE C 54 -4.22 -35.87 -20.51
N GLN C 55 -5.05 -35.29 -19.64
CA GLN C 55 -4.60 -34.73 -18.37
C GLN C 55 -5.73 -34.79 -17.36
N LEU C 56 -5.44 -34.41 -16.11
CA LEU C 56 -6.45 -34.26 -15.06
C LEU C 56 -7.12 -35.59 -14.66
N PRO C 57 -6.84 -36.04 -13.42
CA PRO C 57 -7.48 -37.25 -12.88
C PRO C 57 -8.98 -37.09 -12.97
N GLN C 58 -9.72 -38.19 -13.02
CA GLN C 58 -11.18 -38.09 -13.14
C GLN C 58 -11.85 -37.38 -11.97
N ARG C 59 -11.55 -37.85 -10.76
CA ARG C 59 -12.10 -37.25 -9.54
C ARG C 59 -12.25 -35.70 -9.61
N LYS C 60 -11.31 -35.05 -10.29
CA LYS C 60 -11.35 -33.60 -10.42
C LYS C 60 -12.28 -33.14 -11.54
N ILE C 61 -12.02 -33.61 -12.75
CA ILE C 61 -12.83 -33.24 -13.92
C ILE C 61 -14.33 -33.56 -13.75
N ASP C 62 -14.64 -34.52 -12.89
CA ASP C 62 -16.03 -34.73 -12.49
C ASP C 62 -16.57 -33.55 -11.68
N THR C 63 -15.85 -33.16 -10.64
CA THR C 63 -16.19 -31.98 -9.84
C THR C 63 -16.33 -30.72 -10.71
N LEU C 64 -15.48 -30.61 -11.72
CA LEU C 64 -15.48 -29.49 -12.62
C LEU C 64 -16.70 -29.56 -13.57
N THR C 65 -17.01 -30.77 -14.00
CA THR C 65 -18.18 -30.95 -14.84
C THR C 65 -19.44 -30.54 -14.08
N SER C 66 -19.63 -31.04 -12.88
CA SER C 66 -20.82 -30.63 -12.14
C SER C 66 -20.82 -29.16 -11.76
N LEU C 67 -19.63 -28.59 -11.60
CA LEU C 67 -19.52 -27.14 -11.49
C LEU C 67 -20.18 -26.43 -12.67
N THR C 68 -19.76 -26.76 -13.91
CA THR C 68 -20.35 -26.15 -15.11
C THR C 68 -21.86 -26.40 -15.20
N LYS C 69 -22.26 -27.64 -14.94
CA LYS C 69 -23.68 -27.99 -14.95
C LYS C 69 -24.41 -27.03 -14.03
N ASN C 70 -24.09 -27.07 -12.75
CA ASN C 70 -24.76 -26.22 -11.78
C ASN C 70 -24.78 -24.75 -12.19
N ALA C 71 -23.64 -24.22 -12.65
CA ALA C 71 -23.55 -22.81 -13.07
C ALA C 71 -24.63 -22.52 -14.08
N VAL C 72 -24.65 -23.34 -15.13
CA VAL C 72 -25.60 -23.17 -16.22
C VAL C 72 -27.06 -23.30 -15.76
N ARG C 73 -27.32 -24.26 -14.87
CA ARG C 73 -28.67 -24.40 -14.30
C ARG C 73 -29.05 -23.13 -13.57
N TYR C 74 -28.20 -22.63 -12.70
CA TYR C 74 -28.55 -21.44 -11.93
C TYR C 74 -28.77 -20.25 -12.85
N ILE C 75 -27.94 -20.11 -13.88
CA ILE C 75 -28.14 -19.00 -14.80
C ILE C 75 -29.46 -19.12 -15.53
N ILE C 76 -29.80 -20.34 -15.93
CA ILE C 76 -31.02 -20.52 -16.68
C ILE C 76 -32.24 -20.28 -15.82
N TYR C 77 -32.26 -20.91 -14.65
CA TYR C 77 -33.30 -20.65 -13.66
C TYR C 77 -33.45 -19.15 -13.43
N PHE C 78 -32.34 -18.46 -13.19
CA PHE C 78 -32.49 -17.05 -12.94
C PHE C 78 -33.10 -16.33 -14.13
N LEU C 79 -32.58 -16.55 -15.32
CA LEU C 79 -33.11 -15.80 -16.46
C LEU C 79 -34.62 -16.07 -16.71
N ALA C 80 -35.03 -17.34 -16.65
CA ALA C 80 -36.43 -17.71 -16.88
C ALA C 80 -37.34 -17.12 -15.80
N GLY C 81 -36.91 -17.22 -14.55
CA GLY C 81 -37.65 -16.67 -13.45
C GLY C 81 -37.78 -15.16 -13.57
N ALA C 82 -36.67 -14.50 -13.83
CA ALA C 82 -36.69 -13.05 -13.93
C ALA C 82 -37.66 -12.65 -15.03
N SER C 83 -37.68 -13.42 -16.12
CA SER C 83 -38.50 -13.07 -17.29
C SER C 83 -40.01 -13.24 -17.05
N ILE C 84 -40.38 -14.34 -16.40
CA ILE C 84 -41.74 -14.55 -15.90
C ILE C 84 -42.18 -13.43 -14.92
N LEU C 85 -41.31 -13.12 -13.96
CA LEU C 85 -41.55 -12.00 -13.04
C LEU C 85 -41.84 -10.74 -13.82
N LYS C 86 -41.07 -10.50 -14.88
CA LYS C 86 -41.29 -9.32 -15.72
C LYS C 86 -42.70 -9.38 -16.27
N LEU C 87 -43.11 -10.58 -16.66
CA LEU C 87 -44.46 -10.86 -17.14
C LEU C 87 -45.57 -10.52 -16.12
N PHE C 88 -45.27 -10.65 -14.83
CA PHE C 88 -46.24 -10.26 -13.79
C PHE C 88 -46.06 -8.83 -13.25
N ASN C 89 -45.53 -7.95 -14.09
CA ASN C 89 -45.46 -6.52 -13.77
C ASN C 89 -44.38 -6.16 -12.75
N ILE C 90 -43.42 -7.06 -12.55
CA ILE C 90 -42.27 -6.82 -11.68
C ILE C 90 -41.27 -5.97 -12.42
N ASP C 91 -40.82 -4.87 -11.82
CA ASP C 91 -39.87 -3.98 -12.49
C ASP C 91 -38.42 -4.54 -12.55
N MET C 92 -37.90 -4.64 -13.77
CA MET C 92 -36.57 -5.21 -14.01
C MET C 92 -35.38 -4.31 -13.60
N THR C 93 -35.57 -3.01 -13.44
CA THR C 93 -34.49 -2.18 -12.90
C THR C 93 -34.30 -2.48 -11.43
N SER C 94 -35.39 -2.66 -10.70
CA SER C 94 -35.31 -2.98 -9.28
C SER C 94 -34.69 -4.34 -9.10
N LEU C 95 -35.13 -5.27 -9.94
CA LEU C 95 -34.52 -6.60 -10.04
C LEU C 95 -32.99 -6.47 -10.27
N LEU C 96 -32.59 -5.63 -11.22
CA LEU C 96 -31.18 -5.40 -11.49
C LEU C 96 -30.51 -4.95 -10.22
N ALA C 97 -31.14 -4.06 -9.48
CA ALA C 97 -30.52 -3.55 -8.27
C ALA C 97 -30.34 -4.68 -7.27
N VAL C 98 -31.19 -5.68 -7.31
CA VAL C 98 -30.95 -6.86 -6.46
C VAL C 98 -29.85 -7.77 -7.01
N ALA C 99 -30.10 -8.36 -8.19
CA ALA C 99 -29.20 -9.28 -8.90
C ALA C 99 -27.76 -8.77 -9.15
N GLY C 100 -27.64 -7.45 -9.28
CA GLY C 100 -26.36 -6.83 -9.47
C GLY C 100 -25.48 -6.89 -8.25
N ILE C 101 -26.05 -7.15 -7.08
CA ILE C 101 -25.18 -7.36 -5.93
C ILE C 101 -24.25 -8.53 -6.26
N GLY C 102 -24.79 -9.54 -6.89
CA GLY C 102 -23.99 -10.66 -7.29
C GLY C 102 -23.23 -10.37 -8.54
N SER C 103 -23.80 -9.59 -9.48
CA SER C 103 -23.03 -9.24 -10.68
C SER C 103 -21.69 -8.62 -10.26
N LEU C 104 -21.78 -7.59 -9.42
CA LEU C 104 -20.63 -6.92 -8.83
C LEU C 104 -19.68 -7.80 -7.98
N ALA C 105 -20.24 -8.54 -7.05
CA ALA C 105 -19.42 -9.40 -6.23
C ALA C 105 -18.67 -10.43 -7.05
N ILE C 106 -19.36 -11.19 -7.90
CA ILE C 106 -18.68 -12.19 -8.73
C ILE C 106 -17.74 -11.53 -9.73
N GLY C 107 -18.25 -10.53 -10.45
CA GLY C 107 -17.46 -9.82 -11.46
C GLY C 107 -16.11 -9.32 -10.94
N PHE C 108 -16.15 -8.51 -9.89
CA PHE C 108 -14.93 -8.04 -9.29
C PHE C 108 -14.10 -9.10 -8.58
N GLY C 109 -14.73 -10.17 -8.09
CA GLY C 109 -13.92 -11.21 -7.48
C GLY C 109 -13.09 -11.97 -8.51
N ALA C 110 -13.75 -12.30 -9.63
CA ALA C 110 -13.15 -13.01 -10.71
C ALA C 110 -12.13 -12.19 -11.50
N GLN C 111 -12.19 -10.86 -11.37
CA GLN C 111 -11.22 -10.02 -12.07
C GLN C 111 -9.80 -10.54 -11.89
N ASN C 112 -9.41 -10.86 -10.66
CA ASN C 112 -8.07 -11.40 -10.39
C ASN C 112 -7.68 -12.66 -11.17
N LEU C 113 -8.52 -13.67 -11.12
CA LEU C 113 -8.41 -14.78 -12.07
C LEU C 113 -8.11 -14.36 -13.54
N VAL C 114 -8.94 -13.49 -14.11
CA VAL C 114 -8.67 -12.98 -15.47
C VAL C 114 -7.25 -12.35 -15.60
N LYS C 115 -6.83 -11.68 -14.53
CA LYS C 115 -5.51 -11.03 -14.47
C LYS C 115 -4.40 -12.08 -14.56
N ASP C 116 -4.45 -13.05 -13.64
CA ASP C 116 -3.50 -14.14 -13.64
C ASP C 116 -3.39 -14.69 -15.04
N MET C 117 -4.53 -14.96 -15.68
CA MET C 117 -4.45 -15.62 -16.97
C MET C 117 -3.82 -14.77 -18.05
N ILE C 118 -4.21 -13.50 -18.14
CA ILE C 118 -3.61 -12.66 -19.18
C ILE C 118 -2.09 -12.61 -18.97
N SER C 119 -1.70 -12.40 -17.72
CA SER C 119 -0.30 -12.43 -17.28
C SER C 119 0.46 -13.70 -17.75
N GLY C 120 -0.09 -14.88 -17.42
CA GLY C 120 0.48 -16.14 -17.84
C GLY C 120 0.58 -16.24 -19.34
N PHE C 121 -0.52 -15.91 -20.03
CA PHE C 121 -0.50 -15.82 -21.49
C PHE C 121 0.70 -15.05 -22.06
N PHE C 122 1.00 -13.87 -21.52
CA PHE C 122 2.20 -13.20 -21.98
C PHE C 122 3.52 -13.89 -21.56
N ILE C 123 3.65 -14.29 -20.30
CA ILE C 123 4.86 -14.98 -19.86
C ILE C 123 5.23 -16.09 -20.84
N ILE C 124 4.24 -16.88 -21.24
CA ILE C 124 4.44 -17.94 -22.21
C ILE C 124 4.68 -17.42 -23.63
N PHE C 125 3.72 -16.68 -24.15
CA PHE C 125 3.77 -16.22 -25.52
C PHE C 125 5.02 -15.41 -25.78
N GLU C 126 5.62 -14.82 -24.76
CA GLU C 126 6.84 -14.05 -24.95
C GLU C 126 8.11 -14.80 -24.47
N ASP C 127 7.97 -16.11 -24.26
CA ASP C 127 9.06 -16.90 -23.70
C ASP C 127 9.93 -16.13 -22.71
N GLN C 128 9.30 -15.52 -21.72
CA GLN C 128 10.01 -14.76 -20.70
C GLN C 128 10.95 -15.69 -19.94
N PHE C 129 10.52 -16.93 -19.72
CA PHE C 129 11.40 -17.96 -19.15
C PHE C 129 10.91 -19.39 -19.52
N SER C 130 11.85 -20.24 -19.93
CA SER C 130 11.55 -21.60 -20.34
C SER C 130 11.44 -22.55 -19.16
N VAL C 131 10.70 -23.64 -19.34
CA VAL C 131 10.39 -24.60 -18.28
C VAL C 131 11.61 -25.19 -17.56
N GLY C 132 12.70 -24.43 -17.43
CA GLY C 132 13.91 -24.97 -16.83
C GLY C 132 14.98 -24.02 -16.31
N ASP C 133 14.93 -22.75 -16.67
CA ASP C 133 15.97 -21.81 -16.21
C ASP C 133 15.78 -21.28 -14.78
N TYR C 134 16.81 -20.62 -14.26
CA TYR C 134 16.78 -20.14 -12.89
C TYR C 134 16.48 -18.65 -12.88
N VAL C 135 15.33 -18.29 -12.33
CA VAL C 135 14.87 -16.91 -12.37
C VAL C 135 14.67 -16.33 -10.99
N THR C 136 14.40 -15.04 -10.93
CA THR C 136 13.94 -14.47 -9.69
C THR C 136 12.77 -13.54 -9.95
N ILE C 137 11.70 -13.80 -9.21
CA ILE C 137 10.41 -13.21 -9.44
C ILE C 137 9.93 -12.68 -8.10
N ASN C 138 9.82 -11.37 -7.97
CA ASN C 138 9.35 -10.81 -6.72
C ASN C 138 10.22 -11.20 -5.52
N GLY C 139 11.51 -10.87 -5.57
CA GLY C 139 12.42 -11.10 -4.46
C GLY C 139 12.55 -12.56 -4.05
N ILE C 140 12.02 -13.44 -4.89
CA ILE C 140 12.08 -14.88 -4.65
C ILE C 140 12.72 -15.56 -5.83
N SER C 141 13.86 -16.20 -5.61
CA SER C 141 14.60 -16.81 -6.69
C SER C 141 14.53 -18.31 -6.63
N GLY C 142 14.59 -18.96 -7.78
CA GLY C 142 14.56 -20.41 -7.85
C GLY C 142 14.54 -20.96 -9.28
N THR C 143 14.48 -22.27 -9.43
CA THR C 143 14.44 -22.88 -10.75
C THR C 143 13.00 -23.10 -11.17
N VAL C 144 12.59 -22.63 -12.35
CA VAL C 144 11.21 -22.86 -12.78
C VAL C 144 10.98 -24.34 -13.12
N GLU C 145 9.93 -24.91 -12.53
CA GLU C 145 9.61 -26.32 -12.69
C GLU C 145 8.37 -26.47 -13.53
N GLU C 146 7.38 -25.62 -13.27
CA GLU C 146 6.13 -25.67 -14.04
C GLU C 146 5.70 -24.27 -14.50
N ILE C 147 5.13 -24.18 -15.69
CA ILE C 147 4.57 -22.92 -16.14
C ILE C 147 3.17 -23.14 -16.66
N GLY C 148 2.17 -23.07 -15.77
CA GLY C 148 0.79 -23.00 -16.20
C GLY C 148 0.45 -21.59 -16.66
N LEU C 149 -0.77 -21.34 -17.12
CA LEU C 149 -1.13 -19.96 -17.41
C LEU C 149 -1.83 -19.25 -16.27
N ARG C 150 -2.11 -19.95 -15.18
CA ARG C 150 -2.59 -19.26 -13.99
C ARG C 150 -1.53 -19.18 -12.92
N VAL C 151 -0.53 -20.05 -12.97
CA VAL C 151 0.46 -20.11 -11.92
C VAL C 151 1.83 -20.53 -12.43
N THR C 152 2.87 -19.87 -11.95
CA THR C 152 4.23 -20.34 -12.17
C THR C 152 4.77 -21.00 -10.90
N LYS C 153 5.41 -22.16 -11.06
CA LYS C 153 6.02 -22.86 -9.93
C LYS C 153 7.54 -22.84 -10.05
N ILE C 154 8.19 -22.43 -8.97
CA ILE C 154 9.62 -22.19 -8.95
C ILE C 154 10.18 -22.76 -7.67
N ARG C 155 11.16 -23.64 -7.76
CA ARG C 155 11.74 -24.20 -6.55
C ARG C 155 13.16 -23.71 -6.37
N GLY C 156 13.40 -22.90 -5.34
CA GLY C 156 14.75 -22.51 -5.01
C GLY C 156 15.37 -23.70 -4.31
N PHE C 157 16.69 -23.82 -4.28
CA PHE C 157 17.26 -24.89 -3.47
C PHE C 157 17.28 -24.41 -2.01
N SER C 158 16.98 -25.34 -1.09
CA SER C 158 16.97 -25.04 0.36
C SER C 158 15.80 -24.20 0.82
N ASP C 159 14.86 -24.00 -0.09
CA ASP C 159 13.89 -22.92 0.04
C ASP C 159 12.42 -23.37 -0.16
N GLY C 160 12.23 -24.50 -0.82
CA GLY C 160 10.90 -25.04 -1.06
C GLY C 160 10.33 -24.66 -2.40
N LEU C 161 9.22 -25.30 -2.75
CA LEU C 161 8.52 -25.03 -4.01
C LEU C 161 7.56 -23.88 -3.85
N HIS C 162 7.77 -22.84 -4.65
CA HIS C 162 6.94 -21.64 -4.61
C HIS C 162 5.91 -21.67 -5.74
N ILE C 163 4.65 -21.54 -5.37
CA ILE C 163 3.58 -21.46 -6.33
C ILE C 163 3.12 -20.03 -6.35
N ILE C 164 3.31 -19.36 -7.47
CA ILE C 164 3.03 -17.95 -7.57
C ILE C 164 2.01 -17.70 -8.65
N PRO C 165 0.87 -17.10 -8.28
CA PRO C 165 -0.19 -16.73 -9.23
C PRO C 165 0.37 -15.78 -10.26
N ASN C 166 0.20 -16.04 -11.54
CA ASN C 166 0.83 -15.22 -12.57
C ASN C 166 0.59 -13.73 -12.47
N GLY C 167 -0.60 -13.34 -12.02
CA GLY C 167 -0.95 -11.93 -11.89
C GLY C 167 -0.08 -11.15 -10.92
N GLU C 168 0.41 -11.82 -9.87
CA GLU C 168 1.23 -11.19 -8.85
C GLU C 168 2.61 -10.82 -9.37
N ILE C 169 3.03 -11.40 -10.50
CA ILE C 169 4.34 -11.11 -11.08
C ILE C 169 4.42 -9.65 -11.55
N LYS C 170 5.16 -8.81 -10.81
CA LYS C 170 5.26 -7.38 -11.15
C LYS C 170 6.48 -7.18 -12.01
N MET C 171 7.45 -8.06 -11.81
CA MET C 171 8.63 -8.06 -12.63
C MET C 171 9.24 -9.44 -12.52
N VAL C 172 9.82 -9.91 -13.63
CA VAL C 172 10.52 -11.20 -13.65
C VAL C 172 11.88 -10.94 -14.18
N THR C 173 12.88 -11.07 -13.31
CA THR C 173 14.26 -10.99 -13.73
C THR C 173 14.79 -12.41 -14.02
N ASN C 174 15.32 -12.61 -15.22
CA ASN C 174 15.86 -13.92 -15.60
C ASN C 174 17.37 -13.91 -15.37
N LEU C 175 17.89 -14.93 -14.70
CA LEU C 175 19.33 -14.94 -14.37
C LEU C 175 20.17 -15.70 -15.36
N THR C 176 19.53 -16.47 -16.24
CA THR C 176 20.25 -17.40 -17.10
C THR C 176 19.97 -17.22 -18.61
N LYS C 177 19.77 -15.99 -19.04
CA LYS C 177 19.51 -15.69 -20.45
C LYS C 177 20.78 -15.79 -21.32
N ASP C 178 21.03 -14.74 -22.10
CA ASP C 178 22.27 -14.65 -22.86
C ASP C 178 23.43 -14.71 -21.88
N SER C 179 23.54 -15.83 -21.15
CA SER C 179 24.64 -16.07 -20.22
C SER C 179 24.49 -15.48 -18.82
N MET C 180 25.61 -15.36 -18.11
CA MET C 180 25.57 -14.98 -16.71
C MET C 180 26.83 -14.21 -16.32
N MET C 181 26.81 -13.55 -15.16
CA MET C 181 27.97 -12.77 -14.73
C MET C 181 28.34 -13.02 -13.27
N ALA C 182 29.62 -13.29 -13.04
CA ALA C 182 30.12 -13.62 -11.72
C ALA C 182 30.93 -12.48 -11.16
N VAL C 183 30.72 -12.20 -9.88
CA VAL C 183 31.40 -11.10 -9.21
C VAL C 183 31.98 -11.58 -7.88
N VAL C 184 33.09 -11.00 -7.48
CA VAL C 184 33.61 -11.21 -6.14
C VAL C 184 34.17 -9.87 -5.70
N ASN C 185 33.64 -9.33 -4.60
CA ASN C 185 34.20 -8.12 -4.02
C ASN C 185 35.21 -8.42 -2.91
N ILE C 186 36.49 -8.34 -3.24
CA ILE C 186 37.52 -8.61 -2.27
C ILE C 186 37.73 -7.36 -1.40
N ALA C 187 37.79 -7.57 -0.08
CA ALA C 187 38.07 -6.49 0.86
C ALA C 187 39.47 -6.57 1.49
N PHE C 188 40.22 -5.46 1.41
CA PHE C 188 41.53 -5.32 2.06
C PHE C 188 41.49 -4.20 3.08
N PRO C 189 42.51 -4.11 3.93
CA PRO C 189 42.69 -2.94 4.78
C PRO C 189 43.23 -1.79 3.93
N ILE C 190 42.85 -0.55 4.19
CA ILE C 190 43.55 0.55 3.52
C ILE C 190 44.97 0.61 4.04
N ASP C 191 45.16 0.30 5.32
CA ASP C 191 46.50 0.07 5.84
C ASP C 191 47.04 -1.14 5.08
N GLU C 192 47.35 -0.96 3.80
CA GLU C 192 47.85 -2.05 2.95
C GLU C 192 48.41 -1.61 1.60
N ASP C 193 49.27 -2.46 1.06
CA ASP C 193 49.90 -2.22 -0.23
C ASP C 193 48.94 -2.58 -1.36
N VAL C 194 48.45 -1.56 -2.08
CA VAL C 194 47.45 -1.77 -3.13
C VAL C 194 47.93 -2.58 -4.31
N ASP C 195 49.12 -2.25 -4.80
CA ASP C 195 49.62 -2.80 -6.05
C ASP C 195 50.00 -4.27 -5.94
N LYS C 196 50.42 -4.68 -4.74
CA LYS C 196 50.76 -6.07 -4.48
C LYS C 196 49.51 -6.95 -4.57
N ILE C 197 48.43 -6.49 -3.94
CA ILE C 197 47.18 -7.23 -4.00
C ILE C 197 46.55 -7.21 -5.38
N ILE C 198 46.55 -6.05 -6.03
CA ILE C 198 45.99 -5.94 -7.37
C ILE C 198 46.79 -6.84 -8.33
N GLU C 199 48.08 -6.99 -8.04
CA GLU C 199 48.98 -7.86 -8.80
C GLU C 199 48.62 -9.33 -8.59
N GLY C 200 48.35 -9.67 -7.33
CA GLY C 200 47.97 -11.02 -6.96
C GLY C 200 46.65 -11.45 -7.59
N LEU C 201 45.68 -10.56 -7.54
CA LEU C 201 44.38 -10.78 -8.15
C LEU C 201 44.50 -10.89 -9.66
N GLN C 202 45.45 -10.13 -10.22
CA GLN C 202 45.74 -10.25 -11.64
C GLN C 202 46.17 -11.67 -11.93
N GLU C 203 47.12 -12.18 -11.13
CA GLU C 203 47.61 -13.56 -11.26
C GLU C 203 46.51 -14.63 -11.10
N ILE C 204 45.55 -14.36 -10.21
CA ILE C 204 44.39 -15.23 -10.04
C ILE C 204 43.41 -15.23 -11.23
N CYS C 205 43.18 -14.06 -11.82
CA CYS C 205 42.37 -14.05 -13.03
C CYS C 205 43.12 -14.86 -14.08
N GLU C 206 44.41 -14.59 -14.22
CA GLU C 206 45.27 -15.29 -15.17
C GLU C 206 45.03 -16.79 -15.05
N GLU C 207 45.25 -17.32 -13.84
CA GLU C 207 45.09 -18.76 -13.57
C GLU C 207 43.67 -19.32 -13.77
N VAL C 208 42.65 -18.55 -13.39
CA VAL C 208 41.28 -19.02 -13.53
C VAL C 208 40.89 -19.13 -14.99
N LYS C 209 41.37 -18.19 -15.80
CA LYS C 209 41.08 -18.19 -17.22
C LYS C 209 41.47 -19.56 -17.80
N LYS C 210 42.42 -20.22 -17.14
CA LYS C 210 43.00 -21.47 -17.63
C LYS C 210 42.16 -22.73 -17.35
N SER C 211 40.98 -22.57 -16.78
CA SER C 211 40.13 -23.72 -16.47
C SER C 211 38.63 -23.47 -16.75
N ARG C 212 38.09 -24.29 -17.65
CA ARG C 212 36.96 -23.97 -18.54
C ARG C 212 35.56 -24.00 -17.95
N GLY C 218 35.59 -13.20 -18.97
CA GLY C 218 36.49 -12.86 -17.87
C GLY C 218 37.58 -13.90 -17.55
N PRO C 219 38.07 -13.93 -16.28
CA PRO C 219 37.84 -13.00 -15.17
C PRO C 219 38.88 -11.88 -15.13
N THR C 220 38.44 -10.70 -14.69
CA THR C 220 39.25 -9.50 -14.80
C THR C 220 39.20 -8.68 -13.51
N VAL C 221 40.23 -7.85 -13.31
CA VAL C 221 40.32 -7.01 -12.12
C VAL C 221 39.87 -5.58 -12.42
N LEU C 222 38.61 -5.28 -12.12
CA LEU C 222 38.09 -3.92 -12.21
C LEU C 222 38.67 -3.16 -11.04
N GLY C 223 38.85 -1.84 -11.17
CA GLY C 223 39.52 -1.06 -10.12
C GLY C 223 39.04 -1.21 -8.68
N ILE C 224 39.49 -0.33 -7.79
CA ILE C 224 38.95 -0.28 -6.43
C ILE C 224 37.54 0.31 -6.43
N THR C 225 36.57 -0.57 -6.30
CA THR C 225 35.18 -0.20 -6.44
C THR C 225 34.59 0.54 -5.23
N ASP C 226 35.18 0.41 -4.05
CA ASP C 226 34.70 1.22 -2.92
C ASP C 226 35.74 1.52 -1.86
N MET C 227 35.63 2.68 -1.23
CA MET C 227 36.59 3.02 -0.19
C MET C 227 35.92 3.33 1.15
N GLN C 228 36.24 2.54 2.18
CA GLN C 228 35.59 2.67 3.48
C GLN C 228 36.54 2.99 4.63
N ASP C 229 36.01 2.96 5.85
CA ASP C 229 36.74 3.41 7.03
C ASP C 229 38.13 2.80 7.15
N SER C 230 38.19 1.49 7.29
CA SER C 230 39.46 0.79 7.40
C SER C 230 39.66 -0.18 6.22
N LYS C 231 38.68 -0.24 5.34
CA LYS C 231 38.72 -1.16 4.21
C LYS C 231 38.85 -0.48 2.86
N LEU C 232 38.96 -1.31 1.83
CA LEU C 232 39.20 -0.89 0.46
C LEU C 232 38.75 -2.08 -0.38
N VAL C 233 37.91 -1.84 -1.36
CA VAL C 233 37.23 -2.94 -2.01
C VAL C 233 37.44 -2.97 -3.51
N ILE C 234 38.12 -4.03 -3.97
CA ILE C 234 38.39 -4.26 -5.38
C ILE C 234 37.59 -5.46 -5.88
N MET C 235 36.87 -5.31 -6.99
CA MET C 235 36.03 -6.41 -7.44
C MET C 235 36.63 -7.06 -8.65
N VAL C 236 36.55 -8.38 -8.70
CA VAL C 236 36.89 -9.13 -9.91
C VAL C 236 35.60 -9.70 -10.48
N TYR C 237 35.48 -9.70 -11.80
CA TYR C 237 34.25 -10.14 -12.44
C TYR C 237 34.54 -10.92 -13.72
N ALA C 238 33.64 -11.84 -14.07
CA ALA C 238 33.84 -12.70 -15.21
C ALA C 238 32.51 -13.09 -15.83
N LYS C 239 32.45 -13.10 -17.16
CA LYS C 239 31.23 -13.53 -17.86
C LYS C 239 31.28 -15.05 -17.99
N THR C 240 30.25 -15.71 -17.47
CA THR C 240 30.22 -17.18 -17.43
C THR C 240 28.98 -17.80 -18.09
N GLN C 241 29.16 -19.00 -18.62
CA GLN C 241 28.09 -19.77 -19.25
C GLN C 241 26.93 -19.97 -18.28
N PRO C 242 25.69 -20.10 -18.79
CA PRO C 242 24.54 -20.15 -17.88
C PRO C 242 24.70 -21.16 -16.74
N MET C 243 24.71 -20.65 -15.51
CA MET C 243 24.78 -21.46 -14.29
C MET C 243 26.21 -21.72 -13.71
N GLN C 244 27.25 -21.70 -14.55
CA GLN C 244 28.62 -21.85 -14.06
C GLN C 244 28.98 -20.70 -13.07
N LYS C 245 28.04 -19.80 -12.80
CA LYS C 245 28.33 -18.53 -12.10
C LYS C 245 28.77 -18.59 -10.63
N TRP C 246 27.85 -19.04 -9.77
CA TRP C 246 28.13 -18.99 -8.33
C TRP C 246 29.34 -19.89 -8.10
N ALA C 247 29.46 -20.89 -8.98
CA ALA C 247 30.59 -21.80 -8.96
C ALA C 247 31.90 -21.06 -9.21
N VAL C 248 31.96 -20.30 -10.30
CA VAL C 248 33.15 -19.50 -10.60
C VAL C 248 33.51 -18.64 -9.38
N GLU C 249 32.49 -17.96 -8.84
CA GLU C 249 32.69 -17.10 -7.66
C GLU C 249 33.37 -17.84 -6.51
N ARG C 250 32.93 -19.07 -6.24
CA ARG C 250 33.54 -19.89 -5.19
C ARG C 250 35.00 -20.27 -5.48
N ASP C 251 35.24 -20.66 -6.73
CA ASP C 251 36.60 -20.89 -7.18
C ASP C 251 37.44 -19.66 -6.81
N ILE C 252 37.02 -18.50 -7.30
CA ILE C 252 37.74 -17.24 -7.10
C ILE C 252 37.97 -16.92 -5.63
N ARG C 253 36.99 -17.22 -4.78
CA ARG C 253 37.13 -16.95 -3.34
C ARG C 253 38.22 -17.81 -2.75
N TYR C 254 38.17 -19.12 -3.03
CA TYR C 254 39.21 -20.03 -2.56
C TYR C 254 40.58 -19.51 -2.99
N ARG C 255 40.67 -19.14 -4.25
CA ARG C 255 41.91 -18.58 -4.79
C ARG C 255 42.37 -17.36 -4.01
N VAL C 256 41.45 -16.46 -3.68
CA VAL C 256 41.81 -15.24 -2.98
C VAL C 256 42.27 -15.50 -1.55
N LYS C 257 41.63 -16.45 -0.87
CA LYS C 257 42.06 -16.85 0.47
C LYS C 257 43.49 -17.38 0.41
N LYS C 258 43.74 -18.38 -0.45
CA LYS C 258 45.08 -18.94 -0.53
C LYS C 258 46.10 -17.88 -0.92
N MET C 259 45.73 -16.99 -1.83
CA MET C 259 46.61 -15.91 -2.28
C MET C 259 46.94 -14.99 -1.11
N PHE C 260 45.97 -14.83 -0.22
CA PHE C 260 46.16 -14.01 0.99
C PHE C 260 47.15 -14.67 1.92
N ASP C 261 47.11 -16.01 1.95
CA ASP C 261 48.01 -16.75 2.81
C ASP C 261 49.44 -16.76 2.29
N GLN C 262 49.61 -16.92 0.98
CA GLN C 262 50.95 -16.98 0.38
C GLN C 262 51.64 -15.61 0.32
N LYS C 263 50.95 -14.64 -0.28
CA LYS C 263 51.44 -13.27 -0.33
C LYS C 263 51.43 -12.61 1.06
N ASN C 264 50.96 -13.36 2.05
CA ASN C 264 51.00 -12.94 3.44
C ASN C 264 50.32 -11.59 3.73
N ILE C 265 49.47 -11.16 2.81
CA ILE C 265 48.74 -9.90 2.97
C ILE C 265 47.82 -9.99 4.18
N SER C 266 47.78 -8.92 4.98
CA SER C 266 46.98 -8.89 6.21
C SER C 266 45.49 -8.72 5.94
N PHE C 267 44.66 -9.30 6.82
CA PHE C 267 43.21 -9.36 6.62
C PHE C 267 42.44 -8.10 7.00
N PRO C 268 41.31 -7.88 6.34
CA PRO C 268 40.48 -6.67 6.47
C PRO C 268 39.77 -6.54 7.81
N TYR C 269 40.39 -7.02 8.88
CA TYR C 269 39.84 -6.83 10.22
C TYR C 269 39.52 -5.36 10.44
N PRO C 270 38.35 -5.08 11.07
CA PRO C 270 38.06 -3.68 11.42
C PRO C 270 39.35 -3.29 12.11
N ARG C 271 39.66 -2.00 12.10
CA ARG C 271 40.57 -1.42 13.08
C ARG C 271 40.14 -0.08 13.63
N THR C 272 40.49 0.16 14.88
CA THR C 272 39.88 1.17 15.72
C THR C 272 41.27 1.58 16.15
N THR C 273 41.48 2.88 16.32
CA THR C 273 42.46 3.52 17.20
C THR C 273 41.82 4.12 18.45
N VAL C 274 42.35 3.77 19.62
CA VAL C 274 41.77 4.22 20.88
C VAL C 274 42.68 5.21 21.57
N ILE C 275 42.07 6.13 22.28
CA ILE C 275 42.82 7.08 23.09
C ILE C 275 42.48 6.83 24.56
N LEU C 276 43.50 6.78 25.42
CA LEU C 276 43.28 6.48 26.84
C LEU C 276 43.16 7.70 27.74
N SER C 277 42.26 7.61 28.71
CA SER C 277 41.92 8.74 29.57
C SER C 277 42.14 8.43 31.05
N GLU C 278 42.72 9.38 31.76
CA GLU C 278 43.04 9.22 33.17
C GLU C 278 41.89 9.65 34.09
N LYS C 279 41.07 8.69 34.51
CA LYS C 279 39.95 8.99 35.42
C LYS C 279 39.73 7.85 36.44
N LYS C 280 38.53 7.75 36.98
CA LYS C 280 38.24 6.88 38.13
C LYS C 280 36.73 6.67 38.28
N THR C 281 36.25 6.64 39.52
CA THR C 281 34.83 6.64 39.81
C THR C 281 34.55 6.97 41.28
N TYR D 13 -41.67 9.01 -52.08
CA TYR D 13 -40.98 10.18 -51.51
C TYR D 13 -41.39 10.44 -50.07
N ASP D 14 -42.50 9.83 -49.66
CA ASP D 14 -42.95 9.84 -48.25
C ASP D 14 -43.37 11.21 -47.71
N ILE D 15 -43.68 11.24 -46.42
CA ILE D 15 -44.20 12.43 -45.75
C ILE D 15 -43.28 12.92 -44.62
N LYS D 16 -42.46 12.02 -44.10
CA LYS D 16 -41.57 12.35 -42.98
C LYS D 16 -40.41 13.26 -43.37
N ALA D 17 -39.89 13.05 -44.58
CA ALA D 17 -38.70 13.76 -45.05
C ALA D 17 -38.67 15.25 -44.71
N VAL D 18 -39.81 15.81 -44.32
CA VAL D 18 -39.85 17.20 -43.89
C VAL D 18 -39.65 17.23 -42.38
N LYS D 19 -40.30 16.32 -41.67
CA LYS D 19 -40.15 16.19 -40.24
C LYS D 19 -38.70 15.90 -39.86
N PHE D 20 -38.11 14.92 -40.56
CA PHE D 20 -36.70 14.61 -40.41
C PHE D 20 -35.89 15.91 -40.44
N LEU D 21 -36.11 16.67 -41.50
CA LEU D 21 -35.41 17.95 -41.64
C LEU D 21 -35.66 18.86 -40.43
N LEU D 22 -36.89 18.87 -39.92
CA LEU D 22 -37.19 19.65 -38.72
C LEU D 22 -36.36 19.16 -37.53
N ASP D 23 -35.95 17.90 -37.58
CA ASP D 23 -35.25 17.31 -36.46
C ASP D 23 -33.77 17.65 -36.50
N VAL D 24 -33.13 17.38 -37.62
CA VAL D 24 -31.73 17.81 -37.76
C VAL D 24 -31.62 19.34 -37.60
N LEU D 25 -32.69 20.02 -38.01
CA LEU D 25 -32.76 21.45 -37.84
C LEU D 25 -32.78 21.79 -36.35
N LYS D 26 -33.75 21.24 -35.62
CA LYS D 26 -33.87 21.47 -34.19
C LYS D 26 -32.53 21.31 -33.49
N ILE D 27 -31.79 20.24 -33.83
CA ILE D 27 -30.48 20.03 -33.20
C ILE D 27 -29.54 21.17 -33.56
N LEU D 28 -29.45 21.50 -34.85
CA LEU D 28 -28.54 22.57 -35.25
C LEU D 28 -28.84 23.93 -34.59
N ILE D 29 -30.11 24.32 -34.56
CA ILE D 29 -30.47 25.60 -33.96
C ILE D 29 -30.29 25.61 -32.44
N ILE D 30 -30.64 24.51 -31.78
CA ILE D 30 -30.35 24.42 -30.33
C ILE D 30 -28.85 24.48 -30.03
N ALA D 31 -28.04 23.79 -30.84
CA ALA D 31 -26.59 23.75 -30.63
C ALA D 31 -25.97 25.10 -30.88
N PHE D 32 -26.57 25.84 -31.82
CA PHE D 32 -26.08 27.17 -32.17
C PHE D 32 -26.40 28.13 -31.03
N ILE D 33 -27.67 28.16 -30.64
CA ILE D 33 -28.09 28.92 -29.48
C ILE D 33 -27.18 28.60 -28.30
N GLY D 34 -26.93 27.32 -28.12
CA GLY D 34 -26.07 26.84 -27.05
C GLY D 34 -24.69 27.47 -27.13
N ILE D 35 -24.03 27.35 -28.28
CA ILE D 35 -22.70 27.93 -28.42
C ILE D 35 -22.73 29.40 -28.08
N LYS D 36 -23.62 30.16 -28.72
CA LYS D 36 -23.60 31.61 -28.52
C LYS D 36 -23.84 31.98 -27.06
N PHE D 37 -24.79 31.27 -26.44
CA PHE D 37 -25.11 31.48 -25.02
C PHE D 37 -23.92 31.18 -24.09
N ALA D 38 -23.17 30.13 -24.40
CA ALA D 38 -22.00 29.74 -23.62
C ALA D 38 -20.89 30.77 -23.79
N ASP D 39 -20.68 31.21 -25.02
CA ASP D 39 -19.69 32.23 -25.31
C ASP D 39 -20.03 33.48 -24.52
N PHE D 40 -21.33 33.77 -24.42
CA PHE D 40 -21.81 34.89 -23.63
C PHE D 40 -21.48 34.74 -22.14
N LEU D 41 -22.04 33.71 -21.52
CA LEU D 41 -21.79 33.46 -20.10
C LEU D 41 -20.30 33.39 -19.75
N ILE D 42 -19.50 32.88 -20.68
CA ILE D 42 -18.07 32.76 -20.46
C ILE D 42 -17.40 34.13 -20.56
N TYR D 43 -17.85 34.93 -21.51
CA TYR D 43 -17.39 36.29 -21.64
C TYR D 43 -17.86 37.18 -20.47
N ARG D 44 -18.85 36.71 -19.71
CA ARG D 44 -19.31 37.43 -18.52
C ARG D 44 -18.53 36.99 -17.27
N PHE D 45 -18.53 35.68 -16.99
CA PHE D 45 -17.68 35.12 -15.94
C PHE D 45 -16.24 35.56 -16.21
N TYR D 46 -16.01 36.08 -17.42
CA TYR D 46 -14.74 36.68 -17.80
C TYR D 46 -14.74 38.14 -17.39
N LYS D 47 -15.72 38.89 -17.90
CA LYS D 47 -15.87 40.31 -17.58
C LYS D 47 -15.61 40.59 -16.10
N LEU D 48 -16.26 39.83 -15.23
CA LEU D 48 -16.11 40.02 -13.80
C LEU D 48 -14.67 39.79 -13.29
N TYR D 49 -14.27 38.52 -13.17
CA TYR D 49 -12.94 38.19 -12.64
C TYR D 49 -11.81 38.91 -13.38
N SER D 50 -12.12 39.52 -14.52
CA SER D 50 -11.10 40.19 -15.33
C SER D 50 -10.98 41.69 -15.06
N LYS D 51 -12.10 42.40 -15.05
CA LYS D 51 -12.08 43.87 -14.91
C LYS D 51 -11.73 44.38 -13.52
N SER D 52 -11.93 43.55 -12.50
CA SER D 52 -11.63 43.95 -11.12
C SER D 52 -10.17 43.69 -10.76
N LYS D 53 -9.53 42.76 -11.47
CA LYS D 53 -8.13 42.42 -11.23
C LYS D 53 -7.88 42.14 -9.75
N ILE D 54 -8.70 41.27 -9.17
CA ILE D 54 -8.60 40.91 -7.77
C ILE D 54 -7.40 39.99 -7.52
N GLN D 55 -7.25 38.99 -8.38
CA GLN D 55 -6.17 38.03 -8.26
C GLN D 55 -5.84 37.48 -9.64
N LEU D 56 -4.79 36.67 -9.73
CA LEU D 56 -4.44 35.94 -10.95
C LEU D 56 -3.97 36.84 -12.11
N PRO D 57 -2.67 36.79 -12.45
CA PRO D 57 -2.13 37.54 -13.58
C PRO D 57 -2.95 37.22 -14.81
N GLN D 58 -2.98 38.12 -15.80
CA GLN D 58 -3.79 37.88 -16.99
C GLN D 58 -3.34 36.65 -17.78
N ARG D 59 -2.04 36.58 -18.08
CA ARG D 59 -1.47 35.46 -18.84
C ARG D 59 -2.09 34.10 -18.47
N LYS D 60 -2.44 33.92 -17.20
CA LYS D 60 -3.04 32.68 -16.72
C LYS D 60 -4.55 32.60 -17.00
N ILE D 61 -5.30 33.55 -16.45
CA ILE D 61 -6.75 33.61 -16.64
C ILE D 61 -7.19 33.62 -18.13
N ASP D 62 -6.30 34.05 -19.02
CA ASP D 62 -6.57 33.92 -20.45
C ASP D 62 -6.51 32.46 -20.88
N THR D 63 -5.46 31.76 -20.44
CA THR D 63 -5.30 30.33 -20.68
C THR D 63 -6.49 29.55 -20.12
N LEU D 64 -6.97 30.00 -18.96
CA LEU D 64 -8.11 29.36 -18.29
C LEU D 64 -9.46 29.65 -18.98
N THR D 65 -9.60 30.88 -19.47
CA THR D 65 -10.75 31.23 -20.28
C THR D 65 -10.82 30.40 -21.58
N SER D 66 -9.73 30.31 -22.33
CA SER D 66 -9.74 29.45 -23.53
C SER D 66 -9.93 27.96 -23.17
N LEU D 67 -9.47 27.56 -21.99
CA LEU D 67 -9.74 26.23 -21.48
C LEU D 67 -11.24 25.98 -21.43
N THR D 68 -11.98 26.84 -20.70
CA THR D 68 -13.44 26.74 -20.61
C THR D 68 -14.15 26.83 -21.98
N LYS D 69 -13.72 27.77 -22.82
CA LYS D 69 -14.26 27.89 -24.18
C LYS D 69 -14.14 26.55 -24.87
N ASN D 70 -12.91 26.08 -25.03
CA ASN D 70 -12.66 24.79 -25.66
C ASN D 70 -13.47 23.62 -25.08
N ALA D 71 -13.53 23.53 -23.76
CA ALA D 71 -14.29 22.46 -23.14
C ALA D 71 -15.74 22.50 -23.63
N VAL D 72 -16.33 23.68 -23.55
CA VAL D 72 -17.74 23.80 -23.90
C VAL D 72 -18.00 23.56 -25.40
N ARG D 73 -17.09 24.04 -26.26
CA ARG D 73 -17.17 23.70 -27.69
C ARG D 73 -17.17 22.17 -27.88
N TYR D 74 -16.17 21.47 -27.32
CA TYR D 74 -16.09 20.03 -27.50
C TYR D 74 -17.32 19.30 -26.98
N ILE D 75 -17.84 19.76 -25.86
CA ILE D 75 -19.07 19.15 -25.35
C ILE D 75 -20.23 19.37 -26.30
N ILE D 76 -20.32 20.57 -26.84
CA ILE D 76 -21.45 20.88 -27.71
C ILE D 76 -21.36 20.15 -29.04
N TYR D 77 -20.19 20.22 -29.69
CA TYR D 77 -19.92 19.42 -30.86
C TYR D 77 -20.29 17.97 -30.58
N PHE D 78 -19.79 17.38 -29.50
CA PHE D 78 -20.12 15.99 -29.22
C PHE D 78 -21.62 15.72 -29.05
N LEU D 79 -22.32 16.54 -28.28
CA LEU D 79 -23.74 16.28 -28.13
C LEU D 79 -24.51 16.42 -29.45
N ALA D 80 -24.23 17.46 -30.23
CA ALA D 80 -24.94 17.68 -31.50
C ALA D 80 -24.65 16.57 -32.52
N GLY D 81 -23.37 16.24 -32.66
CA GLY D 81 -22.98 15.11 -33.48
C GLY D 81 -23.67 13.82 -33.06
N ALA D 82 -23.60 13.51 -31.78
CA ALA D 82 -24.18 12.28 -31.28
C ALA D 82 -25.63 12.21 -31.63
N SER D 83 -26.29 13.36 -31.52
CA SER D 83 -27.74 13.45 -31.74
C SER D 83 -28.15 13.25 -33.21
N ILE D 84 -27.39 13.88 -34.09
CA ILE D 84 -27.59 13.71 -35.53
C ILE D 84 -27.36 12.26 -35.93
N LEU D 85 -26.27 11.71 -35.44
CA LEU D 85 -25.99 10.28 -35.61
C LEU D 85 -27.19 9.41 -35.19
N LYS D 86 -27.77 9.74 -34.03
CA LYS D 86 -28.97 9.03 -33.58
C LYS D 86 -30.01 9.11 -34.68
N LEU D 87 -30.12 10.29 -35.28
CA LEU D 87 -31.06 10.56 -36.38
C LEU D 87 -30.83 9.68 -37.59
N PHE D 88 -29.58 9.29 -37.80
CA PHE D 88 -29.29 8.35 -38.90
C PHE D 88 -29.25 6.88 -38.51
N ASN D 89 -29.99 6.52 -37.45
CA ASN D 89 -30.15 5.14 -37.04
C ASN D 89 -28.93 4.52 -36.32
N ILE D 90 -28.01 5.37 -35.85
CA ILE D 90 -26.85 4.90 -35.10
C ILE D 90 -27.27 4.65 -33.67
N ASP D 91 -26.85 3.51 -33.11
CA ASP D 91 -27.33 3.09 -31.79
C ASP D 91 -26.57 3.83 -30.70
N MET D 92 -27.31 4.49 -29.83
CA MET D 92 -26.72 5.27 -28.76
C MET D 92 -26.09 4.46 -27.62
N THR D 93 -26.48 3.20 -27.43
CA THR D 93 -25.82 2.41 -26.40
C THR D 93 -24.42 2.09 -26.83
N SER D 94 -24.27 1.73 -28.11
CA SER D 94 -22.95 1.45 -28.67
C SER D 94 -22.08 2.70 -28.58
N LEU D 95 -22.65 3.83 -28.96
CA LEU D 95 -21.99 5.12 -28.86
C LEU D 95 -21.56 5.34 -27.41
N LEU D 96 -22.45 5.06 -26.46
CA LEU D 96 -22.12 5.11 -25.04
C LEU D 96 -20.88 4.28 -24.71
N ALA D 97 -20.84 3.05 -25.23
CA ALA D 97 -19.69 2.18 -25.02
C ALA D 97 -18.39 2.77 -25.58
N VAL D 98 -18.46 3.57 -26.64
CA VAL D 98 -17.30 4.34 -27.06
C VAL D 98 -17.00 5.57 -26.18
N ALA D 99 -17.92 6.54 -26.15
CA ALA D 99 -17.76 7.81 -25.40
C ALA D 99 -17.45 7.64 -23.91
N GLY D 100 -17.89 6.54 -23.35
CA GLY D 100 -17.69 6.28 -21.95
C GLY D 100 -16.27 5.91 -21.63
N ILE D 101 -15.48 5.61 -22.65
CA ILE D 101 -14.08 5.37 -22.38
C ILE D 101 -13.56 6.64 -21.74
N GLY D 102 -13.94 7.77 -22.35
CA GLY D 102 -13.62 9.07 -21.81
C GLY D 102 -14.45 9.50 -20.60
N SER D 103 -15.73 9.13 -20.54
CA SER D 103 -16.47 9.41 -19.30
C SER D 103 -15.69 8.82 -18.13
N LEU D 104 -15.32 7.55 -18.24
CA LEU D 104 -14.56 6.85 -17.22
C LEU D 104 -13.18 7.43 -16.95
N ALA D 105 -12.35 7.52 -17.99
CA ALA D 105 -11.01 8.11 -17.80
C ALA D 105 -11.02 9.52 -17.19
N ILE D 106 -11.79 10.46 -17.73
CA ILE D 106 -11.85 11.79 -17.13
C ILE D 106 -12.49 11.77 -15.75
N GLY D 107 -13.60 11.05 -15.59
CA GLY D 107 -14.30 11.01 -14.32
C GLY D 107 -13.45 10.49 -13.16
N PHE D 108 -12.84 9.33 -13.36
CA PHE D 108 -11.92 8.80 -12.37
C PHE D 108 -10.64 9.57 -12.23
N GLY D 109 -10.14 10.20 -13.27
CA GLY D 109 -8.95 11.06 -13.13
C GLY D 109 -9.20 12.29 -12.27
N ALA D 110 -10.37 12.89 -12.47
CA ALA D 110 -10.78 14.12 -11.79
C ALA D 110 -11.23 13.88 -10.35
N GLN D 111 -11.55 12.62 -10.06
CA GLN D 111 -11.94 12.32 -8.69
C GLN D 111 -10.97 12.90 -7.64
N ASN D 112 -9.68 12.68 -7.84
CA ASN D 112 -8.71 13.25 -6.92
C ASN D 112 -8.73 14.78 -6.72
N LEU D 113 -8.77 15.54 -7.81
CA LEU D 113 -9.08 16.96 -7.72
C LEU D 113 -10.31 17.26 -6.79
N VAL D 114 -11.47 16.61 -7.04
CA VAL D 114 -12.65 16.78 -6.14
C VAL D 114 -12.31 16.48 -4.67
N LYS D 115 -11.49 15.43 -4.46
CA LYS D 115 -11.02 15.04 -3.12
C LYS D 115 -10.24 16.15 -2.43
N ASP D 116 -9.21 16.65 -3.11
CA ASP D 116 -8.42 17.76 -2.62
C ASP D 116 -9.34 18.88 -2.17
N MET D 117 -10.29 19.24 -3.04
CA MET D 117 -11.12 20.38 -2.72
C MET D 117 -12.01 20.17 -1.52
N ILE D 118 -12.72 19.04 -1.44
CA ILE D 118 -13.53 18.79 -0.23
C ILE D 118 -12.67 18.84 1.03
N SER D 119 -11.51 18.21 0.95
CA SER D 119 -10.49 18.23 2.01
C SER D 119 -10.16 19.66 2.45
N GLY D 120 -9.78 20.48 1.48
CA GLY D 120 -9.43 21.86 1.76
C GLY D 120 -10.59 22.60 2.39
N PHE D 121 -11.77 22.44 1.78
CA PHE D 121 -12.98 23.00 2.34
C PHE D 121 -13.15 22.72 3.82
N PHE D 122 -12.95 21.50 4.26
CA PHE D 122 -13.02 21.28 5.70
C PHE D 122 -11.84 21.94 6.51
N ILE D 123 -10.62 21.76 6.02
CA ILE D 123 -9.48 22.31 6.71
C ILE D 123 -9.81 23.74 7.06
N ILE D 124 -10.38 24.47 6.09
CA ILE D 124 -10.68 25.88 6.25
C ILE D 124 -11.89 26.11 7.12
N PHE D 125 -13.00 25.52 6.71
CA PHE D 125 -14.27 25.68 7.42
C PHE D 125 -14.19 25.26 8.93
N GLU D 126 -13.25 24.38 9.27
CA GLU D 126 -13.12 23.94 10.65
C GLU D 126 -11.91 24.60 11.35
N ASP D 127 -11.37 25.64 10.75
CA ASP D 127 -10.13 26.27 11.22
C ASP D 127 -9.14 25.28 11.85
N GLN D 128 -8.76 24.24 11.10
CA GLN D 128 -7.87 23.21 11.62
C GLN D 128 -6.51 23.85 11.90
N PHE D 129 -6.12 24.81 11.06
CA PHE D 129 -4.92 25.61 11.31
C PHE D 129 -4.99 26.96 10.57
N SER D 130 -4.65 28.02 11.28
CA SER D 130 -4.70 29.37 10.72
C SER D 130 -3.46 29.73 9.90
N VAL D 131 -3.61 30.67 8.97
CA VAL D 131 -2.55 31.02 8.02
C VAL D 131 -1.19 31.39 8.63
N GLY D 132 -0.83 30.81 9.78
CA GLY D 132 0.39 31.22 10.43
C GLY D 132 1.03 30.29 11.47
N ASP D 133 0.29 29.29 11.96
CA ASP D 133 0.84 28.41 13.01
C ASP D 133 1.78 27.31 12.49
N TYR D 134 2.43 26.64 13.41
CA TYR D 134 3.42 25.62 13.04
C TYR D 134 2.83 24.24 13.23
N VAL D 135 2.63 23.53 12.13
CA VAL D 135 1.94 22.26 12.19
C VAL D 135 2.81 21.14 11.69
N THR D 136 2.33 19.92 11.86
CA THR D 136 2.93 18.80 11.18
C THR D 136 1.89 17.88 10.50
N ILE D 137 2.10 17.67 9.21
CA ILE D 137 1.14 17.06 8.31
C ILE D 137 1.90 15.98 7.60
N ASN D 138 1.51 14.73 7.84
CA ASN D 138 2.15 13.61 7.17
C ASN D 138 3.66 13.56 7.39
N GLY D 139 4.08 13.47 8.65
CA GLY D 139 5.50 13.34 8.95
C GLY D 139 6.33 14.49 8.46
N ILE D 140 5.66 15.54 7.99
CA ILE D 140 6.32 16.76 7.51
C ILE D 140 5.88 17.98 8.32
N SER D 141 6.82 18.61 9.03
CA SER D 141 6.45 19.70 9.89
C SER D 141 6.94 21.02 9.31
N GLY D 142 6.23 22.10 9.62
CA GLY D 142 6.64 23.42 9.16
C GLY D 142 5.63 24.50 9.52
N THR D 143 5.92 25.73 9.12
CA THR D 143 5.00 26.81 9.37
C THR D 143 4.07 27.05 8.19
N VAL D 144 2.77 27.12 8.42
CA VAL D 144 1.86 27.23 7.27
C VAL D 144 1.95 28.64 6.71
N GLU D 145 2.14 28.76 5.39
CA GLU D 145 2.31 30.05 4.75
C GLU D 145 1.10 30.39 3.91
N GLU D 146 0.57 29.39 3.22
CA GLU D 146 -0.61 29.59 2.40
C GLU D 146 -1.62 28.46 2.63
N ILE D 147 -2.91 28.79 2.61
CA ILE D 147 -3.94 27.75 2.64
C ILE D 147 -4.95 27.98 1.54
N GLY D 148 -4.71 27.44 0.35
CA GLY D 148 -5.74 27.39 -0.66
C GLY D 148 -6.73 26.28 -0.32
N LEU D 149 -7.77 26.09 -1.12
CA LEU D 149 -8.58 24.89 -0.93
C LEU D 149 -8.17 23.67 -1.82
N ARG D 150 -7.17 23.81 -2.69
CA ARG D 150 -6.62 22.60 -3.30
C ARG D 150 -5.27 22.17 -2.72
N VAL D 151 -4.57 23.09 -2.07
CA VAL D 151 -3.22 22.81 -1.61
C VAL D 151 -2.91 23.60 -0.36
N THR D 152 -2.27 22.97 0.61
CA THR D 152 -1.66 23.71 1.71
C THR D 152 -0.14 23.88 1.51
N LYS D 153 0.39 25.07 1.72
CA LYS D 153 1.84 25.28 1.66
C LYS D 153 2.44 25.52 3.06
N ILE D 154 3.51 24.81 3.35
CA ILE D 154 4.07 24.79 4.68
C ILE D 154 5.57 24.84 4.53
N ARG D 155 6.25 25.80 5.15
CA ARG D 155 7.70 25.85 5.02
C ARG D 155 8.32 25.49 6.34
N GLY D 156 9.01 24.36 6.40
CA GLY D 156 9.85 24.07 7.57
C GLY D 156 11.11 24.93 7.53
N PHE D 157 11.74 25.20 8.67
CA PHE D 157 13.00 25.93 8.55
C PHE D 157 14.06 24.90 8.21
N SER D 158 15.00 25.28 7.33
CA SER D 158 16.10 24.41 6.89
C SER D 158 15.66 23.29 5.93
N ASP D 159 14.42 23.37 5.46
CA ASP D 159 13.72 22.19 4.89
C ASP D 159 13.01 22.44 3.55
N GLY D 160 12.70 23.71 3.31
CA GLY D 160 12.08 24.11 2.06
C GLY D 160 10.58 24.26 2.17
N LEU D 161 10.00 24.83 1.13
CA LEU D 161 8.56 25.05 1.02
C LEU D 161 7.89 23.81 0.47
N HIS D 162 7.02 23.23 1.27
CA HIS D 162 6.30 22.02 0.89
C HIS D 162 4.93 22.41 0.40
N ILE D 163 4.62 21.94 -0.80
CA ILE D 163 3.29 22.14 -1.36
C ILE D 163 2.55 20.81 -1.31
N ILE D 164 1.50 20.74 -0.51
CA ILE D 164 0.85 19.48 -0.27
C ILE D 164 -0.62 19.57 -0.69
N PRO D 165 -1.03 18.67 -1.62
CA PRO D 165 -2.41 18.58 -2.11
C PRO D 165 -3.31 18.21 -0.94
N ASN D 166 -4.40 18.94 -0.73
CA ASN D 166 -5.17 18.80 0.49
C ASN D 166 -5.69 17.39 0.68
N GLY D 167 -5.99 16.72 -0.42
CA GLY D 167 -6.52 15.37 -0.36
C GLY D 167 -5.57 14.40 0.32
N GLU D 168 -4.26 14.60 0.11
CA GLU D 168 -3.24 13.71 0.68
C GLU D 168 -3.16 13.79 2.22
N ILE D 169 -3.69 14.87 2.80
CA ILE D 169 -3.67 15.02 4.25
C ILE D 169 -4.49 13.91 4.92
N LYS D 170 -3.81 12.95 5.57
CA LYS D 170 -4.52 11.86 6.24
C LYS D 170 -4.74 12.26 7.69
N MET D 171 -3.86 13.10 8.20
CA MET D 171 -3.98 13.61 9.55
C MET D 171 -3.15 14.88 9.66
N VAL D 172 -3.63 15.83 10.44
CA VAL D 172 -2.93 17.09 10.60
C VAL D 172 -2.83 17.30 12.07
N THR D 173 -1.61 17.17 12.59
CA THR D 173 -1.39 17.48 14.00
C THR D 173 -0.95 18.94 14.14
N ASN D 174 -1.64 19.68 14.99
CA ASN D 174 -1.28 21.08 15.17
C ASN D 174 -0.40 21.18 16.41
N LEU D 175 0.73 21.88 16.31
CA LEU D 175 1.70 21.97 17.40
C LEU D 175 1.51 23.19 18.29
N THR D 176 0.73 24.15 17.82
CA THR D 176 0.65 25.45 18.48
C THR D 176 -0.78 25.90 18.83
N LYS D 177 -1.64 24.94 19.17
CA LYS D 177 -3.02 25.24 19.56
C LYS D 177 -3.11 25.89 20.96
N ASP D 178 -3.98 25.32 21.80
CA ASP D 178 -4.07 25.74 23.19
C ASP D 178 -2.71 25.53 23.84
N SER D 179 -1.71 26.21 23.31
CA SER D 179 -0.35 26.21 23.88
C SER D 179 0.52 25.05 23.43
N MET D 180 1.58 24.80 24.20
CA MET D 180 2.61 23.86 23.78
C MET D 180 3.25 23.20 24.99
N MET D 181 4.00 22.11 24.76
CA MET D 181 4.66 21.41 25.85
C MET D 181 6.11 21.05 25.55
N ALA D 182 7.00 21.40 26.48
CA ALA D 182 8.43 21.20 26.31
C ALA D 182 8.93 20.05 27.18
N VAL D 183 9.77 19.21 26.63
CA VAL D 183 10.26 18.03 27.34
C VAL D 183 11.79 17.95 27.22
N VAL D 184 12.45 17.41 28.22
CA VAL D 184 13.85 17.12 28.10
C VAL D 184 14.01 15.81 28.83
N ASN D 185 14.55 14.80 28.15
CA ASN D 185 14.87 13.56 28.85
C ASN D 185 16.33 13.52 29.23
N ILE D 186 16.62 13.73 30.50
CA ILE D 186 17.99 13.70 30.97
C ILE D 186 18.40 12.26 31.24
N ALA D 187 19.61 11.91 30.79
CA ALA D 187 20.16 10.57 31.01
C ALA D 187 21.35 10.58 31.96
N PHE D 188 21.28 9.73 32.99
CA PHE D 188 22.40 9.52 33.92
C PHE D 188 22.85 8.07 33.86
N PRO D 189 23.99 7.77 34.49
CA PRO D 189 24.41 6.38 34.72
C PRO D 189 23.62 5.80 35.88
N ILE D 190 23.23 4.53 35.82
CA ILE D 190 22.63 3.95 37.02
C ILE D 190 23.72 3.89 38.09
N ASP D 191 24.94 3.59 37.67
CA ASP D 191 26.04 3.77 38.59
C ASP D 191 26.04 5.23 38.98
N GLU D 192 25.04 5.66 39.75
CA GLU D 192 24.93 7.06 40.14
C GLU D 192 23.92 7.34 41.28
N ASP D 193 24.16 8.45 42.00
CA ASP D 193 23.32 8.89 43.10
C ASP D 193 22.07 9.57 42.57
N VAL D 194 20.93 8.89 42.70
CA VAL D 194 19.67 9.38 42.12
C VAL D 194 19.16 10.67 42.73
N ASP D 195 19.20 10.75 44.05
CA ASP D 195 18.54 11.84 44.78
C ASP D 195 19.28 13.16 44.61
N LYS D 196 20.59 13.07 44.41
CA LYS D 196 21.41 14.26 44.20
C LYS D 196 21.03 14.92 42.88
N ILE D 197 20.92 14.09 41.83
CA ILE D 197 20.55 14.59 40.50
C ILE D 197 19.10 15.05 40.45
N ILE D 198 18.19 14.29 41.06
CA ILE D 198 16.79 14.70 41.09
C ILE D 198 16.65 16.01 41.88
N GLU D 199 17.56 16.21 42.84
CA GLU D 199 17.65 17.44 43.62
C GLU D 199 18.10 18.60 42.75
N GLY D 200 19.14 18.34 41.96
CA GLY D 200 19.71 19.34 41.09
C GLY D 200 18.70 19.80 40.06
N LEU D 201 18.00 18.84 39.48
CA LEU D 201 16.98 19.12 38.48
C LEU D 201 15.84 19.90 39.12
N GLN D 202 15.57 19.58 40.38
CA GLN D 202 14.55 20.31 41.12
C GLN D 202 14.95 21.78 41.12
N GLU D 203 16.21 22.02 41.48
CA GLU D 203 16.76 23.39 41.56
C GLU D 203 16.75 24.10 40.20
N ILE D 204 16.93 23.33 39.12
CA ILE D 204 16.86 23.89 37.78
C ILE D 204 15.45 24.29 37.38
N CYS D 205 14.46 23.48 37.73
CA CYS D 205 13.09 23.85 37.45
C CYS D 205 12.79 25.12 38.24
N GLU D 206 13.20 25.10 39.50
CA GLU D 206 13.03 26.26 40.36
C GLU D 206 13.51 27.50 39.59
N GLU D 207 14.79 27.50 39.20
CA GLU D 207 15.41 28.67 38.56
C GLU D 207 14.76 29.07 37.23
N VAL D 208 14.36 28.10 36.43
CA VAL D 208 13.76 28.39 35.12
C VAL D 208 12.38 29.01 35.27
N LYS D 209 11.64 28.57 36.27
CA LYS D 209 10.33 29.14 36.53
C LYS D 209 10.47 30.66 36.65
N LYS D 210 11.66 31.10 37.03
CA LYS D 210 11.94 32.51 37.35
C LYS D 210 12.20 33.41 36.15
N SER D 211 12.08 32.87 34.94
CA SER D 211 12.32 33.65 33.70
C SER D 211 11.31 33.31 32.56
N ARG D 212 10.57 34.35 32.17
CA ARG D 212 9.21 34.27 31.62
C ARG D 212 9.07 33.89 30.17
N GLU D 217 3.32 27.10 32.46
CA GLU D 217 2.97 26.09 33.45
C GLU D 217 4.14 25.54 34.30
N GLY D 218 4.87 24.59 33.72
CA GLY D 218 6.02 23.96 34.35
C GLY D 218 7.10 24.92 34.88
N PRO D 219 8.37 24.51 34.83
CA PRO D 219 8.88 23.17 34.51
C PRO D 219 9.02 22.29 35.76
N THR D 220 8.80 21.00 35.59
CA THR D 220 8.71 20.06 36.71
C THR D 220 9.53 18.77 36.49
N VAL D 221 9.88 18.10 37.58
CA VAL D 221 10.65 16.86 37.49
C VAL D 221 9.72 15.66 37.65
N LEU D 222 9.29 15.10 36.52
CA LEU D 222 8.53 13.84 36.53
C LEU D 222 9.53 12.75 36.87
N GLY D 223 9.10 11.65 37.49
CA GLY D 223 10.03 10.62 37.92
C GLY D 223 11.04 10.08 36.90
N ILE D 224 11.77 9.02 37.25
CA ILE D 224 12.59 8.27 36.29
C ILE D 224 11.71 7.56 35.28
N THR D 225 11.69 8.13 34.08
CA THR D 225 10.81 7.68 33.00
C THR D 225 11.28 6.39 32.31
N ASP D 226 12.57 6.10 32.33
CA ASP D 226 13.01 4.82 31.76
C ASP D 226 14.28 4.24 32.38
N MET D 227 14.38 2.92 32.43
CA MET D 227 15.57 2.29 33.00
C MET D 227 16.28 1.36 32.02
N GLN D 228 17.54 1.67 31.71
CA GLN D 228 18.25 0.91 30.68
C GLN D 228 19.53 0.27 31.18
N ASP D 229 20.33 -0.28 30.27
CA ASP D 229 21.50 -1.08 30.63
C ASP D 229 22.42 -0.38 31.62
N SER D 230 22.97 0.76 31.22
CA SER D 230 23.89 1.50 32.08
C SER D 230 23.33 2.89 32.40
N LYS D 231 22.17 3.18 31.82
CA LYS D 231 21.56 4.49 31.99
C LYS D 231 20.28 4.47 32.80
N LEU D 232 19.75 5.67 33.04
CA LEU D 232 18.58 5.90 33.86
C LEU D 232 18.06 7.26 33.43
N VAL D 233 16.78 7.34 33.09
CA VAL D 233 16.30 8.51 32.38
C VAL D 233 15.15 9.19 33.08
N ILE D 234 15.41 10.44 33.48
CA ILE D 234 14.45 11.29 34.17
C ILE D 234 14.04 12.43 33.27
N MET D 235 12.74 12.65 33.09
CA MET D 235 12.31 13.72 32.23
C MET D 235 11.83 14.94 32.99
N VAL D 236 12.16 16.12 32.49
CA VAL D 236 11.56 17.35 32.99
C VAL D 236 10.68 17.90 31.86
N TYR D 237 9.53 18.44 32.24
CA TYR D 237 8.58 18.94 31.26
C TYR D 237 7.91 20.24 31.75
N ALA D 238 7.55 21.10 30.81
CA ALA D 238 6.96 22.39 31.15
C ALA D 238 5.93 22.79 30.09
N LYS D 239 4.81 23.37 30.50
CA LYS D 239 3.82 23.85 29.54
C LYS D 239 4.21 25.27 29.17
N THR D 240 4.36 25.52 27.88
CA THR D 240 4.85 26.79 27.39
C THR D 240 3.93 27.43 26.36
N GLN D 241 3.97 28.76 26.33
CA GLN D 241 3.19 29.57 25.40
C GLN D 241 3.54 29.15 23.99
N PRO D 242 2.62 29.37 23.03
CA PRO D 242 2.85 28.89 21.67
C PRO D 242 4.19 29.32 21.06
N MET D 243 5.07 28.33 20.80
CA MET D 243 6.38 28.52 20.16
C MET D 243 7.58 28.69 21.11
N GLN D 244 7.37 29.23 22.32
CA GLN D 244 8.46 29.33 23.30
C GLN D 244 9.03 27.92 23.64
N LYS D 245 8.51 26.87 23.01
CA LYS D 245 8.84 25.48 23.39
C LYS D 245 10.27 24.96 23.19
N TRP D 246 10.72 24.88 21.94
CA TRP D 246 12.00 24.26 21.69
C TRP D 246 13.05 25.14 22.37
N ALA D 247 12.70 26.42 22.50
CA ALA D 247 13.55 27.38 23.21
C ALA D 247 13.70 26.98 24.69
N VAL D 248 12.56 26.76 25.35
CA VAL D 248 12.60 26.35 26.75
C VAL D 248 13.49 25.14 26.89
N GLU D 249 13.26 24.16 26.02
CA GLU D 249 14.05 22.93 26.06
C GLU D 249 15.57 23.21 25.98
N ARG D 250 15.97 24.12 25.10
CA ARG D 250 17.38 24.48 25.01
C ARG D 250 17.93 25.15 26.28
N ASP D 251 17.11 26.05 26.84
CA ASP D 251 17.46 26.65 28.13
C ASP D 251 17.76 25.51 29.09
N ILE D 252 16.79 24.62 29.24
CA ILE D 252 16.87 23.50 30.17
C ILE D 252 18.12 22.63 29.96
N ARG D 253 18.47 22.39 28.70
CA ARG D 253 19.64 21.56 28.42
C ARG D 253 20.90 22.24 28.90
N TYR D 254 21.06 23.52 28.55
CA TYR D 254 22.23 24.27 28.98
C TYR D 254 22.32 24.18 30.49
N ARG D 255 21.18 24.41 31.15
CA ARG D 255 21.12 24.32 32.62
C ARG D 255 21.60 22.96 33.13
N VAL D 256 21.15 21.89 32.48
CA VAL D 256 21.52 20.55 32.91
C VAL D 256 23.01 20.25 32.73
N LYS D 257 23.57 20.72 31.62
CA LYS D 257 25.01 20.61 31.40
C LYS D 257 25.78 21.30 32.52
N LYS D 258 25.49 22.58 32.74
CA LYS D 258 26.22 23.30 33.76
C LYS D 258 26.04 22.66 35.15
N MET D 259 24.82 22.19 35.42
CA MET D 259 24.51 21.54 36.69
C MET D 259 25.35 20.27 36.84
N PHE D 260 25.59 19.60 35.72
CA PHE D 260 26.41 18.39 35.70
C PHE D 260 27.85 18.73 36.00
N ASP D 261 28.29 19.89 35.56
CA ASP D 261 29.65 20.30 35.80
C ASP D 261 29.88 20.75 37.24
N GLN D 262 28.92 21.46 37.82
CA GLN D 262 29.07 21.97 39.20
C GLN D 262 28.89 20.86 40.23
N LYS D 263 27.76 20.16 40.17
CA LYS D 263 27.49 19.01 41.04
C LYS D 263 28.44 17.85 40.74
N ASN D 264 29.29 18.04 39.73
CA ASN D 264 30.31 17.06 39.38
C ASN D 264 29.81 15.64 39.10
N ILE D 265 28.51 15.53 38.81
CA ILE D 265 27.90 14.24 38.47
C ILE D 265 28.49 13.65 37.19
N SER D 266 28.79 12.35 37.22
CA SER D 266 29.46 11.70 36.11
C SER D 266 28.49 11.48 34.95
N PHE D 267 29.02 11.49 33.73
CA PHE D 267 28.19 11.42 32.52
C PHE D 267 27.77 10.02 32.10
N PRO D 268 26.63 9.95 31.41
CA PRO D 268 25.99 8.69 30.99
C PRO D 268 26.74 7.92 29.88
N TYR D 269 28.06 7.97 29.91
CA TYR D 269 28.82 7.25 28.93
C TYR D 269 28.45 5.82 29.11
N PRO D 270 28.27 5.12 28.02
CA PRO D 270 27.96 3.70 28.06
C PRO D 270 29.19 3.07 28.65
N ARG D 271 29.07 1.98 29.40
CA ARG D 271 30.24 1.36 29.97
C ARG D 271 30.14 -0.15 29.87
N THR D 272 31.26 -0.84 29.73
CA THR D 272 31.23 -2.28 29.64
C THR D 272 31.97 -2.72 30.86
N THR D 273 31.63 -3.88 31.37
CA THR D 273 32.46 -4.70 32.21
C THR D 273 33.06 -5.74 31.29
N VAL D 274 34.34 -6.05 31.46
CA VAL D 274 35.05 -6.92 30.54
C VAL D 274 35.75 -8.06 31.22
N ILE D 275 35.72 -9.25 30.65
CA ILE D 275 36.43 -10.33 31.29
C ILE D 275 37.56 -10.78 30.37
N LEU D 276 38.75 -10.98 30.93
CA LEU D 276 39.90 -11.33 30.12
C LEU D 276 40.20 -12.82 30.06
N SER D 277 40.65 -13.29 28.90
CA SER D 277 40.83 -14.70 28.63
C SER D 277 42.26 -15.03 28.19
N GLU D 278 42.80 -16.11 28.74
CA GLU D 278 44.17 -16.52 28.45
C GLU D 278 44.28 -17.45 27.25
N LYS D 279 44.55 -16.88 26.07
CA LYS D 279 44.71 -17.68 24.85
C LYS D 279 45.82 -17.13 23.94
N LYS D 280 45.75 -17.44 22.65
CA LYS D 280 46.84 -17.18 21.72
C LYS D 280 46.33 -17.28 20.27
N THR D 281 47.14 -17.85 19.39
CA THR D 281 46.74 -18.18 18.01
C THR D 281 47.73 -19.13 17.35
N TYR E 13 -44.50 -10.12 -49.42
CA TYR E 13 -43.32 -9.30 -49.71
C TYR E 13 -43.28 -8.03 -48.87
N ASP E 14 -44.44 -7.69 -48.28
CA ASP E 14 -44.54 -6.60 -47.31
C ASP E 14 -44.28 -5.19 -47.86
N ILE E 15 -44.30 -4.22 -46.95
CA ILE E 15 -44.15 -2.80 -47.30
C ILE E 15 -42.91 -2.13 -46.70
N LYS E 16 -42.41 -2.72 -45.62
CA LYS E 16 -41.25 -2.16 -44.94
C LYS E 16 -39.94 -2.34 -45.69
N ALA E 17 -39.80 -3.47 -46.38
CA ALA E 17 -38.56 -3.84 -47.09
C ALA E 17 -37.88 -2.69 -47.82
N VAL E 18 -38.60 -1.60 -48.03
CA VAL E 18 -38.01 -0.41 -48.63
C VAL E 18 -37.51 0.50 -47.51
N LYS E 19 -38.30 0.64 -46.44
CA LYS E 19 -37.91 1.43 -45.27
C LYS E 19 -36.64 0.86 -44.64
N PHE E 20 -36.64 -0.45 -44.43
CA PHE E 20 -35.44 -1.15 -43.97
C PHE E 20 -34.23 -0.70 -44.76
N LEU E 21 -34.34 -0.80 -46.07
CA LEU E 21 -33.27 -0.37 -46.95
C LEU E 21 -32.89 1.08 -46.67
N LEU E 22 -33.88 1.94 -46.46
CA LEU E 22 -33.59 3.36 -46.11
C LEU E 22 -32.79 3.46 -44.83
N ASP E 23 -32.94 2.48 -43.96
CA ASP E 23 -32.28 2.51 -42.67
C ASP E 23 -30.83 2.05 -42.75
N VAL E 24 -30.59 0.87 -43.32
CA VAL E 24 -29.21 0.46 -43.54
C VAL E 24 -28.50 1.49 -44.42
N LEU E 25 -29.26 2.12 -45.33
CA LEU E 25 -28.75 3.20 -46.18
C LEU E 25 -28.31 4.38 -45.32
N LYS E 26 -29.25 4.94 -44.53
CA LYS E 26 -28.97 6.04 -43.62
C LYS E 26 -27.68 5.81 -42.82
N ILE E 27 -27.54 4.62 -42.23
CA ILE E 27 -26.30 4.29 -41.52
C ILE E 27 -25.08 4.40 -42.43
N LEU E 28 -25.12 3.73 -43.60
CA LEU E 28 -23.96 3.77 -44.49
C LEU E 28 -23.60 5.18 -44.91
N ILE E 29 -24.57 5.98 -45.33
CA ILE E 29 -24.24 7.34 -45.79
C ILE E 29 -23.75 8.22 -44.64
N ILE E 30 -24.34 8.08 -43.46
CA ILE E 30 -23.85 8.86 -42.32
C ILE E 30 -22.43 8.46 -41.93
N ALA E 31 -22.11 7.15 -42.00
CA ALA E 31 -20.78 6.68 -41.62
C ALA E 31 -19.76 7.09 -42.67
N PHE E 32 -20.22 7.19 -43.91
CA PHE E 32 -19.34 7.63 -44.99
C PHE E 32 -19.00 9.12 -44.83
N ILE E 33 -20.04 9.96 -44.74
CA ILE E 33 -19.88 11.38 -44.42
C ILE E 33 -18.98 11.54 -43.22
N GLY E 34 -19.21 10.73 -42.20
CA GLY E 34 -18.38 10.72 -41.01
C GLY E 34 -16.91 10.47 -41.31
N ILE E 35 -16.61 9.37 -41.98
CA ILE E 35 -15.21 9.10 -42.30
C ILE E 35 -14.61 10.27 -43.05
N LYS E 36 -15.23 10.68 -44.14
CA LYS E 36 -14.61 11.73 -44.96
C LYS E 36 -14.42 12.99 -44.13
N PHE E 37 -15.40 13.33 -43.30
CA PHE E 37 -15.32 14.53 -42.47
C PHE E 37 -14.17 14.44 -41.47
N ALA E 38 -13.97 13.25 -40.90
CA ALA E 38 -12.91 13.04 -39.91
C ALA E 38 -11.55 13.11 -40.58
N ASP E 39 -11.44 12.48 -41.75
CA ASP E 39 -10.21 12.54 -42.53
C ASP E 39 -9.89 14.00 -42.79
N PHE E 40 -10.93 14.79 -43.03
CA PHE E 40 -10.75 16.22 -43.28
C PHE E 40 -10.20 16.93 -42.06
N LEU E 41 -10.95 16.89 -40.97
CA LEU E 41 -10.52 17.54 -39.70
C LEU E 41 -9.15 17.09 -39.21
N ILE E 42 -8.81 15.84 -39.48
CA ILE E 42 -7.52 15.31 -39.09
C ILE E 42 -6.44 15.83 -40.01
N TYR E 43 -6.74 15.92 -41.31
CA TYR E 43 -5.82 16.51 -42.27
C TYR E 43 -5.65 18.01 -42.03
N ARG E 44 -6.57 18.61 -41.27
CA ARG E 44 -6.45 20.03 -40.91
C ARG E 44 -5.65 20.23 -39.61
N PHE E 45 -6.10 19.59 -38.54
CA PHE E 45 -5.33 19.55 -37.30
C PHE E 45 -3.91 19.06 -37.62
N TYR E 46 -3.76 18.50 -38.83
CA TYR E 46 -2.48 18.09 -39.38
C TYR E 46 -1.83 19.28 -40.04
N LYS E 47 -2.51 19.85 -41.03
CA LYS E 47 -2.05 21.03 -41.75
C LYS E 47 -1.38 22.04 -40.81
N LEU E 48 -2.09 22.40 -39.74
CA LEU E 48 -1.58 23.37 -38.77
C LEU E 48 -0.28 22.93 -38.10
N TYR E 49 -0.38 22.03 -37.13
CA TYR E 49 0.79 21.59 -36.37
C TYR E 49 1.94 21.09 -37.25
N SER E 50 1.66 20.90 -38.54
CA SER E 50 2.67 20.37 -39.46
C SER E 50 3.41 21.46 -40.25
N LYS E 51 2.68 22.40 -40.85
CA LYS E 51 3.31 23.40 -41.72
C LYS E 51 4.11 24.48 -40.98
N SER E 52 3.81 24.69 -39.70
CA SER E 52 4.53 25.69 -38.92
C SER E 52 5.82 25.14 -38.31
N LYS E 53 5.87 23.82 -38.15
CA LYS E 53 7.05 23.16 -37.57
C LYS E 53 7.49 23.83 -36.27
N ILE E 54 6.53 24.00 -35.37
CA ILE E 54 6.78 24.61 -34.07
C ILE E 54 7.53 23.68 -33.12
N GLN E 55 7.10 22.41 -33.08
CA GLN E 55 7.71 21.41 -32.23
C GLN E 55 7.51 20.02 -32.84
N LEU E 56 8.12 19.01 -32.21
CA LEU E 56 7.91 17.62 -32.60
C LEU E 56 8.42 17.26 -34.03
N PRO E 57 9.50 16.46 -34.09
CA PRO E 57 10.04 15.96 -35.36
C PRO E 57 8.91 15.31 -36.14
N GLN E 58 9.02 15.29 -37.46
CA GLN E 58 7.94 14.73 -38.26
C GLN E 58 7.73 13.24 -37.93
N ARG E 59 8.81 12.46 -38.01
CA ARG E 59 8.75 11.02 -37.78
C ARG E 59 7.74 10.65 -36.70
N LYS E 60 7.63 11.51 -35.67
CA LYS E 60 6.69 11.28 -34.56
C LYS E 60 5.25 11.67 -34.88
N ILE E 61 5.05 12.96 -35.16
CA ILE E 61 3.73 13.46 -35.50
C ILE E 61 3.04 12.71 -36.68
N ASP E 62 3.82 12.03 -37.51
CA ASP E 62 3.24 11.14 -38.54
C ASP E 62 2.63 9.91 -37.87
N THR E 63 3.39 9.30 -36.97
CA THR E 63 2.93 8.15 -36.20
C THR E 63 1.68 8.55 -35.41
N LEU E 64 1.67 9.79 -34.93
CA LEU E 64 0.56 10.28 -34.11
C LEU E 64 -0.67 10.59 -34.97
N THR E 65 -0.44 11.10 -36.16
CA THR E 65 -1.52 11.32 -37.10
C THR E 65 -2.19 9.98 -37.50
N SER E 66 -1.38 8.97 -37.85
CA SER E 66 -1.97 7.69 -38.21
C SER E 66 -2.66 7.04 -37.01
N LEU E 67 -2.15 7.34 -35.81
CA LEU E 67 -2.82 6.98 -34.57
C LEU E 67 -4.25 7.51 -34.53
N THR E 68 -4.42 8.82 -34.59
CA THR E 68 -5.76 9.40 -34.66
C THR E 68 -6.63 8.89 -35.83
N LYS E 69 -6.05 8.77 -37.04
CA LYS E 69 -6.78 8.20 -38.17
C LYS E 69 -7.35 6.81 -37.81
N ASN E 70 -6.46 5.89 -37.46
CA ASN E 70 -6.86 4.55 -37.05
C ASN E 70 -7.92 4.51 -35.93
N ALA E 71 -7.71 5.29 -34.88
CA ALA E 71 -8.70 5.36 -33.81
C ALA E 71 -10.09 5.66 -34.39
N VAL E 72 -10.14 6.72 -35.20
CA VAL E 72 -11.42 7.20 -35.69
C VAL E 72 -12.07 6.22 -36.65
N ARG E 73 -11.25 5.57 -37.48
CA ARG E 73 -11.75 4.49 -38.34
C ARG E 73 -12.36 3.36 -37.49
N TYR E 74 -11.62 2.84 -36.50
CA TYR E 74 -12.15 1.78 -35.64
C TYR E 74 -13.45 2.17 -34.92
N ILE E 75 -13.50 3.39 -34.40
CA ILE E 75 -14.72 3.84 -33.79
C ILE E 75 -15.87 3.87 -34.78
N ILE E 76 -15.61 4.38 -35.99
CA ILE E 76 -16.68 4.51 -36.97
C ILE E 76 -17.17 3.14 -37.42
N TYR E 77 -16.23 2.29 -37.82
CA TYR E 77 -16.53 0.87 -38.13
C TYR E 77 -17.36 0.23 -37.02
N PHE E 78 -16.95 0.39 -35.78
CA PHE E 78 -17.73 -0.17 -34.70
C PHE E 78 -19.15 0.39 -34.58
N LEU E 79 -19.29 1.70 -34.62
CA LEU E 79 -20.63 2.26 -34.51
C LEU E 79 -21.53 1.82 -35.67
N ALA E 80 -21.05 1.90 -36.91
CA ALA E 80 -21.87 1.52 -38.06
C ALA E 80 -22.27 0.03 -38.04
N GLY E 81 -21.28 -0.82 -37.74
CA GLY E 81 -21.53 -2.23 -37.60
C GLY E 81 -22.54 -2.53 -36.51
N ALA E 82 -22.33 -1.93 -35.35
CA ALA E 82 -23.22 -2.18 -34.23
C ALA E 82 -24.64 -1.80 -34.62
N SER E 83 -24.78 -0.68 -35.34
CA SER E 83 -26.10 -0.16 -35.72
C SER E 83 -26.83 -1.05 -36.72
N ILE E 84 -26.09 -1.53 -37.73
CA ILE E 84 -26.60 -2.49 -38.70
C ILE E 84 -27.04 -3.79 -38.00
N LEU E 85 -26.18 -4.27 -37.11
CA LEU E 85 -26.50 -5.41 -36.27
C LEU E 85 -27.82 -5.20 -35.58
N LYS E 86 -28.00 -4.01 -34.99
CA LYS E 86 -29.26 -3.64 -34.33
C LYS E 86 -30.42 -3.83 -35.29
N LEU E 87 -30.20 -3.39 -36.53
CA LEU E 87 -31.14 -3.57 -37.65
C LEU E 87 -31.53 -5.02 -37.93
N PHE E 88 -30.62 -5.95 -37.68
CA PHE E 88 -30.96 -7.37 -37.85
C PHE E 88 -31.38 -8.07 -36.58
N ASN E 89 -31.95 -7.33 -35.63
CA ASN E 89 -32.56 -7.90 -34.43
C ASN E 89 -31.57 -8.35 -33.35
N ILE E 90 -30.33 -7.86 -33.44
CA ILE E 90 -29.30 -8.15 -32.45
C ILE E 90 -29.53 -7.22 -31.27
N ASP E 91 -29.50 -7.78 -30.06
CA ASP E 91 -29.77 -6.98 -28.87
C ASP E 91 -28.59 -6.14 -28.43
N MET E 92 -28.82 -4.84 -28.29
CA MET E 92 -27.74 -3.90 -27.97
C MET E 92 -27.23 -3.92 -26.53
N THR E 93 -28.03 -4.41 -25.58
CA THR E 93 -27.51 -4.60 -24.23
C THR E 93 -26.47 -5.72 -24.19
N SER E 94 -26.74 -6.80 -24.90
CA SER E 94 -25.80 -7.91 -24.96
C SER E 94 -24.53 -7.42 -25.63
N LEU E 95 -24.70 -6.65 -26.70
CA LEU E 95 -23.58 -6.06 -27.43
C LEU E 95 -22.76 -5.21 -26.44
N LEU E 96 -23.46 -4.42 -25.62
CA LEU E 96 -22.81 -3.58 -24.63
C LEU E 96 -22.01 -4.45 -23.71
N ALA E 97 -22.59 -5.55 -23.22
CA ALA E 97 -21.87 -6.45 -22.33
C ALA E 97 -20.59 -6.98 -23.01
N VAL E 98 -20.59 -7.16 -24.34
CA VAL E 98 -19.33 -7.43 -25.08
C VAL E 98 -18.41 -6.19 -25.14
N ALA E 99 -18.84 -5.15 -25.85
CA ALA E 99 -18.05 -3.93 -26.13
C ALA E 99 -17.49 -3.18 -24.89
N GLY E 100 -18.20 -3.32 -23.78
CA GLY E 100 -17.80 -2.69 -22.54
C GLY E 100 -16.61 -3.36 -21.89
N ILE E 101 -16.25 -4.57 -22.30
CA ILE E 101 -15.04 -5.15 -21.78
C ILE E 101 -13.96 -4.16 -22.16
N GLY E 102 -14.05 -3.62 -23.38
CA GLY E 102 -13.12 -2.64 -23.88
C GLY E 102 -13.36 -1.25 -23.34
N SER E 103 -14.63 -0.85 -23.26
CA SER E 103 -14.92 0.44 -22.62
C SER E 103 -14.22 0.54 -21.25
N LEU E 104 -14.37 -0.49 -20.41
CA LEU E 104 -13.75 -0.62 -19.09
C LEU E 104 -12.23 -0.74 -19.11
N ALA E 105 -11.68 -1.64 -19.91
CA ALA E 105 -10.23 -1.76 -20.02
C ALA E 105 -9.55 -0.46 -20.46
N ILE E 106 -9.98 0.11 -21.58
CA ILE E 106 -9.41 1.39 -22.03
C ILE E 106 -9.69 2.48 -20.97
N GLY E 107 -10.95 2.63 -20.57
CA GLY E 107 -11.37 3.70 -19.68
C GLY E 107 -10.54 3.78 -18.42
N PHE E 108 -10.49 2.69 -17.69
CA PHE E 108 -9.64 2.61 -16.51
C PHE E 108 -8.15 2.61 -16.80
N GLY E 109 -7.70 2.10 -17.94
CA GLY E 109 -6.28 2.22 -18.26
C GLY E 109 -5.83 3.68 -18.42
N ALA E 110 -6.63 4.42 -19.19
CA ALA E 110 -6.38 5.80 -19.52
C ALA E 110 -6.57 6.74 -18.32
N GLN E 111 -7.33 6.29 -17.33
CA GLN E 111 -7.53 7.15 -16.16
C GLN E 111 -6.22 7.77 -15.68
N ASN E 112 -5.16 6.95 -15.57
CA ASN E 112 -3.85 7.47 -15.14
C ASN E 112 -3.25 8.62 -15.96
N LEU E 113 -3.19 8.45 -17.27
CA LEU E 113 -2.91 9.56 -18.17
C LEU E 113 -3.72 10.83 -17.81
N VAL E 114 -5.07 10.73 -17.70
CA VAL E 114 -5.87 11.90 -17.28
C VAL E 114 -5.37 12.51 -15.97
N LYS E 115 -4.95 11.64 -15.06
CA LYS E 115 -4.44 12.05 -13.74
C LYS E 115 -3.17 12.87 -13.86
N ASP E 116 -2.19 12.32 -14.57
CA ASP E 116 -0.93 13.01 -14.88
C ASP E 116 -1.22 14.40 -15.41
N MET E 117 -2.09 14.48 -16.40
CA MET E 117 -2.38 15.77 -16.99
C MET E 117 -3.03 16.76 -16.06
N ILE E 118 -4.09 16.37 -15.34
CA ILE E 118 -4.67 17.35 -14.40
C ILE E 118 -3.61 17.84 -13.41
N SER E 119 -2.83 16.89 -12.93
CA SER E 119 -1.69 17.12 -12.06
C SER E 119 -0.73 18.18 -12.60
N GLY E 120 -0.24 17.97 -13.82
CA GLY E 120 0.67 18.91 -14.47
C GLY E 120 0.01 20.26 -14.64
N PHE E 121 -1.25 20.23 -15.08
CA PHE E 121 -2.03 21.44 -15.21
C PHE E 121 -1.93 22.31 -13.96
N PHE E 122 -2.09 21.71 -12.78
CA PHE E 122 -1.98 22.54 -11.57
C PHE E 122 -0.53 22.97 -11.26
N ILE E 123 0.42 22.04 -11.36
CA ILE E 123 1.82 22.37 -11.11
C ILE E 123 2.17 23.62 -11.87
N ILE E 124 1.80 23.67 -13.15
CA ILE E 124 2.05 24.85 -13.99
C ILE E 124 1.19 26.05 -13.59
N PHE E 125 -0.13 25.89 -13.66
CA PHE E 125 -1.06 26.96 -13.38
C PHE E 125 -0.82 27.60 -12.00
N GLU E 126 -0.26 26.83 -11.07
CA GLU E 126 0.01 27.36 -9.74
C GLU E 126 1.49 27.69 -9.51
N ASP E 127 2.26 27.78 -10.59
CA ASP E 127 3.71 28.02 -10.50
C ASP E 127 4.32 27.39 -9.28
N GLN E 128 4.08 26.09 -9.10
CA GLN E 128 4.62 25.36 -7.96
C GLN E 128 6.14 25.34 -7.99
N PHE E 129 6.70 25.25 -9.20
CA PHE E 129 8.14 25.43 -9.40
C PHE E 129 8.43 25.86 -10.85
N SER E 130 9.33 26.85 -10.98
CA SER E 130 9.69 27.39 -12.28
C SER E 130 10.77 26.55 -12.98
N VAL E 131 10.80 26.61 -14.31
CA VAL E 131 11.67 25.77 -15.14
C VAL E 131 13.16 25.84 -14.77
N GLY E 132 13.49 26.03 -13.50
CA GLY E 132 14.89 26.22 -13.14
C GLY E 132 15.31 26.03 -11.70
N ASP E 133 14.36 26.01 -10.76
CA ASP E 133 14.72 25.87 -9.32
C ASP E 133 15.00 24.45 -8.87
N TYR E 134 15.52 24.32 -7.66
CA TYR E 134 15.94 23.02 -7.15
C TYR E 134 14.94 22.50 -6.12
N VAL E 135 14.27 21.42 -6.47
CA VAL E 135 13.15 20.94 -5.67
C VAL E 135 13.39 19.52 -5.26
N THR E 136 12.52 19.05 -4.39
CA THR E 136 12.53 17.65 -4.05
C THR E 136 11.11 17.08 -4.06
N ILE E 137 10.95 16.03 -4.84
CA ILE E 137 9.66 15.49 -5.25
C ILE E 137 9.72 14.00 -5.00
N ASN E 138 8.96 13.52 -4.01
CA ASN E 138 8.95 12.08 -3.68
C ASN E 138 10.32 11.53 -3.32
N GLY E 139 10.94 12.09 -2.28
CA GLY E 139 12.23 11.64 -1.79
C GLY E 139 13.35 11.72 -2.82
N ILE E 140 13.08 12.40 -3.93
CA ILE E 140 14.07 12.58 -5.02
C ILE E 140 14.28 14.07 -5.31
N SER E 141 15.50 14.54 -5.12
CA SER E 141 15.77 15.97 -5.19
C SER E 141 16.64 16.23 -6.40
N GLY E 142 16.47 17.39 -7.05
CA GLY E 142 17.22 17.76 -8.24
C GLY E 142 16.81 19.11 -8.80
N THR E 143 17.44 19.52 -9.88
CA THR E 143 17.10 20.78 -10.51
C THR E 143 16.08 20.53 -11.63
N VAL E 144 14.95 21.25 -11.64
CA VAL E 144 13.96 21.00 -12.69
C VAL E 144 14.48 21.53 -14.00
N GLU E 145 14.45 20.67 -15.01
CA GLU E 145 14.95 21.02 -16.33
C GLU E 145 13.83 21.21 -17.33
N GLU E 146 12.82 20.35 -17.24
CA GLU E 146 11.67 20.47 -18.11
C GLU E 146 10.37 20.31 -17.31
N ILE E 147 9.35 21.08 -17.67
CA ILE E 147 8.02 20.89 -17.09
C ILE E 147 6.97 20.77 -18.16
N GLY E 148 6.73 19.56 -18.68
CA GLY E 148 5.59 19.29 -19.53
C GLY E 148 4.34 19.16 -18.67
N LEU E 149 3.17 18.92 -19.27
CA LEU E 149 2.01 18.68 -18.43
C LEU E 149 1.74 17.20 -18.22
N ARG E 150 2.55 16.35 -18.82
CA ARG E 150 2.46 14.95 -18.42
C ARG E 150 3.61 14.49 -17.56
N VAL E 151 4.73 15.18 -17.64
CA VAL E 151 5.88 14.68 -16.95
C VAL E 151 6.70 15.85 -16.48
N THR E 152 7.24 15.78 -15.27
CA THR E 152 8.30 16.69 -14.86
C THR E 152 9.69 16.02 -14.94
N LYS E 153 10.69 16.73 -15.48
CA LYS E 153 12.07 16.21 -15.53
C LYS E 153 12.98 16.99 -14.59
N ILE E 154 13.70 16.27 -13.76
CA ILE E 154 14.48 16.87 -12.70
C ILE E 154 15.82 16.17 -12.71
N ARG E 155 16.93 16.89 -12.84
CA ARG E 155 18.22 16.24 -12.76
C ARG E 155 18.94 16.60 -11.46
N GLY E 156 19.17 15.65 -10.58
CA GLY E 156 19.97 15.93 -9.40
C GLY E 156 21.40 15.87 -9.84
N PHE E 157 22.35 16.47 -9.15
CA PHE E 157 23.75 16.30 -9.56
C PHE E 157 24.26 14.96 -9.04
N SER E 158 25.08 14.28 -9.83
CA SER E 158 25.61 12.96 -9.46
C SER E 158 24.59 11.83 -9.47
N ASP E 159 23.40 12.10 -10.00
CA ASP E 159 22.21 11.29 -9.70
C ASP E 159 21.41 10.88 -10.97
N GLY E 160 21.61 11.66 -12.04
CA GLY E 160 20.92 11.41 -13.29
C GLY E 160 19.66 12.23 -13.48
N LEU E 161 19.16 12.19 -14.71
CA LEU E 161 17.91 12.82 -15.10
C LEU E 161 16.68 11.93 -14.77
N HIS E 162 15.83 12.46 -13.91
CA HIS E 162 14.65 11.75 -13.47
C HIS E 162 13.47 12.26 -14.24
N ILE E 163 12.74 11.33 -14.83
CA ILE E 163 11.50 11.64 -15.52
C ILE E 163 10.36 11.11 -14.67
N ILE E 164 9.54 12.01 -14.16
CA ILE E 164 8.50 11.65 -13.22
C ILE E 164 7.16 12.06 -13.76
N PRO E 165 6.28 11.08 -13.96
CA PRO E 165 4.91 11.32 -14.38
C PRO E 165 4.19 12.24 -13.38
N ASN E 166 3.59 13.32 -13.85
CA ASN E 166 3.03 14.29 -12.94
C ASN E 166 2.04 13.73 -11.95
N GLY E 167 1.31 12.69 -12.34
CA GLY E 167 0.36 12.05 -11.44
C GLY E 167 0.96 11.45 -10.17
N GLU E 168 2.19 10.96 -10.29
CA GLU E 168 2.87 10.33 -9.16
C GLU E 168 3.29 11.33 -8.09
N ILE E 169 3.32 12.63 -8.42
CA ILE E 169 3.67 13.65 -7.44
C ILE E 169 2.63 13.72 -6.31
N LYS E 170 2.99 13.23 -5.12
CA LYS E 170 2.09 13.24 -3.96
C LYS E 170 2.37 14.52 -3.18
N MET E 171 3.60 14.98 -3.24
CA MET E 171 3.95 16.22 -2.63
C MET E 171 5.20 16.75 -3.36
N VAL E 172 5.31 18.07 -3.49
CA VAL E 172 6.48 18.69 -4.06
C VAL E 172 6.96 19.70 -3.07
N THR E 173 8.10 19.41 -2.45
CA THR E 173 8.72 20.43 -1.59
C THR E 173 9.68 21.28 -2.42
N ASN E 174 9.51 22.59 -2.41
CA ASN E 174 10.44 23.47 -3.10
C ASN E 174 11.54 23.95 -2.14
N LEU E 175 12.80 23.84 -2.55
CA LEU E 175 13.90 24.21 -1.67
C LEU E 175 14.39 25.63 -1.86
N THR E 176 13.96 26.29 -2.93
CA THR E 176 14.54 27.57 -3.32
C THR E 176 13.52 28.69 -3.53
N LYS E 177 12.45 28.68 -2.74
CA LYS E 177 11.41 29.72 -2.80
C LYS E 177 11.84 31.10 -2.20
N ASP E 178 11.00 31.64 -1.33
CA ASP E 178 11.38 32.83 -0.60
C ASP E 178 12.66 32.50 0.16
N SER E 179 13.71 32.15 -0.58
CA SER E 179 15.03 31.93 0.00
C SER E 179 15.30 30.50 0.53
N MET E 180 16.27 30.38 1.43
CA MET E 180 16.75 29.07 1.83
C MET E 180 17.32 29.13 3.23
N MET E 181 17.50 27.97 3.86
CA MET E 181 18.04 27.95 5.21
C MET E 181 19.18 26.95 5.39
N ALA E 182 20.29 27.41 5.97
CA ALA E 182 21.45 26.59 6.16
C ALA E 182 21.64 26.20 7.63
N VAL E 183 21.96 24.93 7.86
CA VAL E 183 22.12 24.39 9.19
C VAL E 183 23.46 23.64 9.34
N VAL E 184 24.05 23.71 10.53
CA VAL E 184 25.18 22.87 10.84
C VAL E 184 24.98 22.42 12.27
N ASN E 185 24.95 21.12 12.50
CA ASN E 185 24.88 20.62 13.85
C ASN E 185 26.27 20.20 14.30
N ILE E 186 26.89 21.04 15.12
CA ILE E 186 28.19 20.73 15.67
C ILE E 186 28.06 19.81 16.90
N ALA E 187 28.91 18.80 16.94
CA ALA E 187 28.91 17.84 18.05
C ALA E 187 30.17 17.94 18.88
N PHE E 188 29.99 18.09 20.20
CA PHE E 188 31.09 18.08 21.18
C PHE E 188 30.93 16.93 22.14
N PRO E 189 31.97 16.68 22.93
CA PRO E 189 31.86 15.75 24.05
C PRO E 189 31.15 16.46 25.20
N ILE E 190 30.31 15.78 25.98
CA ILE E 190 29.79 16.41 27.19
C ILE E 190 30.96 16.60 28.15
N ASP E 191 31.86 15.62 28.19
CA ASP E 191 33.12 15.83 28.87
C ASP E 191 33.76 17.01 28.18
N GLU E 192 33.16 18.21 28.33
CA GLU E 192 33.70 19.41 27.68
C GLU E 192 33.14 20.74 28.21
N ASP E 193 33.94 21.79 28.03
CA ASP E 193 33.58 23.14 28.45
C ASP E 193 32.61 23.76 27.47
N VAL E 194 31.34 23.89 27.88
CA VAL E 194 30.29 24.39 27.00
C VAL E 194 30.48 25.84 26.53
N ASP E 195 30.81 26.72 27.45
CA ASP E 195 30.79 28.15 27.17
C ASP E 195 31.94 28.57 26.26
N LYS E 196 33.05 27.84 26.32
CA LYS E 196 34.20 28.13 25.48
C LYS E 196 33.84 27.83 24.03
N ILE E 197 33.20 26.69 23.79
CA ILE E 197 32.78 26.31 22.44
C ILE E 197 31.65 27.20 21.92
N ILE E 198 30.65 27.47 22.75
CA ILE E 198 29.56 28.35 22.34
C ILE E 198 30.11 29.75 22.04
N GLU E 199 31.19 30.12 22.74
CA GLU E 199 31.89 31.39 22.54
C GLU E 199 32.59 31.38 21.18
N GLY E 200 33.24 30.27 20.88
CA GLY E 200 33.95 30.10 19.63
C GLY E 200 33.04 30.14 18.43
N LEU E 201 31.93 29.41 18.53
CA LEU E 201 30.89 29.40 17.48
C LEU E 201 30.28 30.79 17.33
N GLN E 202 30.17 31.51 18.44
CA GLN E 202 29.72 32.90 18.38
C GLN E 202 30.66 33.68 17.48
N GLU E 203 31.97 33.53 17.72
CA GLU E 203 33.02 34.21 16.94
C GLU E 203 33.00 33.81 15.45
N ILE E 204 32.65 32.56 15.18
CA ILE E 204 32.50 32.09 13.80
C ILE E 204 31.28 32.65 13.06
N CYS E 205 30.15 32.75 13.74
CA CYS E 205 29.01 33.45 13.15
C CYS E 205 29.41 34.89 12.86
N GLU E 206 29.99 35.54 13.87
CA GLU E 206 30.49 36.89 13.71
C GLU E 206 31.25 36.97 12.38
N GLU E 207 32.30 36.16 12.23
CA GLU E 207 33.19 36.22 11.07
C GLU E 207 32.49 35.93 9.74
N VAL E 208 31.58 34.97 9.75
CA VAL E 208 30.87 34.57 8.53
C VAL E 208 29.86 35.60 8.03
N LYS E 209 29.18 36.25 8.96
CA LYS E 209 28.32 37.36 8.61
C LYS E 209 29.10 38.36 7.73
N LYS E 210 30.44 38.44 7.92
CA LYS E 210 31.35 39.40 7.24
C LYS E 210 31.68 39.08 5.77
N SER E 211 31.12 38.01 5.22
CA SER E 211 31.37 37.67 3.82
C SER E 211 30.08 37.17 3.10
N ARG E 212 29.73 37.88 2.04
CA ARG E 212 28.37 38.06 1.53
C ARG E 212 27.84 36.98 0.64
N GLY E 218 21.12 35.21 9.05
CA GLY E 218 22.06 34.58 9.97
C GLY E 218 23.51 35.02 9.84
N PRO E 219 24.49 34.16 10.23
CA PRO E 219 24.39 32.91 10.98
C PRO E 219 24.44 33.09 12.50
N THR E 220 23.71 32.23 13.20
CA THR E 220 23.48 32.41 14.62
C THR E 220 23.67 31.09 15.41
N VAL E 221 23.95 31.20 16.70
CA VAL E 221 24.14 30.02 17.53
C VAL E 221 22.87 29.78 18.36
N LEU E 222 22.01 28.89 17.86
CA LEU E 222 20.86 28.40 18.61
C LEU E 222 21.39 27.49 19.69
N GLY E 223 20.73 27.39 20.83
CA GLY E 223 21.25 26.60 21.95
C GLY E 223 21.71 25.17 21.67
N ILE E 224 22.00 24.41 22.72
CA ILE E 224 22.28 22.98 22.60
C ILE E 224 20.98 22.25 22.25
N THR E 225 20.88 21.87 20.99
CA THR E 225 19.66 21.24 20.48
C THR E 225 19.49 19.75 20.81
N ASP E 226 20.57 19.05 21.15
CA ASP E 226 20.39 17.66 21.59
C ASP E 226 21.45 17.16 22.57
N MET E 227 21.05 16.29 23.49
CA MET E 227 22.00 15.78 24.49
C MET E 227 22.07 14.26 24.47
N GLN E 228 23.26 13.73 24.17
CA GLN E 228 23.43 12.28 23.98
C GLN E 228 24.42 11.63 24.94
N ASP E 229 24.70 10.35 24.72
CA ASP E 229 25.52 9.56 25.65
C ASP E 229 26.83 10.27 26.05
N SER E 230 27.69 10.50 25.07
CA SER E 230 28.97 11.15 25.31
C SER E 230 29.06 12.45 24.55
N LYS E 231 28.01 12.76 23.79
CA LYS E 231 28.01 13.96 22.97
C LYS E 231 27.03 15.01 23.45
N LEU E 232 27.06 16.14 22.76
CA LEU E 232 26.26 17.31 23.08
C LEU E 232 26.24 18.12 21.79
N VAL E 233 25.05 18.50 21.33
CA VAL E 233 24.92 19.04 19.98
C VAL E 233 24.27 20.41 19.89
N ILE E 234 25.05 21.34 19.34
CA ILE E 234 24.67 22.76 19.22
C ILE E 234 24.58 23.06 17.74
N MET E 235 23.48 23.65 17.32
CA MET E 235 23.31 23.96 15.91
C MET E 235 23.45 25.43 15.63
N VAL E 236 24.13 25.74 14.52
CA VAL E 236 24.19 27.10 14.02
C VAL E 236 23.40 27.11 12.73
N TYR E 237 22.67 28.19 12.49
CA TYR E 237 21.78 28.26 11.34
C TYR E 237 21.75 29.66 10.78
N ALA E 238 21.56 29.78 9.47
CA ALA E 238 21.61 31.07 8.78
C ALA E 238 20.66 31.10 7.60
N LYS E 239 19.96 32.21 7.43
CA LYS E 239 19.06 32.35 6.29
C LYS E 239 19.88 32.84 5.11
N THR E 240 19.83 32.08 4.02
CA THR E 240 20.67 32.35 2.85
C THR E 240 19.88 32.51 1.54
N GLN E 241 20.39 33.37 0.66
CA GLN E 241 19.85 33.59 -0.67
C GLN E 241 19.73 32.27 -1.41
N PRO E 242 18.79 32.17 -2.36
CA PRO E 242 18.52 30.88 -3.00
C PRO E 242 19.75 30.20 -3.58
N MET E 243 20.12 29.04 -3.01
CA MET E 243 21.22 28.18 -3.47
C MET E 243 22.57 28.40 -2.74
N GLN E 244 22.81 29.59 -2.19
CA GLN E 244 24.05 29.84 -1.47
C GLN E 244 24.10 28.89 -0.24
N LYS E 245 23.09 28.04 -0.07
CA LYS E 245 22.92 27.28 1.18
C LYS E 245 23.96 26.22 1.54
N TRP E 246 24.11 25.21 0.70
CA TRP E 246 24.97 24.09 1.08
C TRP E 246 26.39 24.64 1.16
N ALA E 247 26.62 25.68 0.37
CA ALA E 247 27.88 26.43 0.36
C ALA E 247 28.17 27.06 1.72
N VAL E 248 27.24 27.88 2.21
CA VAL E 248 27.37 28.43 3.56
C VAL E 248 27.71 27.34 4.55
N GLU E 249 26.93 26.28 4.53
CA GLU E 249 27.19 25.16 5.42
C GLU E 249 28.65 24.69 5.38
N ARG E 250 29.19 24.52 4.18
CA ARG E 250 30.59 24.08 4.05
C ARG E 250 31.60 25.08 4.59
N ASP E 251 31.35 26.36 4.32
CA ASP E 251 32.14 27.42 4.92
C ASP E 251 32.16 27.20 6.44
N ILE E 252 30.97 27.15 7.03
CA ILE E 252 30.80 27.00 8.47
C ILE E 252 31.52 25.76 9.02
N ARG E 253 31.48 24.65 8.30
CA ARG E 253 32.15 23.42 8.72
C ARG E 253 33.65 23.62 8.79
N TYR E 254 34.23 24.14 7.71
CA TYR E 254 35.66 24.43 7.69
C TYR E 254 36.04 25.31 8.89
N ARG E 255 35.27 26.38 9.08
CA ARG E 255 35.47 27.26 10.21
C ARG E 255 35.47 26.50 11.53
N VAL E 256 34.52 25.58 11.70
CA VAL E 256 34.41 24.86 12.97
C VAL E 256 35.58 23.92 13.19
N LYS E 257 36.06 23.30 12.11
CA LYS E 257 37.26 22.46 12.19
C LYS E 257 38.47 23.27 12.64
N LYS E 258 38.74 24.38 11.96
CA LYS E 258 39.88 25.18 12.36
C LYS E 258 39.73 25.74 13.77
N MET E 259 38.52 26.12 14.14
CA MET E 259 38.24 26.64 15.48
C MET E 259 38.54 25.58 16.53
N PHE E 260 38.25 24.33 16.19
CA PHE E 260 38.52 23.19 17.07
C PHE E 260 40.01 22.99 17.23
N ASP E 261 40.76 23.25 16.16
CA ASP E 261 42.21 23.10 16.22
C ASP E 261 42.88 24.21 17.02
N GLN E 262 42.43 25.45 16.85
CA GLN E 262 43.01 26.60 17.55
C GLN E 262 42.66 26.65 19.04
N LYS E 263 41.36 26.60 19.35
CA LYS E 263 40.86 26.56 20.72
C LYS E 263 41.20 25.21 21.39
N ASN E 264 41.82 24.33 20.61
CA ASN E 264 42.27 23.03 21.09
C ASN E 264 41.20 22.13 21.73
N ILE E 265 39.94 22.42 21.46
CA ILE E 265 38.82 21.67 22.02
C ILE E 265 38.86 20.23 21.54
N SER E 266 38.64 19.28 22.45
CA SER E 266 38.76 17.86 22.13
C SER E 266 37.58 17.39 21.31
N PHE E 267 37.79 16.38 20.46
CA PHE E 267 36.76 15.90 19.52
C PHE E 267 35.74 14.91 20.10
N PRO E 268 34.53 14.93 19.52
CA PRO E 268 33.39 14.16 19.97
C PRO E 268 33.54 12.65 19.78
N TYR E 269 34.76 12.12 19.92
CA TYR E 269 34.96 10.68 19.86
C TYR E 269 34.04 9.97 20.82
N PRO E 270 33.44 8.84 20.39
CA PRO E 270 32.64 8.08 21.34
C PRO E 270 33.53 7.69 22.51
N ARG E 271 33.08 7.84 23.74
CA ARG E 271 33.94 7.46 24.85
C ARG E 271 33.27 6.38 25.65
N THR E 272 33.99 5.31 25.91
CA THR E 272 33.44 4.20 26.63
C THR E 272 34.19 4.17 27.92
N THR E 273 33.53 3.82 29.01
CA THR E 273 34.20 3.54 30.25
C THR E 273 34.01 2.09 30.63
N VAL E 274 35.11 1.38 30.85
CA VAL E 274 35.07 -0.04 31.00
C VAL E 274 35.55 -0.51 32.35
N ILE E 275 35.10 -1.69 32.73
CA ILE E 275 35.45 -2.27 34.02
C ILE E 275 36.11 -3.62 33.75
N LEU E 276 37.22 -3.88 34.45
CA LEU E 276 37.95 -5.13 34.21
C LEU E 276 37.62 -6.26 35.19
N SER E 277 37.59 -7.49 34.67
CA SER E 277 37.14 -8.64 35.45
C SER E 277 38.21 -9.74 35.50
N GLU E 278 38.39 -10.31 36.69
CA GLU E 278 39.40 -11.34 36.91
C GLU E 278 38.89 -12.76 36.65
N LYS E 279 39.11 -13.27 35.43
CA LYS E 279 38.69 -14.63 35.08
C LYS E 279 39.72 -15.33 34.17
N LYS E 280 39.25 -16.32 33.40
CA LYS E 280 40.15 -17.22 32.67
C LYS E 280 39.35 -18.00 31.62
N THR E 281 39.67 -19.28 31.45
CA THR E 281 38.89 -20.19 30.60
C THR E 281 39.28 -21.64 30.85
N TYR F 13 -54.17 -19.06 -34.98
CA TYR F 13 -52.85 -19.24 -35.57
C TYR F 13 -52.12 -17.91 -35.83
N ASP F 14 -52.88 -16.81 -35.77
CA ASP F 14 -52.33 -15.45 -35.83
C ASP F 14 -51.64 -15.05 -37.14
N ILE F 15 -51.07 -13.84 -37.14
CA ILE F 15 -50.46 -13.25 -38.33
C ILE F 15 -48.95 -13.00 -38.18
N LYS F 16 -48.50 -12.86 -36.93
CA LYS F 16 -47.09 -12.58 -36.68
C LYS F 16 -46.17 -13.77 -36.94
N ALA F 17 -46.66 -14.97 -36.67
CA ALA F 17 -45.85 -16.20 -36.76
C ALA F 17 -44.94 -16.27 -37.98
N VAL F 18 -45.20 -15.43 -38.96
CA VAL F 18 -44.32 -15.34 -40.11
C VAL F 18 -43.26 -14.27 -39.86
N LYS F 19 -43.67 -13.13 -39.30
CA LYS F 19 -42.75 -12.06 -38.91
C LYS F 19 -41.71 -12.55 -37.91
N PHE F 20 -42.18 -13.22 -36.86
CA PHE F 20 -41.31 -13.86 -35.89
C PHE F 20 -40.21 -14.66 -36.59
N LEU F 21 -40.63 -15.55 -37.48
CA LEU F 21 -39.68 -16.29 -38.28
C LEU F 21 -38.72 -15.38 -39.02
N LEU F 22 -39.22 -14.27 -39.58
CA LEU F 22 -38.33 -13.30 -40.24
C LEU F 22 -37.30 -12.75 -39.29
N ASP F 23 -37.63 -12.73 -38.00
CA ASP F 23 -36.75 -12.15 -37.00
C ASP F 23 -35.64 -13.11 -36.57
N VAL F 24 -36.01 -14.30 -36.13
CA VAL F 24 -35.00 -15.32 -35.85
C VAL F 24 -34.13 -15.57 -37.11
N LEU F 25 -34.76 -15.41 -38.26
CA LEU F 25 -34.07 -15.54 -39.53
C LEU F 25 -33.05 -14.43 -39.67
N LYS F 26 -33.50 -13.18 -39.55
CA LYS F 26 -32.60 -12.03 -39.61
C LYS F 26 -31.36 -12.21 -38.73
N ILE F 27 -31.58 -12.71 -37.50
CA ILE F 27 -30.46 -12.96 -36.60
C ILE F 27 -29.54 -14.00 -37.19
N LEU F 28 -30.10 -15.14 -37.53
CA LEU F 28 -29.23 -16.18 -38.07
C LEU F 28 -28.42 -15.73 -39.30
N ILE F 29 -29.06 -15.07 -40.27
CA ILE F 29 -28.34 -14.70 -41.47
C ILE F 29 -27.29 -13.62 -41.17
N ILE F 30 -27.63 -12.66 -40.33
CA ILE F 30 -26.61 -11.67 -39.95
C ILE F 30 -25.42 -12.31 -39.21
N ALA F 31 -25.68 -13.27 -38.33
CA ALA F 31 -24.63 -13.92 -37.57
C ALA F 31 -23.77 -14.77 -38.48
N PHE F 32 -24.39 -15.35 -39.50
CA PHE F 32 -23.66 -16.17 -40.46
C PHE F 32 -22.73 -15.29 -41.31
N ILE F 33 -23.32 -14.26 -41.91
CA ILE F 33 -22.55 -13.25 -42.63
C ILE F 33 -21.41 -12.78 -41.76
N GLY F 34 -21.72 -12.52 -40.49
CA GLY F 34 -20.74 -12.05 -39.55
C GLY F 34 -19.59 -13.02 -39.39
N ILE F 35 -19.89 -14.30 -39.12
CA ILE F 35 -18.83 -15.29 -38.97
C ILE F 35 -17.95 -15.35 -40.21
N LYS F 36 -18.58 -15.54 -41.38
CA LYS F 36 -17.80 -15.67 -42.60
C LYS F 36 -16.92 -14.44 -42.84
N PHE F 37 -17.48 -13.26 -42.63
CA PHE F 37 -16.76 -12.00 -42.79
C PHE F 37 -15.57 -11.88 -41.84
N ALA F 38 -15.76 -12.35 -40.60
CA ALA F 38 -14.70 -12.31 -39.59
C ALA F 38 -13.58 -13.29 -39.95
N ASP F 39 -13.97 -14.48 -40.37
CA ASP F 39 -13.04 -15.50 -40.80
C ASP F 39 -12.21 -14.92 -41.92
N PHE F 40 -12.86 -14.16 -42.81
CA PHE F 40 -12.18 -13.52 -43.93
C PHE F 40 -11.17 -12.51 -43.47
N LEU F 41 -11.62 -11.49 -42.75
CA LEU F 41 -10.73 -10.46 -42.23
C LEU F 41 -9.57 -11.02 -41.39
N ILE F 42 -9.81 -12.10 -40.67
CA ILE F 42 -8.79 -12.72 -39.84
C ILE F 42 -7.81 -13.48 -40.73
N TYR F 43 -8.31 -14.13 -41.76
CA TYR F 43 -7.46 -14.81 -42.74
C TYR F 43 -6.66 -13.80 -43.57
N ARG F 44 -7.07 -12.53 -43.54
CA ARG F 44 -6.34 -11.48 -44.24
C ARG F 44 -5.29 -10.82 -43.34
N PHE F 45 -5.71 -10.36 -42.16
CA PHE F 45 -4.77 -9.90 -41.13
C PHE F 45 -3.78 -11.03 -40.83
N TYR F 46 -4.11 -12.22 -41.32
CA TYR F 46 -3.25 -13.40 -41.27
C TYR F 46 -2.32 -13.38 -42.48
N LYS F 47 -2.92 -13.38 -43.67
CA LYS F 47 -2.19 -13.34 -44.93
C LYS F 47 -1.00 -12.39 -44.85
N LEU F 48 -1.26 -11.15 -44.40
CA LEU F 48 -0.20 -10.15 -44.30
C LEU F 48 0.92 -10.54 -43.35
N TYR F 49 0.68 -10.42 -42.05
CA TYR F 49 1.72 -10.69 -41.04
C TYR F 49 2.36 -12.08 -41.19
N SER F 50 1.75 -12.93 -42.03
CA SER F 50 2.24 -14.29 -42.21
C SER F 50 3.17 -14.46 -43.42
N LYS F 51 2.77 -13.94 -44.57
CA LYS F 51 3.54 -14.16 -45.81
C LYS F 51 4.83 -13.36 -45.90
N SER F 52 4.93 -12.28 -45.14
CA SER F 52 6.14 -11.44 -45.16
C SER F 52 7.21 -11.95 -44.18
N LYS F 53 6.76 -12.69 -43.16
CA LYS F 53 7.66 -13.24 -42.15
C LYS F 53 8.59 -12.17 -41.61
N ILE F 54 7.99 -11.06 -41.18
CA ILE F 54 8.74 -9.93 -40.64
C ILE F 54 9.24 -10.22 -39.22
N GLN F 55 8.36 -10.78 -38.40
CA GLN F 55 8.70 -11.11 -37.03
C GLN F 55 7.84 -12.28 -36.57
N LEU F 56 8.09 -12.77 -35.36
CA LEU F 56 7.26 -13.79 -34.74
C LEU F 56 7.32 -15.16 -35.46
N PRO F 57 7.93 -16.17 -34.80
CA PRO F 57 7.93 -17.53 -35.33
C PRO F 57 6.50 -17.97 -35.60
N GLN F 58 6.30 -18.91 -36.52
CA GLN F 58 4.95 -19.32 -36.85
C GLN F 58 4.21 -19.94 -35.65
N ARG F 59 4.84 -20.92 -35.01
CA ARG F 59 4.24 -21.62 -33.88
C ARG F 59 3.42 -20.70 -32.96
N LYS F 60 3.88 -19.46 -32.81
CA LYS F 60 3.20 -18.47 -31.98
C LYS F 60 2.02 -17.82 -32.69
N ILE F 61 2.30 -17.16 -33.81
CA ILE F 61 1.27 -16.48 -34.59
C ILE F 61 0.11 -17.40 -34.99
N ASP F 62 0.33 -18.70 -35.02
CA ASP F 62 -0.75 -19.65 -35.22
C ASP F 62 -1.65 -19.73 -34.00
N THR F 63 -1.03 -19.84 -32.83
CA THR F 63 -1.74 -19.80 -31.54
C THR F 63 -2.54 -18.50 -31.39
N LEU F 64 -1.96 -17.42 -31.89
CA LEU F 64 -2.57 -16.09 -31.83
C LEU F 64 -3.71 -15.93 -32.84
N THR F 65 -3.54 -16.54 -34.00
CA THR F 65 -4.63 -16.56 -34.96
C THR F 65 -5.85 -17.31 -34.41
N SER F 66 -5.64 -18.53 -33.89
CA SER F 66 -6.77 -19.28 -33.34
C SER F 66 -7.36 -18.60 -32.09
N LEU F 67 -6.52 -17.88 -31.34
CA LEU F 67 -7.01 -16.99 -30.31
C LEU F 67 -8.07 -16.02 -30.86
N THR F 68 -7.70 -15.23 -31.86
CA THR F 68 -8.66 -14.27 -32.45
C THR F 68 -9.91 -14.95 -33.05
N LYS F 69 -9.71 -16.07 -33.75
CA LYS F 69 -10.83 -16.84 -34.28
C LYS F 69 -11.80 -17.20 -33.15
N ASN F 70 -11.33 -17.95 -32.17
CA ASN F 70 -12.12 -18.31 -31.00
C ASN F 70 -12.84 -17.15 -30.28
N ALA F 71 -12.12 -16.09 -30.00
CA ALA F 71 -12.76 -14.92 -29.42
C ALA F 71 -13.97 -14.50 -30.26
N VAL F 72 -13.76 -14.33 -31.56
CA VAL F 72 -14.80 -13.76 -32.39
C VAL F 72 -15.98 -14.74 -32.45
N ARG F 73 -15.69 -16.04 -32.51
CA ARG F 73 -16.76 -17.04 -32.52
C ARG F 73 -17.57 -16.90 -31.24
N TYR F 74 -16.89 -16.92 -30.09
CA TYR F 74 -17.62 -16.79 -28.83
C TYR F 74 -18.45 -15.52 -28.72
N ILE F 75 -17.90 -14.40 -29.13
CA ILE F 75 -18.71 -13.17 -29.16
C ILE F 75 -19.94 -13.28 -30.09
N ILE F 76 -19.76 -13.91 -31.24
CA ILE F 76 -20.86 -13.97 -32.19
C ILE F 76 -21.92 -14.90 -31.65
N TYR F 77 -21.53 -16.12 -31.27
CA TYR F 77 -22.43 -17.05 -30.60
C TYR F 77 -23.19 -16.35 -29.48
N PHE F 78 -22.49 -15.64 -28.60
CA PHE F 78 -23.18 -14.97 -27.51
C PHE F 78 -24.17 -13.91 -28.01
N LEU F 79 -23.79 -13.06 -28.94
CA LEU F 79 -24.72 -12.03 -29.37
C LEU F 79 -25.97 -12.63 -30.04
N ALA F 80 -25.79 -13.64 -30.88
CA ALA F 80 -26.91 -14.25 -31.61
C ALA F 80 -27.84 -14.96 -30.64
N GLY F 81 -27.24 -15.73 -29.74
CA GLY F 81 -27.99 -16.43 -28.72
C GLY F 81 -28.78 -15.46 -27.88
N ALA F 82 -28.13 -14.40 -27.43
CA ALA F 82 -28.79 -13.42 -26.58
C ALA F 82 -29.95 -12.79 -27.29
N SER F 83 -29.78 -12.56 -28.59
CA SER F 83 -30.82 -11.91 -29.39
C SER F 83 -32.07 -12.81 -29.59
N ILE F 84 -31.82 -14.08 -29.91
CA ILE F 84 -32.87 -15.09 -30.00
C ILE F 84 -33.63 -15.26 -28.68
N LEU F 85 -32.87 -15.38 -27.59
CA LEU F 85 -33.42 -15.36 -26.24
C LEU F 85 -34.33 -14.15 -26.03
N LYS F 86 -33.89 -13.00 -26.51
CA LYS F 86 -34.71 -11.79 -26.41
C LYS F 86 -36.05 -12.00 -27.12
N LEU F 87 -35.94 -12.66 -28.28
CA LEU F 87 -37.10 -13.05 -29.10
C LEU F 87 -38.12 -14.01 -28.41
N PHE F 88 -37.63 -14.82 -27.48
CA PHE F 88 -38.53 -15.66 -26.68
C PHE F 88 -38.92 -15.08 -25.33
N ASN F 89 -38.90 -13.76 -25.23
CA ASN F 89 -39.40 -13.05 -24.05
C ASN F 89 -38.46 -13.03 -22.84
N ILE F 90 -37.17 -13.33 -23.09
CA ILE F 90 -36.16 -13.34 -22.03
C ILE F 90 -35.75 -11.92 -21.80
N ASP F 91 -35.69 -11.48 -20.53
CA ASP F 91 -35.36 -10.08 -20.24
C ASP F 91 -33.87 -9.75 -20.36
N MET F 92 -33.55 -8.72 -21.13
CA MET F 92 -32.15 -8.42 -21.42
C MET F 92 -31.39 -7.71 -20.29
N THR F 93 -32.10 -7.11 -19.35
CA THR F 93 -31.43 -6.54 -18.20
C THR F 93 -30.91 -7.65 -17.29
N SER F 94 -31.72 -8.69 -17.11
CA SER F 94 -31.33 -9.84 -16.29
C SER F 94 -30.16 -10.56 -16.92
N LEU F 95 -30.24 -10.74 -18.24
CA LEU F 95 -29.15 -11.26 -19.06
C LEU F 95 -27.91 -10.45 -18.87
N LEU F 96 -28.06 -9.11 -18.89
CA LEU F 96 -26.97 -8.18 -18.57
C LEU F 96 -26.36 -8.47 -17.21
N ALA F 97 -27.21 -8.66 -16.21
CA ALA F 97 -26.71 -8.97 -14.88
C ALA F 97 -25.92 -10.28 -14.83
N VAL F 98 -26.24 -11.23 -15.71
CA VAL F 98 -25.42 -12.43 -15.85
C VAL F 98 -24.12 -12.15 -16.61
N ALA F 99 -24.24 -11.73 -17.87
CA ALA F 99 -23.12 -11.50 -18.80
C ALA F 99 -22.08 -10.48 -18.34
N GLY F 100 -22.56 -9.50 -17.61
CA GLY F 100 -21.69 -8.49 -17.05
C GLY F 100 -20.77 -9.01 -15.97
N ILE F 101 -20.97 -10.23 -15.49
CA ILE F 101 -20.00 -10.79 -14.55
C ILE F 101 -18.68 -10.89 -15.30
N GLY F 102 -18.81 -11.32 -16.54
CA GLY F 102 -17.67 -11.39 -17.44
C GLY F 102 -17.26 -10.05 -18.03
N SER F 103 -18.21 -9.21 -18.39
CA SER F 103 -17.80 -7.86 -18.81
C SER F 103 -16.86 -7.26 -17.75
N LEU F 104 -17.23 -7.37 -16.48
CA LEU F 104 -16.48 -6.79 -15.37
C LEU F 104 -15.18 -7.50 -15.16
N ALA F 105 -15.22 -8.82 -15.01
CA ALA F 105 -13.99 -9.56 -14.79
C ALA F 105 -12.95 -9.32 -15.93
N ILE F 106 -13.36 -9.48 -17.19
CA ILE F 106 -12.44 -9.31 -18.30
C ILE F 106 -12.03 -7.88 -18.39
N GLY F 107 -12.98 -6.96 -18.30
CA GLY F 107 -12.70 -5.53 -18.43
C GLY F 107 -11.65 -4.99 -17.48
N PHE F 108 -11.89 -5.25 -16.19
CA PHE F 108 -10.93 -4.87 -15.14
C PHE F 108 -9.66 -5.69 -15.11
N GLY F 109 -9.69 -6.93 -15.58
CA GLY F 109 -8.47 -7.70 -15.75
C GLY F 109 -7.56 -7.10 -16.83
N ALA F 110 -8.15 -6.78 -17.96
CA ALA F 110 -7.43 -6.23 -19.08
C ALA F 110 -6.95 -4.79 -18.86
N GLN F 111 -7.57 -4.09 -17.91
CA GLN F 111 -7.15 -2.70 -17.72
C GLN F 111 -5.62 -2.59 -17.62
N ASN F 112 -5.01 -3.48 -16.85
CA ASN F 112 -3.54 -3.44 -16.71
C ASN F 112 -2.74 -3.53 -18.02
N LEU F 113 -3.01 -4.56 -18.82
CA LEU F 113 -2.54 -4.58 -20.19
C LEU F 113 -2.66 -3.18 -20.89
N VAL F 114 -3.85 -2.57 -20.89
CA VAL F 114 -4.01 -1.24 -21.52
C VAL F 114 -3.07 -0.21 -20.90
N LYS F 115 -2.84 -0.34 -19.59
CA LYS F 115 -1.92 0.54 -18.87
C LYS F 115 -0.48 0.40 -19.35
N ASP F 116 0.02 -0.84 -19.36
CA ASP F 116 1.33 -1.16 -19.89
C ASP F 116 1.50 -0.53 -21.26
N MET F 117 0.53 -0.75 -22.12
CA MET F 117 0.67 -0.21 -23.46
C MET F 117 0.71 1.30 -23.55
N ILE F 118 -0.20 2.00 -22.89
CA ILE F 118 -0.10 3.47 -22.93
C ILE F 118 1.27 3.94 -22.43
N SER F 119 1.67 3.34 -21.33
CA SER F 119 2.97 3.59 -20.72
C SER F 119 4.09 3.43 -21.73
N GLY F 120 4.19 2.26 -22.36
CA GLY F 120 5.18 2.00 -23.37
C GLY F 120 5.11 3.03 -24.48
N PHE F 121 3.91 3.29 -24.97
CA PHE F 121 3.70 4.32 -25.96
C PHE F 121 4.39 5.62 -25.62
N PHE F 122 4.26 6.08 -24.38
CA PHE F 122 4.94 7.32 -24.05
C PHE F 122 6.45 7.17 -23.94
N ILE F 123 6.90 6.12 -23.26
CA ILE F 123 8.33 5.84 -23.15
C ILE F 123 9.04 5.97 -24.49
N ILE F 124 8.49 5.32 -25.51
CA ILE F 124 8.98 5.43 -26.88
C ILE F 124 8.75 6.82 -27.51
N PHE F 125 7.49 7.25 -27.56
CA PHE F 125 7.12 8.49 -28.23
C PHE F 125 7.89 9.68 -27.67
N GLU F 126 8.29 9.59 -26.39
CA GLU F 126 9.06 10.67 -25.76
C GLU F 126 10.58 10.40 -25.64
N ASP F 127 11.07 9.41 -26.39
CA ASP F 127 12.45 8.99 -26.27
C ASP F 127 13.00 9.13 -24.85
N GLN F 128 12.30 8.55 -23.90
CA GLN F 128 12.73 8.60 -22.51
C GLN F 128 14.07 7.91 -22.36
N PHE F 129 14.27 6.82 -23.10
CA PHE F 129 15.58 6.16 -23.17
C PHE F 129 15.71 5.35 -24.46
N SER F 130 16.87 5.45 -25.10
CA SER F 130 17.11 4.78 -26.37
C SER F 130 17.57 3.33 -26.16
N VAL F 131 17.36 2.49 -27.16
CA VAL F 131 17.66 1.05 -27.10
C VAL F 131 19.11 0.72 -26.71
N GLY F 132 19.75 1.52 -25.86
CA GLY F 132 21.14 1.25 -25.56
C GLY F 132 21.74 1.90 -24.32
N ASP F 133 21.09 2.91 -23.74
CA ASP F 133 21.68 3.60 -22.57
C ASP F 133 21.51 2.87 -21.22
N TYR F 134 22.19 3.36 -20.19
CA TYR F 134 22.12 2.73 -18.90
C TYR F 134 21.20 3.52 -17.96
N VAL F 135 20.10 2.89 -17.58
CA VAL F 135 19.06 3.58 -16.82
C VAL F 135 18.80 2.91 -15.49
N THR F 136 18.03 3.57 -14.66
CA THR F 136 17.52 2.93 -13.48
C THR F 136 16.03 3.20 -13.30
N ILE F 137 15.30 2.11 -13.16
CA ILE F 137 13.86 2.08 -13.23
C ILE F 137 13.39 1.32 -12.01
N ASN F 138 12.70 2.00 -11.10
CA ASN F 138 12.20 1.32 -9.91
C ASN F 138 13.30 0.63 -9.09
N GLY F 139 14.28 1.40 -8.63
CA GLY F 139 15.34 0.87 -7.78
C GLY F 139 16.15 -0.25 -8.44
N ILE F 140 15.92 -0.47 -9.74
CA ILE F 140 16.65 -1.48 -10.49
C ILE F 140 17.38 -0.84 -11.67
N SER F 141 18.70 -0.97 -11.68
CA SER F 141 19.51 -0.31 -12.70
C SER F 141 20.10 -1.33 -13.66
N GLY F 142 20.24 -0.95 -14.93
CA GLY F 142 20.82 -1.82 -15.92
C GLY F 142 20.86 -1.17 -17.30
N THR F 143 21.38 -1.90 -18.29
CA THR F 143 21.47 -1.39 -19.66
C THR F 143 20.25 -1.81 -20.42
N VAL F 144 19.54 -0.88 -21.07
CA VAL F 144 18.34 -1.28 -21.81
C VAL F 144 18.69 -2.03 -23.06
N GLU F 145 18.11 -3.22 -23.20
CA GLU F 145 18.40 -4.09 -24.32
C GLU F 145 17.26 -4.09 -25.29
N GLU F 146 16.04 -4.17 -24.78
CA GLU F 146 14.87 -4.18 -25.65
C GLU F 146 13.82 -3.19 -25.16
N ILE F 147 13.13 -2.52 -26.07
CA ILE F 147 12.02 -1.67 -25.70
C ILE F 147 10.81 -1.97 -26.53
N GLY F 148 10.01 -2.95 -26.12
CA GLY F 148 8.69 -3.15 -26.69
C GLY F 148 7.72 -2.10 -26.13
N LEU F 149 6.44 -2.15 -26.53
CA LEU F 149 5.49 -1.24 -25.89
C LEU F 149 4.69 -1.89 -24.77
N ARG F 150 4.89 -3.17 -24.54
CA ARG F 150 4.34 -3.75 -23.32
C ARG F 150 5.39 -3.96 -22.21
N VAL F 151 6.65 -4.08 -22.59
CA VAL F 151 7.68 -4.43 -21.64
C VAL F 151 9.00 -3.81 -22.01
N THR F 152 9.72 -3.29 -21.03
CA THR F 152 11.09 -2.88 -21.23
C THR F 152 11.99 -3.97 -20.64
N LYS F 153 13.06 -4.31 -21.36
CA LYS F 153 14.04 -5.27 -20.84
C LYS F 153 15.39 -4.61 -20.57
N ILE F 154 15.92 -4.83 -19.38
CA ILE F 154 17.07 -4.09 -18.93
C ILE F 154 17.99 -5.08 -18.26
N ARG F 155 19.24 -5.20 -18.71
CA ARG F 155 20.18 -6.12 -18.07
C ARG F 155 21.26 -5.39 -17.30
N GLY F 156 21.25 -5.52 -15.97
CA GLY F 156 22.30 -4.93 -15.16
C GLY F 156 23.47 -5.89 -15.31
N PHE F 157 24.70 -5.47 -15.07
CA PHE F 157 25.79 -6.43 -15.06
C PHE F 157 25.82 -7.11 -13.71
N SER F 158 26.07 -8.41 -13.70
CA SER F 158 26.12 -9.22 -12.47
C SER F 158 24.74 -9.49 -11.86
N ASP F 159 23.69 -9.13 -12.58
CA ASP F 159 22.38 -8.93 -11.98
C ASP F 159 21.27 -9.66 -12.73
N GLY F 160 21.51 -9.97 -14.00
CA GLY F 160 20.53 -10.66 -14.81
C GLY F 160 19.70 -9.73 -15.68
N LEU F 161 18.93 -10.34 -16.59
CA LEU F 161 17.99 -9.61 -17.45
C LEU F 161 16.61 -9.40 -16.79
N HIS F 162 16.24 -8.14 -16.63
CA HIS F 162 15.00 -7.79 -15.97
C HIS F 162 13.99 -7.49 -17.04
N ILE F 163 12.83 -8.14 -16.94
CA ILE F 163 11.71 -7.83 -17.81
C ILE F 163 10.66 -7.10 -17.00
N ILE F 164 10.40 -5.87 -17.38
CA ILE F 164 9.56 -5.02 -16.57
C ILE F 164 8.40 -4.56 -17.43
N PRO F 165 7.16 -4.91 -17.04
CA PRO F 165 5.95 -4.41 -17.72
C PRO F 165 5.90 -2.88 -17.68
N ASN F 166 5.65 -2.27 -18.82
CA ASN F 166 5.78 -0.84 -18.86
C ASN F 166 4.92 -0.11 -17.85
N GLY F 167 3.75 -0.64 -17.55
CA GLY F 167 2.86 0.01 -16.60
C GLY F 167 3.44 0.20 -15.19
N GLU F 168 4.31 -0.72 -14.79
CA GLU F 168 4.89 -0.69 -13.45
C GLU F 168 5.90 0.42 -13.28
N ILE F 169 6.38 0.99 -14.39
CA ILE F 169 7.33 2.12 -14.34
C ILE F 169 6.70 3.36 -13.68
N LYS F 170 7.07 3.64 -12.43
CA LYS F 170 6.52 4.80 -11.74
C LYS F 170 7.41 6.00 -11.99
N MET F 171 8.68 5.73 -12.23
CA MET F 171 9.64 6.76 -12.56
C MET F 171 10.81 6.07 -13.26
N VAL F 172 11.43 6.75 -14.21
CA VAL F 172 12.57 6.20 -14.93
C VAL F 172 13.61 7.26 -14.89
N THR F 173 14.64 7.03 -14.08
CA THR F 173 15.78 7.93 -14.07
C THR F 173 16.84 7.47 -15.09
N ASN F 174 17.21 8.36 -15.99
CA ASN F 174 18.22 8.02 -16.97
C ASN F 174 19.60 8.47 -16.49
N LEU F 175 20.60 7.60 -16.57
CA LEU F 175 21.91 7.92 -16.01
C LEU F 175 22.87 8.46 -17.06
N THR F 176 22.51 8.35 -18.33
CA THR F 176 23.45 8.65 -19.40
C THR F 176 22.95 9.66 -20.44
N LYS F 177 22.15 10.62 -19.99
CA LYS F 177 21.62 11.68 -20.86
C LYS F 177 22.68 12.70 -21.28
N ASP F 178 22.35 13.98 -21.13
CA ASP F 178 23.32 15.03 -21.34
C ASP F 178 24.51 14.80 -20.40
N SER F 179 25.15 13.64 -20.55
CA SER F 179 26.37 13.31 -19.83
C SER F 179 26.16 12.68 -18.46
N MET F 180 27.20 12.73 -17.63
CA MET F 180 27.22 12.01 -16.37
C MET F 180 28.05 12.75 -15.33
N MET F 181 27.89 12.37 -14.06
CA MET F 181 28.64 13.00 -12.97
C MET F 181 29.26 11.99 -11.99
N ALA F 182 30.56 12.16 -11.75
CA ALA F 182 31.31 11.24 -10.90
C ALA F 182 31.63 11.88 -9.57
N VAL F 183 31.44 11.11 -8.50
CA VAL F 183 31.66 11.60 -7.15
C VAL F 183 32.55 10.64 -6.35
N VAL F 184 33.35 11.19 -5.45
CA VAL F 184 34.07 10.38 -4.49
C VAL F 184 34.04 11.14 -3.19
N ASN F 185 33.50 10.52 -2.14
CA ASN F 185 33.54 11.13 -0.83
C ASN F 185 34.69 10.57 -0.03
N ILE F 186 35.75 11.35 0.07
CA ILE F 186 36.92 10.94 0.83
C ILE F 186 36.73 11.22 2.32
N ALA F 187 37.07 10.24 3.14
CA ALA F 187 36.93 10.35 4.58
C ALA F 187 38.29 10.44 5.25
N PHE F 188 38.46 11.46 6.11
CA PHE F 188 39.64 11.61 6.97
C PHE F 188 39.23 11.59 8.44
N PRO F 189 40.23 11.48 9.33
CA PRO F 189 40.00 11.71 10.74
C PRO F 189 39.90 13.21 11.00
N ILE F 190 39.02 13.69 11.89
CA ILE F 190 39.09 15.09 12.29
C ILE F 190 40.41 15.33 13.03
N ASP F 191 40.85 14.35 13.81
CA ASP F 191 42.21 14.38 14.33
C ASP F 191 43.12 14.37 13.11
N GLU F 192 43.13 15.46 12.34
CA GLU F 192 43.93 15.54 11.10
C GLU F 192 44.04 16.94 10.51
N ASP F 193 45.13 17.14 9.77
CA ASP F 193 45.44 18.42 9.14
C ASP F 193 44.62 18.60 7.89
N VAL F 194 43.66 19.52 7.92
CA VAL F 194 42.72 19.70 6.82
C VAL F 194 43.35 20.18 5.54
N ASP F 195 44.20 21.19 5.65
CA ASP F 195 44.71 21.88 4.49
C ASP F 195 45.72 21.07 3.69
N LYS F 196 46.45 20.19 4.38
CA LYS F 196 47.38 19.28 3.73
C LYS F 196 46.62 18.29 2.84
N ILE F 197 45.54 17.71 3.35
CA ILE F 197 44.71 16.78 2.56
C ILE F 197 43.97 17.48 1.44
N ILE F 198 43.38 18.63 1.73
CA ILE F 198 42.69 19.42 0.69
C ILE F 198 43.68 19.82 -0.41
N GLU F 199 44.92 20.04 -0.01
CA GLU F 199 46.01 20.36 -0.94
C GLU F 199 46.33 19.17 -1.82
N GLY F 200 46.41 17.99 -1.20
CA GLY F 200 46.72 16.76 -1.90
C GLY F 200 45.64 16.41 -2.92
N LEU F 201 44.40 16.53 -2.48
CA LEU F 201 43.26 16.28 -3.35
C LEU F 201 43.26 17.29 -4.50
N GLN F 202 43.70 18.52 -4.20
CA GLN F 202 43.81 19.53 -5.23
C GLN F 202 44.76 19.00 -6.31
N GLU F 203 45.91 18.50 -5.85
CA GLU F 203 46.93 17.93 -6.73
C GLU F 203 46.43 16.73 -7.54
N ILE F 204 45.55 15.95 -6.92
CA ILE F 204 44.94 14.82 -7.63
C ILE F 204 43.93 15.23 -8.71
N CYS F 205 43.14 16.25 -8.44
CA CYS F 205 42.27 16.77 -9.49
C CYS F 205 43.14 17.27 -10.62
N GLU F 206 44.15 18.06 -10.25
CA GLU F 206 45.10 18.58 -11.22
C GLU F 206 45.54 17.46 -12.15
N GLU F 207 46.15 16.43 -11.57
CA GLU F 207 46.67 15.31 -12.35
C GLU F 207 45.62 14.54 -13.19
N VAL F 208 44.41 14.35 -12.64
CA VAL F 208 43.39 13.58 -13.36
C VAL F 208 42.88 14.35 -14.55
N LYS F 209 42.81 15.67 -14.41
CA LYS F 209 42.38 16.52 -15.51
C LYS F 209 43.25 16.22 -16.74
N LYS F 210 44.47 15.75 -16.46
CA LYS F 210 45.49 15.51 -17.49
C LYS F 210 45.34 14.22 -18.29
N SER F 211 44.27 13.46 -18.06
CA SER F 211 44.05 12.20 -18.78
C SER F 211 42.57 11.96 -19.15
N ARG F 212 42.34 11.86 -20.47
CA ARG F 212 41.08 12.25 -21.16
C ARG F 212 39.87 11.36 -21.07
N GLY F 218 35.11 18.64 -14.75
CA GLY F 218 35.87 18.42 -13.53
C GLY F 218 37.34 18.01 -13.71
N PRO F 219 37.94 17.32 -12.70
CA PRO F 219 37.48 17.05 -11.34
C PRO F 219 37.92 18.13 -10.35
N THR F 220 37.08 18.40 -9.35
CA THR F 220 37.28 19.52 -8.45
C THR F 220 37.04 19.13 -6.98
N VAL F 221 37.62 19.91 -6.08
CA VAL F 221 37.48 19.68 -4.64
C VAL F 221 36.40 20.58 -4.03
N LEU F 222 35.19 20.06 -3.89
CA LEU F 222 34.14 20.78 -3.20
C LEU F 222 34.47 20.68 -1.74
N GLY F 223 34.08 21.65 -0.93
CA GLY F 223 34.46 21.68 0.49
C GLY F 223 34.27 20.41 1.33
N ILE F 224 34.44 20.53 2.64
CA ILE F 224 34.08 19.45 3.57
C ILE F 224 32.55 19.30 3.64
N THR F 225 32.05 18.25 2.99
CA THR F 225 30.62 18.06 2.83
C THR F 225 29.94 17.49 4.06
N ASP F 226 30.68 16.81 4.94
CA ASP F 226 30.04 16.32 6.18
C ASP F 226 30.99 16.19 7.35
N MET F 227 30.48 16.43 8.56
CA MET F 227 31.31 16.34 9.74
C MET F 227 30.77 15.35 10.76
N GLN F 228 31.51 14.27 11.04
CA GLN F 228 31.04 13.22 11.94
C GLN F 228 31.88 13.02 13.21
N ASP F 229 31.62 11.93 13.92
CA ASP F 229 32.21 11.72 15.24
C ASP F 229 33.73 11.84 15.24
N SER F 230 34.38 10.95 14.50
CA SER F 230 35.83 10.96 14.41
C SER F 230 36.30 11.23 12.99
N LYS F 231 35.33 11.41 12.08
CA LYS F 231 35.63 11.61 10.67
C LYS F 231 35.27 13.00 10.16
N LEU F 232 35.60 13.23 8.91
CA LEU F 232 35.41 14.51 8.24
C LEU F 232 35.42 14.17 6.75
N VAL F 233 34.45 14.67 6.01
CA VAL F 233 34.25 14.13 4.68
C VAL F 233 34.23 15.19 3.61
N ILE F 234 35.24 15.10 2.71
CA ILE F 234 35.43 16.03 1.58
C ILE F 234 35.16 15.31 0.27
N MET F 235 34.31 15.90 -0.56
CA MET F 235 33.99 15.24 -1.82
C MET F 235 34.71 15.90 -3.00
N VAL F 236 35.17 15.05 -3.93
CA VAL F 236 35.64 15.53 -5.20
C VAL F 236 34.66 15.03 -6.26
N TYR F 237 34.38 15.87 -7.25
CA TYR F 237 33.38 15.53 -8.26
C TYR F 237 33.82 16.05 -9.63
N ALA F 238 33.37 15.37 -10.67
CA ALA F 238 33.81 15.70 -12.03
C ALA F 238 32.72 15.33 -13.01
N LYS F 239 32.49 16.20 -14.00
CA LYS F 239 31.50 15.94 -15.03
C LYS F 239 32.18 15.10 -16.12
N THR F 240 31.63 13.91 -16.38
CA THR F 240 32.23 12.97 -17.31
C THR F 240 31.28 12.56 -18.47
N GLN F 241 31.89 12.28 -19.62
CA GLN F 241 31.19 11.77 -20.81
C GLN F 241 30.36 10.52 -20.49
N PRO F 242 29.28 10.30 -21.23
CA PRO F 242 28.40 9.19 -20.84
C PRO F 242 29.13 7.85 -20.62
N MET F 243 29.09 7.35 -19.39
CA MET F 243 29.64 6.04 -19.02
C MET F 243 31.10 6.05 -18.48
N GLN F 244 31.91 7.04 -18.86
CA GLN F 244 33.26 7.14 -18.30
C GLN F 244 33.21 7.34 -16.76
N LYS F 245 32.01 7.38 -16.17
CA LYS F 245 31.82 7.81 -14.76
C LYS F 245 32.40 6.93 -13.64
N TRP F 246 31.90 5.70 -13.53
CA TRP F 246 32.29 4.86 -12.41
C TRP F 246 33.79 4.63 -12.55
N ALA F 247 34.23 4.65 -13.82
CA ALA F 247 35.65 4.55 -14.17
C ALA F 247 36.47 5.69 -13.57
N VAL F 248 36.06 6.93 -13.86
CA VAL F 248 36.71 8.09 -13.27
C VAL F 248 36.80 7.93 -11.78
N GLU F 249 35.67 7.58 -11.15
CA GLU F 249 35.62 7.39 -9.69
C GLU F 249 36.71 6.42 -9.19
N ARG F 250 36.86 5.28 -9.88
CA ARG F 250 37.90 4.32 -9.52
C ARG F 250 39.33 4.86 -9.67
N ASP F 251 39.56 5.58 -10.77
CA ASP F 251 40.83 6.27 -10.96
C ASP F 251 41.07 7.13 -9.72
N ILE F 252 40.09 7.98 -9.38
CA ILE F 252 40.23 8.92 -8.26
C ILE F 252 40.49 8.22 -6.94
N ARG F 253 39.86 7.06 -6.73
CA ARG F 253 40.07 6.31 -5.50
C ARG F 253 41.51 5.80 -5.42
N TYR F 254 41.96 5.12 -6.46
CA TYR F 254 43.35 4.68 -6.47
C TYR F 254 44.27 5.86 -6.15
N ARG F 255 44.05 6.99 -6.83
CA ARG F 255 44.84 8.19 -6.58
C ARG F 255 44.84 8.59 -5.12
N VAL F 256 43.67 8.55 -4.49
CA VAL F 256 43.54 8.99 -3.10
C VAL F 256 44.26 8.04 -2.14
N LYS F 257 44.17 6.75 -2.40
CA LYS F 257 44.91 5.78 -1.61
C LYS F 257 46.42 6.04 -1.70
N LYS F 258 46.94 6.13 -2.91
CA LYS F 258 48.36 6.36 -3.05
C LYS F 258 48.77 7.70 -2.40
N MET F 259 47.92 8.72 -2.56
CA MET F 259 48.22 10.02 -2.00
C MET F 259 48.30 9.93 -0.48
N PHE F 260 47.45 9.06 0.08
CA PHE F 260 47.42 8.83 1.53
C PHE F 260 48.67 8.18 1.99
N ASP F 261 49.22 7.30 1.14
CA ASP F 261 50.47 6.62 1.46
C ASP F 261 51.69 7.54 1.36
N GLN F 262 51.73 8.40 0.37
CA GLN F 262 52.88 9.28 0.16
C GLN F 262 52.89 10.44 1.16
N LYS F 263 51.77 11.16 1.24
CA LYS F 263 51.60 12.26 2.19
C LYS F 263 51.51 11.72 3.62
N ASN F 264 51.55 10.40 3.75
CA ASN F 264 51.57 9.73 5.04
C ASN F 264 50.40 10.09 5.97
N ILE F 265 49.33 10.63 5.40
CA ILE F 265 48.15 11.02 6.18
C ILE F 265 47.50 9.79 6.80
N SER F 266 47.09 9.93 8.07
CA SER F 266 46.57 8.79 8.82
C SER F 266 45.13 8.47 8.39
N PHE F 267 44.75 7.19 8.48
CA PHE F 267 43.45 6.72 7.99
C PHE F 267 42.29 6.94 8.95
N PRO F 268 41.10 7.12 8.39
CA PRO F 268 39.85 7.43 9.10
C PRO F 268 39.35 6.30 10.00
N TYR F 269 40.26 5.54 10.62
CA TYR F 269 39.85 4.49 11.55
C TYR F 269 38.94 5.10 12.60
N PRO F 270 37.89 4.37 12.99
CA PRO F 270 37.06 4.88 14.08
C PRO F 270 38.03 5.08 15.21
N ARG F 271 37.81 6.10 16.03
CA ARG F 271 38.47 6.17 17.32
C ARG F 271 37.62 6.54 18.52
N THR F 272 37.94 5.91 19.64
CA THR F 272 37.06 5.73 20.78
C THR F 272 38.17 6.19 21.71
N THR F 273 37.83 7.02 22.68
CA THR F 273 38.54 7.21 23.95
C THR F 273 37.92 6.52 25.16
N VAL F 274 38.68 5.68 25.84
CA VAL F 274 38.13 4.88 26.91
C VAL F 274 38.61 5.39 28.26
N ILE F 275 37.74 5.23 29.26
CA ILE F 275 38.08 5.56 30.62
C ILE F 275 38.06 4.27 31.45
N LEU F 276 39.08 4.08 32.28
CA LEU F 276 39.22 2.84 33.04
C LEU F 276 38.67 2.95 34.46
N SER F 277 38.04 1.87 34.92
CA SER F 277 37.35 1.87 36.20
C SER F 277 37.86 0.75 37.12
N GLU F 278 38.05 1.09 38.39
CA GLU F 278 38.59 0.16 39.39
C GLU F 278 37.50 -0.66 40.08
N LYS F 279 37.24 -1.87 39.58
CA LYS F 279 36.24 -2.75 40.18
C LYS F 279 36.67 -4.22 40.14
N LYS F 280 35.69 -5.14 40.20
CA LYS F 280 35.97 -6.55 40.39
C LYS F 280 34.73 -7.39 40.05
N THR F 281 34.47 -8.44 40.83
CA THR F 281 33.23 -9.22 40.73
C THR F 281 33.04 -10.11 41.94
N TYR G 13 -65.13 7.91 -14.89
CA TYR G 13 -64.71 6.73 -14.12
C TYR G 13 -63.79 5.83 -14.93
N ASP G 14 -63.76 6.04 -16.25
CA ASP G 14 -62.81 5.37 -17.14
C ASP G 14 -62.99 3.85 -17.29
N ILE G 15 -62.07 3.23 -18.03
CA ILE G 15 -62.12 1.80 -18.33
C ILE G 15 -60.92 1.01 -17.80
N LYS G 16 -59.80 1.70 -17.58
CA LYS G 16 -58.59 1.06 -17.09
C LYS G 16 -58.69 0.60 -15.62
N ALA G 17 -59.38 1.38 -14.80
CA ALA G 17 -59.48 1.11 -13.36
C ALA G 17 -59.65 -0.35 -12.98
N VAL G 18 -60.01 -1.18 -13.95
CA VAL G 18 -60.10 -2.60 -13.69
C VAL G 18 -58.77 -3.26 -14.04
N LYS G 19 -58.19 -2.84 -15.17
CA LYS G 19 -56.87 -3.32 -15.59
C LYS G 19 -55.80 -3.00 -14.55
N PHE G 20 -55.77 -1.74 -14.13
CA PHE G 20 -54.92 -1.33 -13.03
C PHE G 20 -55.01 -2.37 -11.91
N LEU G 21 -56.22 -2.61 -11.44
CA LEU G 21 -56.44 -3.59 -10.39
C LEU G 21 -55.85 -4.95 -10.76
N LEU G 22 -55.98 -5.34 -12.02
CA LEU G 22 -55.37 -6.58 -12.47
C LEU G 22 -53.86 -6.55 -12.32
N ASP G 23 -53.29 -5.35 -12.37
CA ASP G 23 -51.83 -5.21 -12.33
C ASP G 23 -51.29 -5.28 -10.90
N VAL G 24 -51.81 -4.44 -10.02
CA VAL G 24 -51.45 -4.56 -8.61
C VAL G 24 -51.76 -5.98 -8.11
N LEU G 25 -52.81 -6.55 -8.66
CA LEU G 25 -53.19 -7.93 -8.35
C LEU G 25 -52.06 -8.86 -8.79
N LYS G 26 -51.73 -8.85 -10.08
CA LYS G 26 -50.66 -9.68 -10.63
C LYS G 26 -49.41 -9.62 -9.77
N ILE G 27 -48.99 -8.42 -9.36
CA ILE G 27 -47.83 -8.31 -8.46
C ILE G 27 -48.07 -9.04 -7.16
N LEU G 28 -49.19 -8.76 -6.50
CA LEU G 28 -49.45 -9.42 -5.22
C LEU G 28 -49.47 -10.94 -5.31
N ILE G 29 -50.15 -11.49 -6.31
CA ILE G 29 -50.23 -12.95 -6.41
C ILE G 29 -48.89 -13.58 -6.80
N ILE G 30 -48.16 -12.94 -7.69
CA ILE G 30 -46.81 -13.44 -7.99
C ILE G 30 -45.88 -13.37 -6.76
N ALA G 31 -46.02 -12.32 -5.97
CA ALA G 31 -45.15 -12.17 -4.81
C ALA G 31 -45.52 -13.19 -3.76
N PHE G 32 -46.79 -13.53 -3.72
CA PHE G 32 -47.27 -14.46 -2.73
C PHE G 32 -46.74 -15.84 -3.10
N ILE G 33 -47.04 -16.25 -4.34
CA ILE G 33 -46.50 -17.49 -4.91
C ILE G 33 -45.00 -17.55 -4.63
N GLY G 34 -44.32 -16.43 -4.88
CA GLY G 34 -42.91 -16.35 -4.69
C GLY G 34 -42.56 -16.69 -3.26
N ILE G 35 -43.13 -15.98 -2.29
CA ILE G 35 -42.82 -16.25 -0.90
C ILE G 35 -43.04 -17.72 -0.57
N LYS G 36 -44.24 -18.23 -0.81
CA LYS G 36 -44.53 -19.60 -0.44
C LYS G 36 -43.55 -20.59 -1.07
N PHE G 37 -43.23 -20.37 -2.36
CA PHE G 37 -42.28 -21.22 -3.09
C PHE G 37 -40.87 -21.20 -2.48
N ALA G 38 -40.44 -20.01 -2.05
CA ALA G 38 -39.12 -19.83 -1.43
C ALA G 38 -39.07 -20.51 -0.07
N ASP G 39 -40.14 -20.34 0.71
CA ASP G 39 -40.24 -20.99 2.00
C ASP G 39 -40.13 -22.49 1.80
N PHE G 40 -40.74 -22.97 0.73
CA PHE G 40 -40.68 -24.38 0.38
C PHE G 40 -39.24 -24.80 0.10
N LEU G 41 -38.65 -24.21 -0.93
CA LEU G 41 -37.29 -24.58 -1.35
C LEU G 41 -36.31 -24.47 -0.20
N ILE G 42 -36.54 -23.51 0.69
CA ILE G 42 -35.66 -23.27 1.83
C ILE G 42 -35.86 -24.33 2.88
N TYR G 43 -37.12 -24.73 3.08
CA TYR G 43 -37.46 -25.84 3.96
C TYR G 43 -36.99 -27.19 3.41
N ARG G 44 -36.69 -27.26 2.11
CA ARG G 44 -36.12 -28.46 1.51
C ARG G 44 -34.58 -28.47 1.60
N PHE G 45 -33.92 -27.43 1.08
CA PHE G 45 -32.48 -27.24 1.27
C PHE G 45 -32.17 -27.30 2.76
N TYR G 46 -33.23 -27.22 3.57
CA TYR G 46 -33.19 -27.41 5.01
C TYR G 46 -33.30 -28.89 5.32
N LYS G 47 -34.42 -29.48 4.90
CA LYS G 47 -34.68 -30.90 5.09
C LYS G 47 -33.41 -31.75 4.89
N LEU G 48 -32.74 -31.54 3.75
CA LEU G 48 -31.53 -32.31 3.42
C LEU G 48 -30.39 -32.10 4.42
N TYR G 49 -29.71 -30.97 4.32
CA TYR G 49 -28.56 -30.68 5.18
C TYR G 49 -28.88 -30.84 6.68
N SER G 50 -30.17 -30.97 7.01
CA SER G 50 -30.58 -31.07 8.41
C SER G 50 -30.77 -32.52 8.90
N LYS G 51 -31.50 -33.32 8.13
CA LYS G 51 -31.84 -34.67 8.57
C LYS G 51 -30.69 -35.68 8.52
N SER G 52 -29.67 -35.41 7.71
CA SER G 52 -28.52 -36.30 7.60
C SER G 52 -27.46 -36.02 8.68
N LYS G 53 -27.48 -34.79 9.21
CA LYS G 53 -26.52 -34.38 10.23
C LYS G 53 -25.09 -34.73 9.83
N ILE G 54 -24.71 -34.31 8.63
CA ILE G 54 -23.38 -34.57 8.08
C ILE G 54 -22.32 -33.68 8.75
N GLN G 55 -22.64 -32.39 8.88
CA GLN G 55 -21.73 -31.42 9.48
C GLN G 55 -22.56 -30.30 10.11
N LEU G 56 -21.88 -29.38 10.79
CA LEU G 56 -22.51 -28.17 11.32
C LEU G 56 -23.55 -28.42 12.43
N PRO G 57 -23.21 -28.02 13.66
CA PRO G 57 -24.14 -28.13 14.79
C PRO G 57 -25.45 -27.45 14.42
N GLN G 58 -26.57 -27.84 15.04
CA GLN G 58 -27.85 -27.23 14.70
C GLN G 58 -27.88 -25.73 14.99
N ARG G 59 -27.54 -25.36 16.22
CA ARG G 59 -27.55 -23.95 16.63
C ARG G 59 -27.10 -22.98 15.51
N LYS G 60 -26.14 -23.41 14.69
CA LYS G 60 -25.63 -22.58 13.60
C LYS G 60 -26.53 -22.64 12.38
N ILE G 61 -26.73 -23.84 11.84
CA ILE G 61 -27.55 -24.01 10.64
C ILE G 61 -28.98 -23.45 10.81
N ASP G 62 -29.44 -23.31 12.05
CA ASP G 62 -30.69 -22.60 12.32
C ASP G 62 -30.58 -21.09 12.08
N THR G 63 -29.52 -20.49 12.63
CA THR G 63 -29.20 -19.09 12.33
C THR G 63 -29.02 -18.82 10.81
N LEU G 64 -28.39 -19.77 10.11
CA LEU G 64 -28.17 -19.68 8.68
C LEU G 64 -29.49 -19.83 7.90
N THR G 65 -30.34 -20.73 8.37
CA THR G 65 -31.64 -20.89 7.73
C THR G 65 -32.46 -19.60 7.87
N SER G 66 -32.52 -19.04 9.06
CA SER G 66 -33.31 -17.82 9.18
C SER G 66 -32.64 -16.69 8.41
N LEU G 67 -31.32 -16.74 8.27
CA LEU G 67 -30.61 -15.80 7.41
C LEU G 67 -31.21 -15.83 5.99
N THR G 68 -31.20 -17.01 5.38
CA THR G 68 -31.77 -17.17 4.04
C THR G 68 -33.26 -16.75 3.94
N LYS G 69 -34.05 -17.18 4.91
CA LYS G 69 -35.45 -16.77 4.95
C LYS G 69 -35.56 -15.25 4.88
N ASN G 70 -34.97 -14.59 5.87
CA ASN G 70 -34.98 -13.13 5.91
C ASN G 70 -34.51 -12.45 4.64
N ALA G 71 -33.40 -12.94 4.07
CA ALA G 71 -32.87 -12.37 2.83
C ALA G 71 -33.96 -12.40 1.79
N VAL G 72 -34.51 -13.59 1.59
CA VAL G 72 -35.48 -13.78 0.54
C VAL G 72 -36.72 -12.92 0.76
N ARG G 73 -37.17 -12.84 2.03
CA ARG G 73 -38.30 -11.97 2.37
C ARG G 73 -37.98 -10.53 1.96
N TYR G 74 -36.85 -10.02 2.39
CA TYR G 74 -36.54 -8.64 2.08
C TYR G 74 -36.46 -8.40 0.57
N ILE G 75 -35.87 -9.33 -0.15
CA ILE G 75 -35.79 -9.13 -1.59
C ILE G 75 -37.19 -9.10 -2.18
N ILE G 76 -38.07 -9.98 -1.69
CA ILE G 76 -39.41 -10.06 -2.26
C ILE G 76 -40.23 -8.82 -1.94
N TYR G 77 -40.26 -8.46 -0.68
CA TYR G 77 -40.88 -7.21 -0.28
C TYR G 77 -40.37 -6.07 -1.14
N PHE G 78 -39.06 -5.94 -1.30
CA PHE G 78 -38.56 -4.83 -2.12
C PHE G 78 -39.03 -4.91 -3.57
N LEU G 79 -38.95 -6.07 -4.18
CA LEU G 79 -39.36 -6.14 -5.56
C LEU G 79 -40.83 -5.76 -5.71
N ALA G 80 -41.69 -6.31 -4.86
CA ALA G 80 -43.13 -6.10 -5.02
C ALA G 80 -43.49 -4.64 -4.74
N GLY G 81 -42.86 -4.10 -3.72
CA GLY G 81 -43.11 -2.71 -3.38
C GLY G 81 -42.66 -1.81 -4.50
N ALA G 82 -41.48 -2.08 -5.04
CA ALA G 82 -40.93 -1.24 -6.09
C ALA G 82 -41.85 -1.28 -7.28
N SER G 83 -42.38 -2.46 -7.54
CA SER G 83 -43.25 -2.66 -8.69
C SER G 83 -44.60 -1.92 -8.57
N ILE G 84 -45.19 -2.00 -7.37
CA ILE G 84 -46.40 -1.25 -7.07
C ILE G 84 -46.21 0.27 -7.17
N LEU G 85 -45.10 0.72 -6.57
CA LEU G 85 -44.64 2.10 -6.72
C LEU G 85 -44.60 2.50 -8.20
N LYS G 86 -44.05 1.61 -9.05
CA LYS G 86 -43.96 1.89 -10.48
C LYS G 86 -45.34 2.11 -11.02
N LEU G 87 -46.28 1.28 -10.55
CA LEU G 87 -47.70 1.40 -10.87
C LEU G 87 -48.33 2.74 -10.49
N PHE G 88 -47.83 3.38 -9.42
CA PHE G 88 -48.31 4.74 -9.06
C PHE G 88 -47.47 5.89 -9.64
N ASN G 89 -46.84 5.66 -10.78
CA ASN G 89 -46.14 6.72 -11.49
C ASN G 89 -44.81 7.15 -10.88
N ILE G 90 -44.26 6.31 -10.01
CA ILE G 90 -42.93 6.53 -9.43
C ILE G 90 -41.86 6.11 -10.39
N ASP G 91 -40.85 6.96 -10.60
CA ASP G 91 -39.81 6.69 -11.59
C ASP G 91 -38.76 5.69 -11.12
N MET G 92 -38.60 4.63 -11.90
CA MET G 92 -37.70 3.54 -11.54
C MET G 92 -36.21 3.87 -11.63
N THR G 93 -35.84 4.88 -12.40
CA THR G 93 -34.46 5.26 -12.44
C THR G 93 -34.06 5.93 -11.13
N SER G 94 -34.95 6.78 -10.63
CA SER G 94 -34.69 7.48 -9.37
C SER G 94 -34.63 6.47 -8.25
N LEU G 95 -35.56 5.54 -8.29
CA LEU G 95 -35.56 4.40 -7.38
C LEU G 95 -34.20 3.69 -7.44
N LEU G 96 -33.73 3.40 -8.65
CA LEU G 96 -32.43 2.77 -8.83
C LEU G 96 -31.36 3.57 -8.14
N ALA G 97 -31.43 4.88 -8.27
CA ALA G 97 -30.44 5.74 -7.65
C ALA G 97 -30.47 5.64 -6.14
N VAL G 98 -31.64 5.36 -5.57
CA VAL G 98 -31.70 5.04 -4.12
C VAL G 98 -31.18 3.62 -3.81
N ALA G 99 -31.83 2.61 -4.40
CA ALA G 99 -31.61 1.19 -4.10
C ALA G 99 -30.21 0.73 -4.44
N GLY G 100 -29.60 1.42 -5.37
CA GLY G 100 -28.27 1.06 -5.77
C GLY G 100 -27.24 1.44 -4.72
N ILE G 101 -27.64 2.24 -3.73
CA ILE G 101 -26.67 2.57 -2.70
C ILE G 101 -26.34 1.24 -2.07
N GLY G 102 -27.39 0.45 -1.90
CA GLY G 102 -27.22 -0.87 -1.35
C GLY G 102 -26.67 -1.86 -2.34
N SER G 103 -27.06 -1.76 -3.60
CA SER G 103 -26.49 -2.65 -4.61
C SER G 103 -24.97 -2.58 -4.54
N LEU G 104 -24.46 -1.36 -4.55
CA LEU G 104 -23.03 -1.07 -4.53
C LEU G 104 -22.37 -1.48 -3.22
N ALA G 105 -22.94 -1.06 -2.09
CA ALA G 105 -22.38 -1.39 -0.79
C ALA G 105 -22.27 -2.89 -0.56
N ILE G 106 -23.38 -3.61 -0.66
CA ILE G 106 -23.34 -5.08 -0.55
C ILE G 106 -22.45 -5.71 -1.65
N GLY G 107 -22.62 -5.33 -2.92
CA GLY G 107 -21.87 -5.92 -4.01
C GLY G 107 -20.34 -5.84 -3.90
N PHE G 108 -19.82 -4.64 -3.73
CA PHE G 108 -18.43 -4.49 -3.43
C PHE G 108 -17.97 -5.06 -2.09
N GLY G 109 -18.83 -5.07 -1.06
CA GLY G 109 -18.48 -5.70 0.23
C GLY G 109 -18.25 -7.19 0.08
N ALA G 110 -19.18 -7.83 -0.61
CA ALA G 110 -19.15 -9.27 -0.82
C ALA G 110 -18.06 -9.70 -1.80
N GLN G 111 -17.58 -8.75 -2.62
CA GLN G 111 -16.55 -9.13 -3.58
C GLN G 111 -15.41 -9.93 -2.93
N ASN G 112 -14.91 -9.48 -1.79
CA ASN G 112 -13.89 -10.24 -1.08
C ASN G 112 -14.23 -11.68 -0.71
N LEU G 113 -15.41 -11.90 -0.18
CA LEU G 113 -15.93 -13.25 -0.01
C LEU G 113 -15.80 -14.10 -1.29
N VAL G 114 -16.30 -13.58 -2.41
CA VAL G 114 -16.16 -14.29 -3.72
C VAL G 114 -14.68 -14.59 -4.08
N LYS G 115 -13.79 -13.65 -3.74
CA LYS G 115 -12.36 -13.80 -3.94
C LYS G 115 -11.78 -14.97 -3.13
N ASP G 116 -12.01 -14.95 -1.82
CA ASP G 116 -11.63 -16.06 -0.95
C ASP G 116 -12.07 -17.37 -1.57
N MET G 117 -13.31 -17.43 -2.01
CA MET G 117 -13.79 -18.70 -2.50
C MET G 117 -13.14 -19.16 -3.77
N ILE G 118 -13.01 -18.29 -4.76
CA ILE G 118 -12.36 -18.74 -6.00
C ILE G 118 -10.96 -19.23 -5.67
N SER G 119 -10.25 -18.43 -4.85
CA SER G 119 -8.91 -18.76 -4.33
C SER G 119 -8.84 -20.19 -3.75
N GLY G 120 -9.70 -20.47 -2.77
CA GLY G 120 -9.75 -21.76 -2.14
C GLY G 120 -10.04 -22.83 -3.16
N PHE G 121 -11.00 -22.58 -4.04
CA PHE G 121 -11.28 -23.49 -5.12
C PHE G 121 -10.03 -23.91 -5.88
N PHE G 122 -9.17 -22.97 -6.25
CA PHE G 122 -7.96 -23.40 -6.93
C PHE G 122 -7.01 -24.15 -5.99
N ILE G 123 -6.74 -23.59 -4.80
CA ILE G 123 -5.87 -24.24 -3.81
C ILE G 123 -6.16 -25.74 -3.75
N ILE G 124 -7.44 -26.06 -3.62
CA ILE G 124 -7.88 -27.45 -3.55
C ILE G 124 -7.77 -28.15 -4.90
N PHE G 125 -8.40 -27.57 -5.90
CA PHE G 125 -8.50 -28.19 -7.21
C PHE G 125 -7.11 -28.44 -7.82
N GLU G 126 -6.13 -27.67 -7.39
CA GLU G 126 -4.77 -27.84 -7.88
C GLU G 126 -3.85 -28.54 -6.87
N ASP G 127 -4.44 -29.16 -5.85
CA ASP G 127 -3.66 -29.76 -4.77
C ASP G 127 -2.37 -29.00 -4.46
N GLN G 128 -2.49 -27.70 -4.22
CA GLN G 128 -1.33 -26.86 -3.90
C GLN G 128 -0.68 -27.34 -2.61
N PHE G 129 -1.49 -27.81 -1.67
CA PHE G 129 -0.99 -28.46 -0.46
C PHE G 129 -2.06 -29.35 0.18
N SER G 130 -1.65 -30.55 0.58
CA SER G 130 -2.55 -31.53 1.16
C SER G 130 -2.79 -31.30 2.67
N VAL G 131 -3.92 -31.79 3.17
CA VAL G 131 -4.35 -31.52 4.53
C VAL G 131 -3.33 -31.92 5.61
N GLY G 132 -2.04 -31.86 5.33
CA GLY G 132 -1.05 -32.34 6.27
C GLY G 132 0.39 -31.88 6.15
N ASP G 133 0.78 -31.29 5.02
CA ASP G 133 2.17 -30.86 4.83
C ASP G 133 2.51 -29.53 5.49
N TYR G 134 3.80 -29.21 5.55
CA TYR G 134 4.29 -28.00 6.21
C TYR G 134 4.63 -26.92 5.18
N VAL G 135 3.87 -25.85 5.19
CA VAL G 135 3.95 -24.82 4.16
C VAL G 135 4.26 -23.45 4.74
N THR G 136 4.55 -22.52 3.88
CA THR G 136 4.65 -21.17 4.35
C THR G 136 3.90 -20.26 3.39
N ILE G 137 3.01 -19.45 3.97
CA ILE G 137 2.02 -18.67 3.24
C ILE G 137 2.11 -17.28 3.79
N ASN G 138 2.56 -16.33 3.00
CA ASN G 138 2.64 -14.94 3.44
C ASN G 138 3.54 -14.75 4.67
N GLY G 139 4.80 -15.16 4.56
CA GLY G 139 5.76 -14.98 5.63
C GLY G 139 5.39 -15.69 6.92
N ILE G 140 4.36 -16.53 6.85
CA ILE G 140 3.90 -17.30 7.99
C ILE G 140 3.96 -18.80 7.69
N SER G 141 4.77 -19.54 8.45
CA SER G 141 4.98 -20.94 8.14
C SER G 141 4.31 -21.79 9.20
N GLY G 142 3.85 -22.97 8.81
CA GLY G 142 3.20 -23.90 9.73
C GLY G 142 2.69 -25.17 9.06
N THR G 143 2.10 -26.06 9.86
CA THR G 143 1.54 -27.29 9.32
C THR G 143 0.07 -27.08 9.00
N VAL G 144 -0.36 -27.44 7.79
CA VAL G 144 -1.76 -27.21 7.46
C VAL G 144 -2.64 -28.22 8.18
N GLU G 145 -3.65 -27.71 8.87
CA GLU G 145 -4.55 -28.54 9.66
C GLU G 145 -5.88 -28.68 8.97
N GLU G 146 -6.40 -27.56 8.48
CA GLU G 146 -7.68 -27.60 7.80
C GLU G 146 -7.59 -26.85 6.49
N ILE G 147 -8.27 -27.35 5.46
CA ILE G 147 -8.41 -26.59 4.23
C ILE G 147 -9.85 -26.46 3.79
N GLY G 148 -10.53 -25.42 4.26
CA GLY G 148 -11.83 -25.05 3.72
C GLY G 148 -11.64 -24.31 2.38
N LEU G 149 -12.73 -23.94 1.74
CA LEU G 149 -12.55 -23.10 0.56
C LEU G 149 -12.69 -21.63 0.84
N ARG G 150 -13.02 -21.23 2.06
CA ARG G 150 -12.92 -19.81 2.39
C ARG G 150 -11.69 -19.47 3.25
N VAL G 151 -11.13 -20.47 3.92
CA VAL G 151 -10.05 -20.23 4.87
C VAL G 151 -9.11 -21.41 4.95
N THR G 152 -7.82 -21.15 4.97
CA THR G 152 -6.85 -22.20 5.30
C THR G 152 -6.39 -22.04 6.74
N LYS G 153 -6.31 -23.14 7.47
CA LYS G 153 -5.79 -23.08 8.84
C LYS G 153 -4.45 -23.80 8.95
N ILE G 154 -3.49 -23.12 9.53
CA ILE G 154 -2.11 -23.60 9.57
C ILE G 154 -1.55 -23.35 10.95
N ARG G 155 -1.06 -24.40 11.61
CA ARG G 155 -0.47 -24.21 12.93
C ARG G 155 1.05 -24.39 12.91
N GLY G 156 1.79 -23.31 13.15
CA GLY G 156 3.22 -23.43 13.29
C GLY G 156 3.46 -23.94 14.70
N PHE G 157 4.59 -24.58 14.97
CA PHE G 157 4.83 -24.98 16.34
C PHE G 157 5.34 -23.75 17.08
N SER G 158 4.95 -23.59 18.34
CA SER G 158 5.37 -22.46 19.17
C SER G 158 4.73 -21.12 18.77
N ASP G 159 3.77 -21.18 17.86
CA ASP G 159 3.35 -20.01 17.10
C ASP G 159 1.83 -19.78 17.09
N GLY G 160 1.07 -20.83 17.37
CA GLY G 160 -0.37 -20.74 17.35
C GLY G 160 -1.01 -21.12 16.02
N LEU G 161 -2.34 -21.27 16.06
CA LEU G 161 -3.12 -21.66 14.90
C LEU G 161 -3.50 -20.42 14.15
N HIS G 162 -3.07 -20.35 12.89
CA HIS G 162 -3.34 -19.20 12.01
C HIS G 162 -4.49 -19.52 11.11
N ILE G 163 -5.48 -18.64 11.11
CA ILE G 163 -6.62 -18.79 10.23
C ILE G 163 -6.49 -17.73 9.17
N ILE G 164 -6.32 -18.15 7.92
CA ILE G 164 -6.01 -17.22 6.85
C ILE G 164 -7.05 -17.32 5.77
N PRO G 165 -7.74 -16.21 5.50
CA PRO G 165 -8.71 -16.15 4.42
C PRO G 165 -8.05 -16.47 3.09
N ASN G 166 -8.62 -17.38 2.30
CA ASN G 166 -7.93 -17.84 1.10
C ASN G 166 -7.58 -16.74 0.12
N GLY G 167 -8.40 -15.70 0.04
CA GLY G 167 -8.13 -14.58 -0.84
C GLY G 167 -6.82 -13.82 -0.53
N GLU G 168 -6.45 -13.77 0.75
CA GLU G 168 -5.23 -13.08 1.13
C GLU G 168 -3.97 -13.80 0.69
N ILE G 169 -4.08 -15.08 0.32
CA ILE G 169 -2.90 -15.81 -0.17
C ILE G 169 -2.34 -15.24 -1.48
N LYS G 170 -1.21 -14.55 -1.41
CA LYS G 170 -0.61 -13.95 -2.61
C LYS G 170 0.39 -14.93 -3.19
N MET G 171 0.95 -15.77 -2.33
CA MET G 171 1.84 -16.83 -2.76
C MET G 171 1.90 -17.89 -1.69
N VAL G 172 1.99 -19.15 -2.09
CA VAL G 172 2.06 -20.25 -1.15
C VAL G 172 3.26 -21.07 -1.53
N THR G 173 4.28 -21.01 -0.70
CA THR G 173 5.46 -21.83 -0.91
C THR G 173 5.29 -23.12 -0.10
N ASN G 174 5.41 -24.25 -0.77
CA ASN G 174 5.33 -25.54 -0.10
C ASN G 174 6.74 -26.01 0.26
N LEU G 175 6.94 -26.43 1.51
CA LEU G 175 8.28 -26.84 1.96
C LEU G 175 8.53 -28.34 1.84
N THR G 176 7.47 -29.11 1.64
CA THR G 176 7.57 -30.56 1.73
C THR G 176 7.04 -31.30 0.51
N LYS G 177 7.24 -30.73 -0.67
CA LYS G 177 6.83 -31.37 -1.93
C LYS G 177 7.74 -32.55 -2.33
N ASP G 178 8.20 -32.54 -3.58
CA ASP G 178 9.19 -33.51 -4.02
C ASP G 178 10.42 -33.41 -3.11
N SER G 179 10.21 -33.66 -1.82
CA SER G 179 11.31 -33.68 -0.84
C SER G 179 11.72 -32.31 -0.27
N MET G 180 12.92 -32.25 0.29
CA MET G 180 13.35 -31.09 1.05
C MET G 180 14.86 -30.92 0.95
N MET G 181 15.35 -29.75 1.35
CA MET G 181 16.79 -29.47 1.31
C MET G 181 17.34 -28.82 2.58
N ALA G 182 18.40 -29.40 3.10
CA ALA G 182 19.00 -28.96 4.34
C ALA G 182 20.32 -28.24 4.08
N VAL G 183 20.49 -27.11 4.77
CA VAL G 183 21.67 -26.27 4.60
C VAL G 183 22.29 -25.95 5.95
N VAL G 184 23.62 -25.87 5.98
CA VAL G 184 24.32 -25.32 7.13
C VAL G 184 25.44 -24.44 6.60
N ASN G 185 25.44 -23.17 6.99
CA ASN G 185 26.53 -22.29 6.61
C ASN G 185 27.50 -22.18 7.76
N ILE G 186 28.60 -22.90 7.65
CA ILE G 186 29.63 -22.86 8.68
C ILE G 186 30.53 -21.64 8.50
N ALA G 187 30.83 -20.97 9.62
CA ALA G 187 31.67 -19.79 9.59
C ALA G 187 33.02 -20.03 10.26
N PHE G 188 34.11 -19.68 9.56
CA PHE G 188 35.47 -19.71 10.11
C PHE G 188 36.08 -18.34 10.06
N PRO G 189 37.20 -18.17 10.75
CA PRO G 189 37.99 -16.95 10.61
C PRO G 189 38.79 -17.04 9.30
N ILE G 190 38.99 -15.94 8.58
CA ILE G 190 39.90 -16.02 7.43
C ILE G 190 41.30 -16.25 7.95
N ASP G 191 41.61 -15.66 9.10
CA ASP G 191 42.82 -16.03 9.81
C ASP G 191 42.65 -17.50 10.14
N GLU G 192 42.72 -18.38 9.13
CA GLU G 192 42.56 -19.83 9.33
C GLU G 192 42.96 -20.68 8.12
N ASP G 193 43.27 -21.94 8.42
CA ASP G 193 43.65 -22.92 7.42
C ASP G 193 42.41 -23.44 6.71
N VAL G 194 42.24 -23.08 5.44
CA VAL G 194 41.03 -23.47 4.70
C VAL G 194 40.89 -24.97 4.46
N ASP G 195 41.98 -25.60 4.04
CA ASP G 195 41.93 -26.98 3.55
C ASP G 195 41.70 -27.97 4.68
N LYS G 196 42.19 -27.63 5.87
CA LYS G 196 42.00 -28.48 7.02
C LYS G 196 40.52 -28.55 7.39
N ILE G 197 39.87 -27.39 7.41
CA ILE G 197 38.44 -27.32 7.72
C ILE G 197 37.58 -27.92 6.62
N ILE G 198 37.90 -27.64 5.37
CA ILE G 198 37.13 -28.22 4.26
C ILE G 198 37.30 -29.75 4.29
N GLU G 199 38.46 -30.18 4.75
CA GLU G 199 38.76 -31.60 4.92
C GLU G 199 37.87 -32.20 6.00
N GLY G 200 37.79 -31.50 7.13
CA GLY G 200 37.00 -31.95 8.26
C GLY G 200 35.52 -32.05 7.91
N LEU G 201 35.03 -31.03 7.22
CA LEU G 201 33.63 -31.01 6.75
C LEU G 201 33.40 -32.13 5.75
N GLN G 202 34.42 -32.43 4.96
CA GLN G 202 34.35 -33.55 4.06
C GLN G 202 34.08 -34.82 4.87
N GLU G 203 34.88 -35.00 5.94
CA GLU G 203 34.76 -36.17 6.83
C GLU G 203 33.40 -36.25 7.55
N ILE G 204 32.84 -35.08 7.87
CA ILE G 204 31.48 -35.01 8.45
C ILE G 204 30.36 -35.37 7.46
N CYS G 205 30.46 -34.93 6.21
CA CYS G 205 29.50 -35.38 5.21
C CYS G 205 29.61 -36.89 5.08
N GLU G 206 30.85 -37.36 4.95
CA GLU G 206 31.12 -38.79 4.87
C GLU G 206 30.33 -39.50 5.96
N GLU G 207 30.60 -39.13 7.21
CA GLU G 207 29.96 -39.80 8.36
C GLU G 207 28.43 -39.69 8.41
N VAL G 208 27.88 -38.53 8.03
CA VAL G 208 26.43 -38.32 8.08
C VAL G 208 25.70 -39.12 7.02
N LYS G 209 26.33 -39.29 5.87
CA LYS G 209 25.78 -40.12 4.81
C LYS G 209 25.48 -41.51 5.38
N LYS G 210 26.22 -41.89 6.42
CA LYS G 210 26.15 -43.23 7.02
C LYS G 210 24.97 -43.47 7.96
N SER G 211 24.08 -42.49 8.11
CA SER G 211 22.94 -42.66 9.01
C SER G 211 21.64 -42.06 8.45
N ARG G 212 20.64 -42.92 8.31
CA ARG G 212 19.57 -42.83 7.30
C ARG G 212 18.44 -41.86 7.59
N GLY G 218 22.48 -35.86 -0.45
CA GLY G 218 23.64 -35.26 0.19
C GLY G 218 24.28 -36.15 1.25
N PRO G 219 24.98 -35.56 2.25
CA PRO G 219 25.39 -34.15 2.38
C PRO G 219 26.76 -33.89 1.79
N THR G 220 26.94 -32.68 1.26
CA THR G 220 28.12 -32.35 0.47
C THR G 220 28.70 -30.98 0.88
N VAL G 221 29.99 -30.78 0.58
CA VAL G 221 30.66 -29.51 0.85
C VAL G 221 30.76 -28.63 -0.40
N LEU G 222 29.80 -27.74 -0.57
CA LEU G 222 29.86 -26.73 -1.60
C LEU G 222 30.95 -25.75 -1.18
N GLY G 223 31.64 -25.13 -2.13
CA GLY G 223 32.75 -24.24 -1.81
C GLY G 223 32.52 -23.14 -0.77
N ILE G 224 33.48 -22.22 -0.65
CA ILE G 224 33.31 -21.04 0.22
C ILE G 224 32.31 -20.08 -0.40
N THR G 225 31.10 -20.08 0.16
CA THR G 225 30.00 -19.34 -0.40
C THR G 225 30.01 -17.85 -0.06
N ASP G 226 30.69 -17.44 1.01
CA ASP G 226 30.82 -15.98 1.23
C ASP G 226 32.12 -15.53 1.92
N MET G 227 32.62 -14.34 1.59
CA MET G 227 33.85 -13.88 2.22
C MET G 227 33.66 -12.54 2.90
N GLN G 228 33.87 -12.49 4.22
CA GLN G 228 33.60 -11.28 5.00
C GLN G 228 34.82 -10.71 5.73
N ASP G 229 34.60 -9.69 6.55
CA ASP G 229 35.70 -8.97 7.19
C ASP G 229 36.73 -9.88 7.87
N SER G 230 36.29 -10.65 8.86
CA SER G 230 37.19 -11.56 9.57
C SER G 230 36.74 -13.00 9.41
N LYS G 231 35.63 -13.19 8.70
CA LYS G 231 35.05 -14.52 8.51
C LYS G 231 35.12 -15.01 7.07
N LEU G 232 34.68 -16.26 6.91
CA LEU G 232 34.77 -16.99 5.65
C LEU G 232 33.72 -18.10 5.80
N VAL G 233 32.86 -18.24 4.82
CA VAL G 233 31.68 -19.07 5.03
C VAL G 233 31.51 -20.14 3.97
N ILE G 234 31.57 -21.39 4.44
CA ILE G 234 31.43 -22.58 3.61
C ILE G 234 30.13 -23.26 3.93
N MET G 235 29.34 -23.61 2.93
CA MET G 235 28.07 -24.24 3.24
C MET G 235 28.10 -25.72 2.90
N VAL G 236 27.47 -26.53 3.75
CA VAL G 236 27.21 -27.93 3.44
C VAL G 236 25.71 -28.07 3.25
N TYR G 237 25.32 -28.92 2.29
CA TYR G 237 23.91 -29.06 1.96
C TYR G 237 23.58 -30.51 1.59
N ALA G 238 22.35 -30.92 1.87
CA ALA G 238 21.96 -32.31 1.64
C ALA G 238 20.48 -32.37 1.30
N LYS G 239 20.13 -33.23 0.35
CA LYS G 239 18.73 -33.40 -0.04
C LYS G 239 18.12 -34.45 0.90
N THR G 240 17.05 -34.07 1.58
CA THR G 240 16.44 -34.91 2.61
C THR G 240 14.95 -35.19 2.38
N GLN G 241 14.53 -36.38 2.81
CA GLN G 241 13.14 -36.82 2.76
C GLN G 241 12.25 -35.79 3.45
N PRO G 242 10.98 -35.69 3.04
CA PRO G 242 10.12 -34.63 3.58
C PRO G 242 10.08 -34.55 5.13
N MET G 243 10.60 -33.44 5.66
CA MET G 243 10.59 -33.14 7.10
C MET G 243 11.90 -33.52 7.87
N GLN G 244 12.64 -34.54 7.40
CA GLN G 244 13.91 -34.91 8.05
C GLN G 244 14.90 -33.73 8.02
N LYS G 245 14.49 -32.61 7.42
CA LYS G 245 15.42 -31.49 7.14
C LYS G 245 16.07 -30.75 8.32
N TRP G 246 15.26 -30.08 9.13
CA TRP G 246 15.83 -29.22 10.16
C TRP G 246 16.62 -30.14 11.08
N ALA G 247 16.16 -31.39 11.14
CA ALA G 247 16.79 -32.43 11.92
C ALA G 247 18.20 -32.67 11.42
N VAL G 248 18.32 -32.95 10.12
CA VAL G 248 19.64 -33.14 9.49
C VAL G 248 20.55 -32.00 9.83
N GLU G 249 20.06 -30.77 9.62
CA GLU G 249 20.81 -29.57 9.95
C GLU G 249 21.36 -29.59 11.39
N ARG G 250 20.53 -29.99 12.36
CA ARG G 250 20.96 -30.05 13.75
C ARG G 250 22.04 -31.10 13.99
N ASP G 251 21.86 -32.26 13.35
CA ASP G 251 22.89 -33.29 13.35
C ASP G 251 24.22 -32.65 12.89
N ILE G 252 24.18 -32.05 11.70
CA ILE G 252 25.36 -31.45 11.09
C ILE G 252 26.01 -30.40 11.97
N ARG G 253 25.20 -29.57 12.64
CA ARG G 253 25.74 -28.54 13.52
C ARG G 253 26.51 -29.19 14.66
N TYR G 254 25.88 -30.13 15.36
CA TYR G 254 26.56 -30.82 16.46
C TYR G 254 27.89 -31.35 15.94
N ARG G 255 27.85 -32.01 14.79
CA ARG G 255 29.05 -32.59 14.21
C ARG G 255 30.12 -31.51 14.02
N VAL G 256 29.70 -30.34 13.56
CA VAL G 256 30.67 -29.29 13.26
C VAL G 256 31.29 -28.72 14.52
N LYS G 257 30.49 -28.63 15.57
CA LYS G 257 31.00 -28.17 16.86
C LYS G 257 32.07 -29.14 17.37
N LYS G 258 31.72 -30.43 17.43
CA LYS G 258 32.67 -31.40 17.92
C LYS G 258 33.93 -31.44 17.05
N MET G 259 33.74 -31.35 15.73
CA MET G 259 34.86 -31.32 14.80
C MET G 259 35.77 -30.13 15.08
N PHE G 260 35.17 -29.02 15.46
CA PHE G 260 35.92 -27.82 15.81
C PHE G 260 36.75 -28.04 17.05
N ASP G 261 36.19 -28.82 17.97
CA ASP G 261 36.89 -29.09 19.22
C ASP G 261 38.04 -30.06 19.03
N GLN G 262 37.84 -31.08 18.21
CA GLN G 262 38.89 -32.09 17.98
C GLN G 262 40.03 -31.58 17.11
N LYS G 263 39.68 -31.08 15.92
CA LYS G 263 40.65 -30.46 15.01
C LYS G 263 41.19 -29.15 15.58
N ASN G 264 40.71 -28.79 16.76
CA ASN G 264 41.20 -27.61 17.48
C ASN G 264 41.17 -26.30 16.68
N ILE G 265 40.38 -26.27 15.62
CA ILE G 265 40.26 -25.07 14.79
C ILE G 265 39.64 -23.91 15.59
N SER G 266 40.23 -22.72 15.45
CA SER G 266 39.80 -21.55 16.22
C SER G 266 38.48 -20.98 15.72
N PHE G 267 37.70 -20.43 16.63
CA PHE G 267 36.34 -19.98 16.32
C PHE G 267 36.25 -18.61 15.68
N PRO G 268 35.17 -18.40 14.92
CA PRO G 268 34.92 -17.20 14.10
C PRO G 268 34.63 -15.94 14.92
N TYR G 269 35.25 -15.78 16.07
CA TYR G 269 35.12 -14.56 16.85
C TYR G 269 35.45 -13.37 15.97
N PRO G 270 34.66 -12.29 16.09
CA PRO G 270 35.02 -11.08 15.36
C PRO G 270 36.39 -10.65 15.84
N ARG G 271 37.26 -10.25 14.93
CA ARG G 271 38.51 -9.64 15.36
C ARG G 271 38.97 -8.36 14.72
N THR G 272 39.46 -7.46 15.55
CA THR G 272 39.48 -6.03 15.41
C THR G 272 40.96 -5.98 15.70
N THR G 273 41.72 -5.26 14.88
CA THR G 273 43.03 -4.71 15.21
C THR G 273 43.07 -3.23 15.60
N VAL G 274 43.58 -2.94 16.79
CA VAL G 274 43.50 -1.58 17.31
C VAL G 274 44.86 -0.92 17.26
N ILE G 275 44.84 0.40 17.06
CA ILE G 275 46.06 1.19 17.08
C ILE G 275 45.96 2.15 18.26
N LEU G 276 47.03 2.26 19.03
CA LEU G 276 47.01 3.08 20.25
C LEU G 276 47.56 4.49 20.04
N SER G 277 46.95 5.46 20.71
CA SER G 277 47.26 6.87 20.51
C SER G 277 47.64 7.56 21.82
N GLU G 278 48.69 8.38 21.76
CA GLU G 278 49.21 9.06 22.94
C GLU G 278 48.57 10.43 23.18
N LYS G 279 47.55 10.47 24.03
CA LYS G 279 46.86 11.72 24.36
C LYS G 279 46.44 11.77 25.84
N LYS G 280 45.43 12.58 26.13
CA LYS G 280 45.08 12.92 27.52
C LYS G 280 43.67 13.54 27.58
N THR G 281 43.50 14.55 28.43
CA THR G 281 42.28 15.36 28.47
C THR G 281 42.49 16.65 29.27
C1B LMT H . -30.47 13.95 12.48
C2B LMT H . -31.22 14.59 11.31
C3B LMT H . -31.04 16.11 11.27
C4B LMT H . -31.12 16.75 12.65
C5B LMT H . -30.49 15.90 13.77
C6B LMT H . -30.74 16.44 15.19
O1B LMT H . -29.04 14.11 12.43
O2B LMT H . -30.85 14.02 10.04
O3B LMT H . -32.02 16.69 10.41
O4' LMT H . -30.42 18.00 12.57
O5B LMT H . -30.95 14.55 13.69
O6B LMT H . -29.50 16.77 15.83
C1' LMT H . -26.04 11.19 11.49
C2' LMT H . -26.94 11.77 10.39
C3' LMT H . -27.64 13.07 10.79
C4' LMT H . -28.29 12.91 12.16
C5' LMT H . -27.13 12.61 13.13
C6' LMT H . -27.53 12.63 14.61
O1' LMT H . -25.79 9.82 11.17
O2' LMT H . -26.15 11.97 9.21
O3' LMT H . -28.61 13.47 9.82
O5' LMT H . -26.59 11.32 12.82
O6' LMT H . -26.37 12.47 15.43
C1 LMT H . -24.63 9.62 10.37
C2 LMT H . -24.88 8.66 9.21
C3 LMT H . -24.84 7.19 9.60
C4 LMT H . -24.65 6.26 8.39
C5 LMT H . -25.62 6.58 7.26
C6 LMT H . -25.34 5.77 5.98
C7 LMT H . -26.20 4.51 5.87
C8 LMT H . -25.38 3.29 5.42
C9 LMT H . -26.04 2.55 4.26
C10 LMT H . -25.57 1.09 4.14
C11 LMT H . -26.30 0.32 3.06
C12 LMT H . -26.07 -1.17 3.27
C1B LMT I . -22.61 -4.91 -16.63
C2B LMT I . -21.32 -5.66 -16.52
C3B LMT I . -20.15 -4.73 -16.78
C4B LMT I . -20.36 -4.13 -18.16
C5B LMT I . -21.56 -3.23 -18.06
C6B LMT I . -21.76 -2.46 -19.37
O1B LMT I . -22.64 -4.14 -15.44
O2B LMT I . -21.30 -6.22 -15.20
O3B LMT I . -18.89 -5.39 -16.76
O4' LMT I . -19.20 -3.42 -18.62
O5B LMT I . -22.67 -4.09 -17.80
O6B LMT I . -20.85 -1.37 -19.46
C1' LMT I . -25.08 -3.49 -12.26
C2' LMT I . -25.17 -4.91 -12.84
C3' LMT I . -24.01 -5.15 -13.79
C4' LMT I . -23.93 -4.05 -14.83
C5' LMT I . -24.10 -2.64 -14.22
C6' LMT I . -24.25 -1.55 -15.29
O1' LMT I . -26.06 -3.20 -11.25
O2' LMT I . -25.13 -5.88 -11.81
O3' LMT I . -24.12 -6.41 -14.47
O5' LMT I . -25.23 -2.58 -13.34
O6' LMT I . -23.07 -0.73 -15.32
C1 LMT I . -25.58 -2.22 -10.33
C2 LMT I . -26.58 -1.09 -10.13
C3 LMT I . -26.10 0.02 -9.19
C4 LMT I . -26.70 1.38 -9.55
C5 LMT I . -26.38 2.44 -8.51
C6 LMT I . -26.70 3.84 -9.05
C7 LMT I . -25.51 4.34 -9.86
C8 LMT I . -25.74 5.62 -10.66
C9 LMT I . -24.43 6.35 -10.96
C10 LMT I . -24.64 7.79 -11.43
C11 LMT I . -24.90 7.94 -12.90
C12 LMT I . -23.63 8.04 -13.71
#